data_7EFY
# 
_entry.id   7EFY 
# 
_audit_conform.dict_name       mmcif_pdbx.dic 
_audit_conform.dict_version    5.380 
_audit_conform.dict_location   http://mmcif.pdb.org/dictionaries/ascii/mmcif_pdbx.dic 
# 
loop_
_database_2.database_id 
_database_2.database_code 
_database_2.pdbx_database_accession 
_database_2.pdbx_DOI 
PDB   7EFY         pdb_00007efy 10.2210/pdb7efy/pdb 
WWPDB D_1300021313 ?            ?                   
# 
_pdbx_database_status.status_code                     REL 
_pdbx_database_status.status_code_sf                  REL 
_pdbx_database_status.status_code_mr                  ? 
_pdbx_database_status.entry_id                        7EFY 
_pdbx_database_status.recvd_initial_deposition_date   2021-03-23 
_pdbx_database_status.SG_entry                        N 
_pdbx_database_status.deposit_site                    PDBJ 
_pdbx_database_status.process_site                    PDBJ 
_pdbx_database_status.status_code_cs                  ? 
_pdbx_database_status.status_code_nmr_data            ? 
_pdbx_database_status.methods_development_category    ? 
_pdbx_database_status.pdb_format_compatible           Y 
# 
loop_
_audit_author.name 
_audit_author.pdbx_ordinal 
_audit_author.identifier_ORCID 
'Biswas, I.B.'       1 0000-0001-8686-9687 
'Killivalavan, A.K.' 2 0000-0002-9916-0578 
'Suguna, K.S.'       3 0000-0003-4717-6567 
# 
_citation.abstract                  ? 
_citation.abstract_id_CAS           ? 
_citation.book_id_ISBN              ? 
_citation.book_publisher            ? 
_citation.book_publisher_city       ? 
_citation.book_title                ? 
_citation.coordinate_linkage        ? 
_citation.country                   UK 
_citation.database_id_Medline       ? 
_citation.details                   ? 
_citation.id                        primary 
_citation.journal_abbrev            'Curr Res Struct Biol' 
_citation.journal_id_ASTM           ? 
_citation.journal_id_CSD            ? 
_citation.journal_id_ISSN           2665-928X 
_citation.journal_full              ? 
_citation.journal_issue             ? 
_citation.journal_volume            4 
_citation.language                  ? 
_citation.page_first                175 
_citation.page_last                 191 
_citation.title                     
'Structural and functional insights into the DNA damage-inducible protein 1 (Ddi1) from protozoa.' 
_citation.year                      2022 
_citation.database_id_CSD           ? 
_citation.pdbx_database_id_DOI      10.1016/j.crstbi.2022.05.003 
_citation.pdbx_database_id_PubMed   35677776 
_citation.pdbx_database_id_patent   ? 
_citation.unpublished_flag          ? 
# 
loop_
_citation_author.citation_id 
_citation_author.name 
_citation_author.ordinal 
_citation_author.identifier_ORCID 
primary 'Asaithambi, K.' 1 ? 
primary 'Biswas, I.'     2 ? 
primary 'Suguna, K.'     3 ? 
# 
_cell.angle_alpha                  90.000 
_cell.angle_alpha_esd              ? 
_cell.angle_beta                   90.000 
_cell.angle_beta_esd               ? 
_cell.angle_gamma                  120.000 
_cell.angle_gamma_esd              ? 
_cell.entry_id                     7EFY 
_cell.details                      ? 
_cell.formula_units_Z              ? 
_cell.length_a                     81.559 
_cell.length_a_esd                 ? 
_cell.length_b                     81.559 
_cell.length_b_esd                 ? 
_cell.length_c                     142.181 
_cell.length_c_esd                 ? 
_cell.volume                       ? 
_cell.volume_esd                   ? 
_cell.Z_PDB                        18 
_cell.reciprocal_angle_alpha       ? 
_cell.reciprocal_angle_beta        ? 
_cell.reciprocal_angle_gamma       ? 
_cell.reciprocal_angle_alpha_esd   ? 
_cell.reciprocal_angle_beta_esd    ? 
_cell.reciprocal_angle_gamma_esd   ? 
_cell.reciprocal_length_a          ? 
_cell.reciprocal_length_b          ? 
_cell.reciprocal_length_c          ? 
_cell.reciprocal_length_a_esd      ? 
_cell.reciprocal_length_b_esd      ? 
_cell.reciprocal_length_c_esd      ? 
_cell.pdbx_unique_axis             ? 
# 
_symmetry.entry_id                         7EFY 
_symmetry.cell_setting                     ? 
_symmetry.Int_Tables_number                155 
_symmetry.space_group_name_Hall            ? 
_symmetry.space_group_name_H-M             'H 3 2' 
_symmetry.pdbx_full_space_group_name_H-M   ? 
# 
loop_
_entity.id 
_entity.type 
_entity.src_method 
_entity.pdbx_description 
_entity.formula_weight 
_entity.pdbx_number_of_molecules 
_entity.pdbx_ec 
_entity.pdbx_mutation 
_entity.pdbx_fragment 
_entity.details 
1 polymer man 'UBA domain-containing protein' 14245.466 1 ? ? ? ? 
2 water   nat water                           18.015    5 ? ? ? ? 
# 
_entity_poly.entity_id                      1 
_entity_poly.type                           'polypeptide(L)' 
_entity_poly.nstd_linkage                   no 
_entity_poly.nstd_monomer                   no 
_entity_poly.pdbx_seq_one_letter_code       
;TQVHMLYINAEVNGISIKAFVDSGAQTTIMSKKCAEKCNLVRLIDYRFSGIAQGVGTSKIVGKIHVAQMKIGNSFFPFSI
TVLEESHVDFLFGLDLLKRYQCCIDLHQNALIIGDEKVQFLSESEINS
;
_entity_poly.pdbx_seq_one_letter_code_can   
;TQVHMLYINAEVNGISIKAFVDSGAQTTIMSKKCAEKCNLVRLIDYRFSGIAQGVGTSKIVGKIHVAQMKIGNSFFPFSI
TVLEESHVDFLFGLDLLKRYQCCIDLHQNALIIGDEKVQFLSESEINS
;
_entity_poly.pdbx_strand_id                 A 
_entity_poly.pdbx_target_identifier         ? 
# 
loop_
_entity_poly_seq.entity_id 
_entity_poly_seq.num 
_entity_poly_seq.mon_id 
_entity_poly_seq.hetero 
1 1   THR n 
1 2   GLN n 
1 3   VAL n 
1 4   HIS n 
1 5   MET n 
1 6   LEU n 
1 7   TYR n 
1 8   ILE n 
1 9   ASN n 
1 10  ALA n 
1 11  GLU n 
1 12  VAL n 
1 13  ASN n 
1 14  GLY n 
1 15  ILE n 
1 16  SER n 
1 17  ILE n 
1 18  LYS n 
1 19  ALA n 
1 20  PHE n 
1 21  VAL n 
1 22  ASP n 
1 23  SER n 
1 24  GLY n 
1 25  ALA n 
1 26  GLN n 
1 27  THR n 
1 28  THR n 
1 29  ILE n 
1 30  MET n 
1 31  SER n 
1 32  LYS n 
1 33  LYS n 
1 34  CYS n 
1 35  ALA n 
1 36  GLU n 
1 37  LYS n 
1 38  CYS n 
1 39  ASN n 
1 40  LEU n 
1 41  VAL n 
1 42  ARG n 
1 43  LEU n 
1 44  ILE n 
1 45  ASP n 
1 46  TYR n 
1 47  ARG n 
1 48  PHE n 
1 49  SER n 
1 50  GLY n 
1 51  ILE n 
1 52  ALA n 
1 53  GLN n 
1 54  GLY n 
1 55  VAL n 
1 56  GLY n 
1 57  THR n 
1 58  SER n 
1 59  LYS n 
1 60  ILE n 
1 61  VAL n 
1 62  GLY n 
1 63  LYS n 
1 64  ILE n 
1 65  HIS n 
1 66  VAL n 
1 67  ALA n 
1 68  GLN n 
1 69  MET n 
1 70  LYS n 
1 71  ILE n 
1 72  GLY n 
1 73  ASN n 
1 74  SER n 
1 75  PHE n 
1 76  PHE n 
1 77  PRO n 
1 78  PHE n 
1 79  SER n 
1 80  ILE n 
1 81  THR n 
1 82  VAL n 
1 83  LEU n 
1 84  GLU n 
1 85  GLU n 
1 86  SER n 
1 87  HIS n 
1 88  VAL n 
1 89  ASP n 
1 90  PHE n 
1 91  LEU n 
1 92  PHE n 
1 93  GLY n 
1 94  LEU n 
1 95  ASP n 
1 96  LEU n 
1 97  LEU n 
1 98  LYS n 
1 99  ARG n 
1 100 TYR n 
1 101 GLN n 
1 102 CYS n 
1 103 CYS n 
1 104 ILE n 
1 105 ASP n 
1 106 LEU n 
1 107 HIS n 
1 108 GLN n 
1 109 ASN n 
1 110 ALA n 
1 111 LEU n 
1 112 ILE n 
1 113 ILE n 
1 114 GLY n 
1 115 ASP n 
1 116 GLU n 
1 117 LYS n 
1 118 VAL n 
1 119 GLN n 
1 120 PHE n 
1 121 LEU n 
1 122 SER n 
1 123 GLU n 
1 124 SER n 
1 125 GLU n 
1 126 ILE n 
1 127 ASN n 
1 128 SER n 
# 
_entity_src_gen.entity_id                          1 
_entity_src_gen.pdbx_src_id                        1 
_entity_src_gen.pdbx_alt_source_flag               sample 
_entity_src_gen.pdbx_seq_type                      'Biological sequence' 
_entity_src_gen.pdbx_beg_seq_num                   1 
_entity_src_gen.pdbx_end_seq_num                   128 
_entity_src_gen.gene_src_common_name               ? 
_entity_src_gen.gene_src_genus                     ? 
_entity_src_gen.pdbx_gene_src_gene                 CHUDEA3_2190 
_entity_src_gen.gene_src_species                   ? 
_entity_src_gen.gene_src_strain                    ? 
_entity_src_gen.gene_src_tissue                    ? 
_entity_src_gen.gene_src_tissue_fraction           ? 
_entity_src_gen.gene_src_details                   ? 
_entity_src_gen.pdbx_gene_src_fragment             ? 
_entity_src_gen.pdbx_gene_src_scientific_name      'Cryptosporidium hominis' 
_entity_src_gen.pdbx_gene_src_ncbi_taxonomy_id     237895 
_entity_src_gen.pdbx_gene_src_variant              ? 
_entity_src_gen.pdbx_gene_src_cell_line            ? 
_entity_src_gen.pdbx_gene_src_atcc                 ? 
_entity_src_gen.pdbx_gene_src_organ                ? 
_entity_src_gen.pdbx_gene_src_organelle            ? 
_entity_src_gen.pdbx_gene_src_cell                 ? 
_entity_src_gen.pdbx_gene_src_cellular_location    ? 
_entity_src_gen.host_org_common_name               ? 
_entity_src_gen.pdbx_host_org_scientific_name      'Escherichia coli BL21(DE3)' 
_entity_src_gen.pdbx_host_org_ncbi_taxonomy_id     469008 
_entity_src_gen.host_org_genus                     ? 
_entity_src_gen.pdbx_host_org_gene                 ? 
_entity_src_gen.pdbx_host_org_organ                ? 
_entity_src_gen.host_org_species                   ? 
_entity_src_gen.pdbx_host_org_tissue               ? 
_entity_src_gen.pdbx_host_org_tissue_fraction      ? 
_entity_src_gen.pdbx_host_org_strain               ? 
_entity_src_gen.pdbx_host_org_variant              ? 
_entity_src_gen.pdbx_host_org_cell_line            ? 
_entity_src_gen.pdbx_host_org_atcc                 ? 
_entity_src_gen.pdbx_host_org_culture_collection   ? 
_entity_src_gen.pdbx_host_org_cell                 ? 
_entity_src_gen.pdbx_host_org_organelle            ? 
_entity_src_gen.pdbx_host_org_cellular_location    ? 
_entity_src_gen.pdbx_host_org_vector_type          ? 
_entity_src_gen.pdbx_host_org_vector               ? 
_entity_src_gen.host_org_details                   ? 
_entity_src_gen.expression_system_id               ? 
_entity_src_gen.plasmid_name                       ? 
_entity_src_gen.plasmid_details                    ? 
_entity_src_gen.pdbx_description                   ? 
# 
_struct_ref.id                         1 
_struct_ref.db_name                    UNP 
_struct_ref.db_code                    A0A0S4TE75_CRYHO 
_struct_ref.pdbx_db_accession          A0A0S4TE75 
_struct_ref.pdbx_db_isoform            ? 
_struct_ref.entity_id                  1 
_struct_ref.pdbx_seq_one_letter_code   
;TQVHMLYINAEVNGISIKAFVDSGAQTTIMSKKCAEKCNLVRLIDYRFSGIAQGVGTSKIVGKIHVAQMKIGNSFFPFSI
TVLEESHVDFLFGLDLLKRYQCCIDLHQNALIIGDEKVQFLSESEINS
;
_struct_ref.pdbx_align_begin           199 
# 
_struct_ref_seq.align_id                      1 
_struct_ref_seq.ref_id                        1 
_struct_ref_seq.pdbx_PDB_id_code              7EFY 
_struct_ref_seq.pdbx_strand_id                A 
_struct_ref_seq.seq_align_beg                 1 
_struct_ref_seq.pdbx_seq_align_beg_ins_code   ? 
_struct_ref_seq.seq_align_end                 128 
_struct_ref_seq.pdbx_seq_align_end_ins_code   ? 
_struct_ref_seq.pdbx_db_accession             A0A0S4TE75 
_struct_ref_seq.db_align_beg                  199 
_struct_ref_seq.pdbx_db_align_beg_ins_code    ? 
_struct_ref_seq.db_align_end                  326 
_struct_ref_seq.pdbx_db_align_end_ins_code    ? 
_struct_ref_seq.pdbx_auth_seq_align_beg       199 
_struct_ref_seq.pdbx_auth_seq_align_end       326 
# 
loop_
_chem_comp.id 
_chem_comp.type 
_chem_comp.mon_nstd_flag 
_chem_comp.name 
_chem_comp.pdbx_synonyms 
_chem_comp.formula 
_chem_comp.formula_weight 
ALA 'L-peptide linking' y ALANINE         ? 'C3 H7 N O2'     89.093  
ARG 'L-peptide linking' y ARGININE        ? 'C6 H15 N4 O2 1' 175.209 
ASN 'L-peptide linking' y ASPARAGINE      ? 'C4 H8 N2 O3'    132.118 
ASP 'L-peptide linking' y 'ASPARTIC ACID' ? 'C4 H7 N O4'     133.103 
CYS 'L-peptide linking' y CYSTEINE        ? 'C3 H7 N O2 S'   121.158 
GLN 'L-peptide linking' y GLUTAMINE       ? 'C5 H10 N2 O3'   146.144 
GLU 'L-peptide linking' y 'GLUTAMIC ACID' ? 'C5 H9 N O4'     147.129 
GLY 'peptide linking'   y GLYCINE         ? 'C2 H5 N O2'     75.067  
HIS 'L-peptide linking' y HISTIDINE       ? 'C6 H10 N3 O2 1' 156.162 
HOH non-polymer         . WATER           ? 'H2 O'           18.015  
ILE 'L-peptide linking' y ISOLEUCINE      ? 'C6 H13 N O2'    131.173 
LEU 'L-peptide linking' y LEUCINE         ? 'C6 H13 N O2'    131.173 
LYS 'L-peptide linking' y LYSINE          ? 'C6 H15 N2 O2 1' 147.195 
MET 'L-peptide linking' y METHIONINE      ? 'C5 H11 N O2 S'  149.211 
PHE 'L-peptide linking' y PHENYLALANINE   ? 'C9 H11 N O2'    165.189 
PRO 'L-peptide linking' y PROLINE         ? 'C5 H9 N O2'     115.130 
SER 'L-peptide linking' y SERINE          ? 'C3 H7 N O3'     105.093 
THR 'L-peptide linking' y THREONINE       ? 'C4 H9 N O3'     119.119 
TYR 'L-peptide linking' y TYROSINE        ? 'C9 H11 N O3'    181.189 
VAL 'L-peptide linking' y VALINE          ? 'C5 H11 N O2'    117.146 
# 
_exptl.absorpt_coefficient_mu     ? 
_exptl.absorpt_correction_T_max   ? 
_exptl.absorpt_correction_T_min   ? 
_exptl.absorpt_correction_type    ? 
_exptl.absorpt_process_details    ? 
_exptl.entry_id                   7EFY 
_exptl.crystals_number            1 
_exptl.details                    ? 
_exptl.method                     'X-RAY DIFFRACTION' 
_exptl.method_details             ? 
# 
_exptl_crystal.colour                      ? 
_exptl_crystal.density_diffrn              ? 
_exptl_crystal.density_Matthews            3.19 
_exptl_crystal.density_method              ? 
_exptl_crystal.density_percent_sol         61.49 
_exptl_crystal.description                 ? 
_exptl_crystal.F_000                       ? 
_exptl_crystal.id                          1 
_exptl_crystal.preparation                 ? 
_exptl_crystal.size_max                    ? 
_exptl_crystal.size_mid                    ? 
_exptl_crystal.size_min                    ? 
_exptl_crystal.size_rad                    ? 
_exptl_crystal.colour_lustre               ? 
_exptl_crystal.colour_modifier             ? 
_exptl_crystal.colour_primary              ? 
_exptl_crystal.density_meas                ? 
_exptl_crystal.density_meas_esd            ? 
_exptl_crystal.density_meas_gt             ? 
_exptl_crystal.density_meas_lt             ? 
_exptl_crystal.density_meas_temp           ? 
_exptl_crystal.density_meas_temp_esd       ? 
_exptl_crystal.density_meas_temp_gt        ? 
_exptl_crystal.density_meas_temp_lt        ? 
_exptl_crystal.pdbx_crystal_image_url      ? 
_exptl_crystal.pdbx_crystal_image_format   ? 
_exptl_crystal.pdbx_mosaicity              ? 
_exptl_crystal.pdbx_mosaicity_esd          ? 
# 
_exptl_crystal_grow.apparatus       ? 
_exptl_crystal_grow.atmosphere      ? 
_exptl_crystal_grow.crystal_id      1 
_exptl_crystal_grow.details         ? 
_exptl_crystal_grow.method          MICROBATCH 
_exptl_crystal_grow.method_ref      ? 
_exptl_crystal_grow.pH              6.0 
_exptl_crystal_grow.pressure        ? 
_exptl_crystal_grow.pressure_esd    ? 
_exptl_crystal_grow.seeding         ? 
_exptl_crystal_grow.seeding_ref     ? 
_exptl_crystal_grow.temp            291 
_exptl_crystal_grow.temp_details    ? 
_exptl_crystal_grow.temp_esd        ? 
_exptl_crystal_grow.time            ? 
_exptl_crystal_grow.pdbx_details    '0.1 M MES-sodium hydroxide (pH 6.0), 30% polyacrylate sodium salt and 10% ethanol' 
_exptl_crystal_grow.pdbx_pH_range   ? 
# 
_diffrn.ambient_environment              ? 
_diffrn.ambient_temp                     100 
_diffrn.ambient_temp_details             ? 
_diffrn.ambient_temp_esd                 ? 
_diffrn.crystal_id                       1 
_diffrn.crystal_support                  ? 
_diffrn.crystal_treatment                ? 
_diffrn.details                          ? 
_diffrn.id                               1 
_diffrn.ambient_pressure                 ? 
_diffrn.ambient_pressure_esd             ? 
_diffrn.ambient_pressure_gt              ? 
_diffrn.ambient_pressure_lt              ? 
_diffrn.ambient_temp_gt                  ? 
_diffrn.ambient_temp_lt                  ? 
_diffrn.pdbx_serial_crystal_experiment   N 
# 
_diffrn_detector.details                      ? 
_diffrn_detector.detector                     PIXEL 
_diffrn_detector.diffrn_id                    1 
_diffrn_detector.type                         'DECTRIS PILATUS 6M' 
_diffrn_detector.area_resol_mean              ? 
_diffrn_detector.dtime                        ? 
_diffrn_detector.pdbx_frames_total            ? 
_diffrn_detector.pdbx_collection_time_total   ? 
_diffrn_detector.pdbx_collection_date         2020-12-11 
_diffrn_detector.pdbx_frequency               ? 
# 
_diffrn_radiation.collimation                      ? 
_diffrn_radiation.diffrn_id                        1 
_diffrn_radiation.filter_edge                      ? 
_diffrn_radiation.inhomogeneity                    ? 
_diffrn_radiation.monochromator                    ? 
_diffrn_radiation.polarisn_norm                    ? 
_diffrn_radiation.polarisn_ratio                   ? 
_diffrn_radiation.probe                            ? 
_diffrn_radiation.type                             ? 
_diffrn_radiation.xray_symbol                      ? 
_diffrn_radiation.wavelength_id                    1 
_diffrn_radiation.pdbx_monochromatic_or_laue_m_l   M 
_diffrn_radiation.pdbx_wavelength_list             ? 
_diffrn_radiation.pdbx_wavelength                  ? 
_diffrn_radiation.pdbx_diffrn_protocol             'SINGLE WAVELENGTH' 
_diffrn_radiation.pdbx_analyzer                    ? 
_diffrn_radiation.pdbx_scattering_type             x-ray 
# 
_diffrn_radiation_wavelength.id           1 
_diffrn_radiation_wavelength.wavelength   0.9918 
_diffrn_radiation_wavelength.wt           1.0 
# 
_diffrn_source.current                     ? 
_diffrn_source.details                     ? 
_diffrn_source.diffrn_id                   1 
_diffrn_source.power                       ? 
_diffrn_source.size                        ? 
_diffrn_source.source                      SYNCHROTRON 
_diffrn_source.target                      ? 
_diffrn_source.type                        'ELETTRA BEAMLINE 5.2R' 
_diffrn_source.voltage                     ? 
_diffrn_source.take-off_angle              ? 
_diffrn_source.pdbx_wavelength_list        0.9918 
_diffrn_source.pdbx_wavelength             ? 
_diffrn_source.pdbx_synchrotron_beamline   5.2R 
_diffrn_source.pdbx_synchrotron_site       ELETTRA 
# 
_reflns.B_iso_Wilson_estimate            ? 
_reflns.entry_id                         7EFY 
_reflns.data_reduction_details           ? 
_reflns.data_reduction_method            ? 
_reflns.d_resolution_high                2.80 
_reflns.d_resolution_low                 63.26 
_reflns.details                          ? 
_reflns.limit_h_max                      ? 
_reflns.limit_h_min                      ? 
_reflns.limit_k_max                      ? 
_reflns.limit_k_min                      ? 
_reflns.limit_l_max                      ? 
_reflns.limit_l_min                      ? 
_reflns.number_all                       ? 
_reflns.number_obs                       4686 
_reflns.observed_criterion               ? 
_reflns.observed_criterion_F_max         ? 
_reflns.observed_criterion_F_min         ? 
_reflns.observed_criterion_I_max         ? 
_reflns.observed_criterion_I_min         ? 
_reflns.observed_criterion_sigma_F       ? 
_reflns.observed_criterion_sigma_I       ? 
_reflns.percent_possible_obs             100 
_reflns.R_free_details                   ? 
_reflns.Rmerge_F_all                     ? 
_reflns.Rmerge_F_obs                     ? 
_reflns.Friedel_coverage                 ? 
_reflns.number_gt                        ? 
_reflns.threshold_expression             ? 
_reflns.pdbx_redundancy                  7.5 
_reflns.pdbx_Rmerge_I_obs                ? 
_reflns.pdbx_Rmerge_I_all                ? 
_reflns.pdbx_Rsym_value                  ? 
_reflns.pdbx_netI_over_av_sigmaI         ? 
_reflns.pdbx_netI_over_sigmaI            11.1 
_reflns.pdbx_res_netI_over_av_sigmaI_2   ? 
_reflns.pdbx_res_netI_over_sigmaI_2      ? 
_reflns.pdbx_chi_squared                 ? 
_reflns.pdbx_scaling_rejects             ? 
_reflns.pdbx_d_res_high_opt              ? 
_reflns.pdbx_d_res_low_opt               ? 
_reflns.pdbx_d_res_opt_method            ? 
_reflns.phase_calculation_details        ? 
_reflns.pdbx_Rrim_I_all                  ? 
_reflns.pdbx_Rpim_I_all                  ? 
_reflns.pdbx_d_opt                       ? 
_reflns.pdbx_number_measured_all         ? 
_reflns.pdbx_diffrn_id                   1 
_reflns.pdbx_ordinal                     1 
_reflns.pdbx_CC_half                     0.99 
_reflns.pdbx_CC_star                     ? 
_reflns.pdbx_R_split                     ? 
# 
_reflns_shell.d_res_high                  2.80 
_reflns_shell.d_res_low                   2.80 
_reflns_shell.meanI_over_sigI_all         ? 
_reflns_shell.meanI_over_sigI_obs         2.1 
_reflns_shell.number_measured_all         ? 
_reflns_shell.number_measured_obs         ? 
_reflns_shell.number_possible             ? 
_reflns_shell.number_unique_all           ? 
_reflns_shell.number_unique_obs           668 
_reflns_shell.percent_possible_all        100 
_reflns_shell.percent_possible_obs        ? 
_reflns_shell.Rmerge_F_all                ? 
_reflns_shell.Rmerge_F_obs                ? 
_reflns_shell.Rmerge_I_all                ? 
_reflns_shell.Rmerge_I_obs                ? 
_reflns_shell.meanI_over_sigI_gt          ? 
_reflns_shell.meanI_over_uI_all           ? 
_reflns_shell.meanI_over_uI_gt            ? 
_reflns_shell.number_measured_gt          ? 
_reflns_shell.number_unique_gt            ? 
_reflns_shell.percent_possible_gt         ? 
_reflns_shell.Rmerge_F_gt                 ? 
_reflns_shell.Rmerge_I_gt                 ? 
_reflns_shell.pdbx_redundancy             ? 
_reflns_shell.pdbx_Rsym_value             ? 
_reflns_shell.pdbx_chi_squared            ? 
_reflns_shell.pdbx_netI_over_sigmaI_all   ? 
_reflns_shell.pdbx_netI_over_sigmaI_obs   ? 
_reflns_shell.pdbx_Rrim_I_all             ? 
_reflns_shell.pdbx_Rpim_I_all             ? 
_reflns_shell.pdbx_rejects                ? 
_reflns_shell.pdbx_ordinal                1 
_reflns_shell.pdbx_diffrn_id              1 
_reflns_shell.pdbx_CC_half                0.84 
_reflns_shell.pdbx_CC_star                ? 
_reflns_shell.pdbx_R_split                ? 
# 
_refine.aniso_B[1][1]                            3.332 
_refine.aniso_B[1][2]                            1.666 
_refine.aniso_B[1][3]                            -0.000 
_refine.aniso_B[2][2]                            3.332 
_refine.aniso_B[2][3]                            -0.000 
_refine.aniso_B[3][3]                            -10.810 
_refine.B_iso_max                                ? 
_refine.B_iso_mean                               85.776 
_refine.B_iso_min                                ? 
_refine.correlation_coeff_Fo_to_Fc               0.966 
_refine.correlation_coeff_Fo_to_Fc_free          0.940 
_refine.details                                  'Hydrogens have not been used' 
_refine.diff_density_max                         ? 
_refine.diff_density_max_esd                     ? 
_refine.diff_density_min                         ? 
_refine.diff_density_min_esd                     ? 
_refine.diff_density_rms                         ? 
_refine.diff_density_rms_esd                     ? 
_refine.entry_id                                 7EFY 
_refine.pdbx_refine_id                           'X-RAY DIFFRACTION' 
_refine.ls_abs_structure_details                 ? 
_refine.ls_abs_structure_Flack                   ? 
_refine.ls_abs_structure_Flack_esd               ? 
_refine.ls_abs_structure_Rogers                  ? 
_refine.ls_abs_structure_Rogers_esd              ? 
_refine.ls_d_res_high                            2.800 
_refine.ls_d_res_low                             47.439 
_refine.ls_extinction_coef                       ? 
_refine.ls_extinction_coef_esd                   ? 
_refine.ls_extinction_expression                 ? 
_refine.ls_extinction_method                     ? 
_refine.ls_goodness_of_fit_all                   ? 
_refine.ls_goodness_of_fit_all_esd               ? 
_refine.ls_goodness_of_fit_obs                   ? 
_refine.ls_goodness_of_fit_obs_esd               ? 
_refine.ls_hydrogen_treatment                    ? 
_refine.ls_matrix_type                           ? 
_refine.ls_number_constraints                    ? 
_refine.ls_number_parameters                     ? 
_refine.ls_number_reflns_all                     ? 
_refine.ls_number_reflns_obs                     4683 
_refine.ls_number_reflns_R_free                  222 
_refine.ls_number_reflns_R_work                  4461 
_refine.ls_number_restraints                     ? 
_refine.ls_percent_reflns_obs                    99.915 
_refine.ls_percent_reflns_R_free                 4.741 
_refine.ls_R_factor_all                          0.186 
_refine.ls_R_factor_obs                          ? 
_refine.ls_R_factor_R_free                       0.2338 
_refine.ls_R_factor_R_free_error                 ? 
_refine.ls_R_factor_R_free_error_details         ? 
_refine.ls_R_factor_R_work                       0.1836 
_refine.ls_R_Fsqd_factor_obs                     ? 
_refine.ls_R_I_factor_obs                        ? 
_refine.ls_redundancy_reflns_all                 ? 
_refine.ls_redundancy_reflns_obs                 ? 
_refine.ls_restrained_S_all                      ? 
_refine.ls_restrained_S_obs                      ? 
_refine.ls_shift_over_esd_max                    ? 
_refine.ls_shift_over_esd_mean                   ? 
_refine.ls_structure_factor_coef                 ? 
_refine.ls_weighting_details                     ? 
_refine.ls_weighting_scheme                      ? 
_refine.ls_wR_factor_all                         ? 
_refine.ls_wR_factor_obs                         ? 
_refine.ls_wR_factor_R_free                      ? 
_refine.ls_wR_factor_R_work                      ? 
_refine.occupancy_max                            ? 
_refine.occupancy_min                            ? 
_refine.solvent_model_details                    'MASK BULK SOLVENT' 
_refine.solvent_model_param_bsol                 ? 
_refine.solvent_model_param_ksol                 ? 
_refine.pdbx_R_complete                          ? 
_refine.ls_R_factor_gt                           ? 
_refine.ls_goodness_of_fit_gt                    ? 
_refine.ls_goodness_of_fit_ref                   ? 
_refine.ls_shift_over_su_max                     ? 
_refine.ls_shift_over_su_max_lt                  ? 
_refine.ls_shift_over_su_mean                    ? 
_refine.ls_shift_over_su_mean_lt                 ? 
_refine.pdbx_ls_sigma_I                          ? 
_refine.pdbx_ls_sigma_F                          ? 
_refine.pdbx_ls_sigma_Fsqd                       ? 
_refine.pdbx_data_cutoff_high_absF               ? 
_refine.pdbx_data_cutoff_high_rms_absF           ? 
_refine.pdbx_data_cutoff_low_absF                ? 
_refine.pdbx_isotropic_thermal_model             ? 
_refine.pdbx_ls_cross_valid_method               'FREE R-VALUE' 
_refine.pdbx_method_to_determine_struct          'MOLECULAR REPLACEMENT' 
_refine.pdbx_starting_model                      7D66 
_refine.pdbx_stereochemistry_target_values       ? 
_refine.pdbx_R_Free_selection_details            ? 
_refine.pdbx_stereochem_target_val_spec_case     ? 
_refine.pdbx_overall_ESU_R                       0.476 
_refine.pdbx_overall_ESU_R_Free                  0.292 
_refine.pdbx_solvent_vdw_probe_radii             1.200 
_refine.pdbx_solvent_ion_probe_radii             0.800 
_refine.pdbx_solvent_shrinkage_radii             0.800 
_refine.pdbx_real_space_R                        ? 
_refine.pdbx_density_correlation                 ? 
_refine.pdbx_pd_number_of_powder_patterns        ? 
_refine.pdbx_pd_number_of_points                 ? 
_refine.pdbx_pd_meas_number_of_points            ? 
_refine.pdbx_pd_proc_ls_prof_R_factor            ? 
_refine.pdbx_pd_proc_ls_prof_wR_factor           ? 
_refine.pdbx_pd_Marquardt_correlation_coeff      ? 
_refine.pdbx_pd_Fsqrd_R_factor                   ? 
_refine.pdbx_pd_ls_matrix_band_width             ? 
_refine.pdbx_overall_phase_error                 ? 
_refine.pdbx_overall_SU_R_free_Cruickshank_DPI   ? 
_refine.pdbx_overall_SU_R_free_Blow_DPI          ? 
_refine.pdbx_overall_SU_R_Blow_DPI               ? 
_refine.pdbx_TLS_residual_ADP_flag               ? 
_refine.pdbx_diffrn_id                           1 
_refine.overall_SU_B                             13.190 
_refine.overall_SU_ML                            0.239 
_refine.overall_SU_R_Cruickshank_DPI             ? 
_refine.overall_SU_R_free                        ? 
_refine.overall_FOM_free_R_set                   ? 
_refine.overall_FOM_work_R_set                   ? 
_refine.pdbx_average_fsc_overall                 ? 
_refine.pdbx_average_fsc_work                    ? 
_refine.pdbx_average_fsc_free                    ? 
# 
_refine_hist.pdbx_refine_id                   'X-RAY DIFFRACTION' 
_refine_hist.cycle_id                         LAST 
_refine_hist.pdbx_number_atoms_protein        852 
_refine_hist.pdbx_number_atoms_nucleic_acid   0 
_refine_hist.pdbx_number_atoms_ligand         0 
_refine_hist.number_atoms_solvent             5 
_refine_hist.number_atoms_total               857 
_refine_hist.d_res_high                       2.800 
_refine_hist.d_res_low                        47.439 
# 
loop_
_refine_ls_restr.pdbx_refine_id 
_refine_ls_restr.criterion 
_refine_ls_restr.dev_ideal 
_refine_ls_restr.dev_ideal_target 
_refine_ls_restr.number 
_refine_ls_restr.rejects 
_refine_ls_restr.type 
_refine_ls_restr.weight 
_refine_ls_restr.pdbx_restraint_function 
'X-RAY DIFFRACTION' ? 0.006  0.012   864  ? r_bond_refined_d               ? ? 
'X-RAY DIFFRACTION' ? 1.497  1.605   1169 ? r_angle_refined_deg            ? ? 
'X-RAY DIFFRACTION' ? 6.679  5.000   111  ? r_dihedral_angle_1_deg         ? ? 
'X-RAY DIFFRACTION' ? 32.993 24.474  38   ? r_dihedral_angle_2_deg         ? ? 
'X-RAY DIFFRACTION' ? 16.270 15.000  142  ? r_dihedral_angle_3_deg         ? ? 
'X-RAY DIFFRACTION' ? 2.960  15.000  2    ? r_dihedral_angle_4_deg         ? ? 
'X-RAY DIFFRACTION' ? 0.104  0.200   122  ? r_chiral_restr                 ? ? 
'X-RAY DIFFRACTION' ? 0.006  0.020   636  ? r_gen_planes_refined           ? ? 
'X-RAY DIFFRACTION' ? 0.237  0.200   360  ? r_nbd_refined                  ? ? 
'X-RAY DIFFRACTION' ? 0.323  0.200   598  ? r_nbtor_refined                ? ? 
'X-RAY DIFFRACTION' ? 0.165  0.200   25   ? r_xyhbond_nbd_refined          ? ? 
'X-RAY DIFFRACTION' ? 0.298  0.200   29   ? r_symmetry_nbd_refined         ? ? 
'X-RAY DIFFRACTION' ? 0.111  0.200   3    ? r_symmetry_xyhbond_nbd_refined ? ? 
'X-RAY DIFFRACTION' ? 7.912  8.685   450  ? r_mcbond_it                    ? ? 
'X-RAY DIFFRACTION' ? 11.210 12.992  559  ? r_mcangle_it                   ? ? 
'X-RAY DIFFRACTION' ? 11.637 9.199   413  ? r_scbond_it                    ? ? 
'X-RAY DIFFRACTION' ? 15.591 13.535  610  ? r_scangle_it                   ? ? 
'X-RAY DIFFRACTION' ? 17.763 118.824 1229 ? r_lrange_it                    ? ? 
# 
loop_
_refine_ls_shell.pdbx_refine_id 
_refine_ls_shell.d_res_high 
_refine_ls_shell.d_res_low 
_refine_ls_shell.number_reflns_all 
_refine_ls_shell.number_reflns_obs 
_refine_ls_shell.number_reflns_R_free 
_refine_ls_shell.number_reflns_R_work 
_refine_ls_shell.percent_reflns_obs 
_refine_ls_shell.percent_reflns_R_free 
_refine_ls_shell.R_factor_all 
_refine_ls_shell.R_factor_obs 
_refine_ls_shell.R_factor_R_free 
_refine_ls_shell.R_factor_R_free_error 
_refine_ls_shell.R_factor_R_work 
_refine_ls_shell.redundancy_reflns_all 
_refine_ls_shell.redundancy_reflns_obs 
_refine_ls_shell.wR_factor_all 
_refine_ls_shell.wR_factor_obs 
_refine_ls_shell.wR_factor_R_free 
_refine_ls_shell.wR_factor_R_work 
_refine_ls_shell.pdbx_R_complete 
_refine_ls_shell.pdbx_total_number_of_bins_used 
_refine_ls_shell.pdbx_phase_error 
_refine_ls_shell.pdbx_fsc_work 
_refine_ls_shell.pdbx_fsc_free 
'X-RAY DIFFRACTION' 2.800  2.873  . . 19 313 100.0000 . . . 0.392 . 0.369 . . . . . . . . . . . 
'X-RAY DIFFRACTION' 2.873  2.951  . . 19 315 100.0000 . . . 0.492 . 0.322 . . . . . . . . . . . 
'X-RAY DIFFRACTION' 2.951  3.037  . . 12 322 100.0000 . . . 0.303 . 0.308 . . . . . . . . . . . 
'X-RAY DIFFRACTION' 3.037  3.130  . . 9  285 100.0000 . . . 0.216 . 0.270 . . . . . . . . . . . 
'X-RAY DIFFRACTION' 3.130  3.232  . . 12 294 100.0000 . . . 0.223 . 0.257 . . . . . . . . . . . 
'X-RAY DIFFRACTION' 3.232  3.345  . . 19 278 100.0000 . . . 0.269 . 0.194 . . . . . . . . . . . 
'X-RAY DIFFRACTION' 3.345  3.471  . . 13 267 100.0000 . . . 0.195 . 0.177 . . . . . . . . . . . 
'X-RAY DIFFRACTION' 3.471  3.612  . . 13 260 100.0000 . . . 0.307 . 0.188 . . . . . . . . . . . 
'X-RAY DIFFRACTION' 3.612  3.773  . . 10 257 100.0000 . . . 0.222 . 0.175 . . . . . . . . . . . 
'X-RAY DIFFRACTION' 3.773  3.956  . . 12 238 100.0000 . . . 0.250 . 0.151 . . . . . . . . . . . 
'X-RAY DIFFRACTION' 3.956  4.169  . . 18 232 100.0000 . . . 0.208 . 0.136 . . . . . . . . . . . 
'X-RAY DIFFRACTION' 4.169  4.421  . . 13 218 100.0000 . . . 0.155 . 0.133 . . . . . . . . . . . 
'X-RAY DIFFRACTION' 4.421  4.724  . . 10 199 100.0000 . . . 0.159 . 0.124 . . . . . . . . . . . 
'X-RAY DIFFRACTION' 4.724  5.100  . . 10 197 100.0000 . . . 0.232 . 0.139 . . . . . . . . . . . 
'X-RAY DIFFRACTION' 5.100  5.584  . . 7  183 100.0000 . . . 0.154 . 0.187 . . . . . . . . . . . 
'X-RAY DIFFRACTION' 5.584  6.237  . . 9  156 99.3976  . . . 0.257 . 0.203 . . . . . . . . . . . 
'X-RAY DIFFRACTION' 6.237  7.190  . . 6  148 100.0000 . . . 0.715 . 0.192 . . . . . . . . . . . 
'X-RAY DIFFRACTION' 7.190  8.777  . . 5  131 100.0000 . . . 0.156 . 0.183 . . . . . . . . . . . 
'X-RAY DIFFRACTION' 8.777  12.295 . . 4  100 100.0000 . . . 0.165 . 0.139 . . . . . . . . . . . 
'X-RAY DIFFRACTION' 12.295 47.439 . . 2  68  95.8904  . . . 0.215 . 0.241 . . . . . . . . . . . 
# 
_struct.entry_id                     7EFY 
_struct.title                        'Crystal structure of retroviral protease-like domain of Ddi1 from Cryptosporidium hominis' 
_struct.pdbx_model_details           ? 
_struct.pdbx_formula_weight          ? 
_struct.pdbx_formula_weight_method   ? 
_struct.pdbx_model_type_details      ? 
_struct.pdbx_CASP_flag               N 
# 
_struct_keywords.entry_id        7EFY 
_struct_keywords.text            'aspartic protease, HYDROLASE' 
_struct_keywords.pdbx_keywords   HYDROLASE 
# 
loop_
_struct_asym.id 
_struct_asym.pdbx_blank_PDB_chainid_flag 
_struct_asym.pdbx_modified 
_struct_asym.entity_id 
_struct_asym.details 
A N N 1 ? 
B N N 2 ? 
# 
loop_
_struct_conf.conf_type_id 
_struct_conf.id 
_struct_conf.pdbx_PDB_helix_id 
_struct_conf.beg_label_comp_id 
_struct_conf.beg_label_asym_id 
_struct_conf.beg_label_seq_id 
_struct_conf.pdbx_beg_PDB_ins_code 
_struct_conf.end_label_comp_id 
_struct_conf.end_label_asym_id 
_struct_conf.end_label_seq_id 
_struct_conf.pdbx_end_PDB_ins_code 
_struct_conf.beg_auth_comp_id 
_struct_conf.beg_auth_asym_id 
_struct_conf.beg_auth_seq_id 
_struct_conf.end_auth_comp_id 
_struct_conf.end_auth_asym_id 
_struct_conf.end_auth_seq_id 
_struct_conf.pdbx_PDB_helix_class 
_struct_conf.details 
_struct_conf.pdbx_PDB_helix_length 
HELX_P HELX_P1 AA1 LYS A 32 ? CYS A 38  ? LYS A 230 CYS A 236 1 ? 7 
HELX_P HELX_P2 AA2 GLY A 93 ? TYR A 100 ? GLY A 291 TYR A 298 1 ? 8 
# 
_struct_conf_type.id          HELX_P 
_struct_conf_type.criteria    ? 
_struct_conf_type.reference   ? 
# 
loop_
_struct_sheet.id 
_struct_sheet.type 
_struct_sheet.number_strands 
_struct_sheet.details 
AA1 ? 7 ? 
AA2 ? 3 ? 
# 
loop_
_struct_sheet_order.sheet_id 
_struct_sheet_order.range_id_1 
_struct_sheet_order.range_id_2 
_struct_sheet_order.offset 
_struct_sheet_order.sense 
AA1 1 2 ? anti-parallel 
AA1 2 3 ? parallel      
AA1 3 4 ? anti-parallel 
AA1 4 5 ? parallel      
AA1 5 6 ? anti-parallel 
AA1 6 7 ? anti-parallel 
AA2 1 2 ? anti-parallel 
AA2 2 3 ? anti-parallel 
# 
loop_
_struct_sheet_range.sheet_id 
_struct_sheet_range.id 
_struct_sheet_range.beg_label_comp_id 
_struct_sheet_range.beg_label_asym_id 
_struct_sheet_range.beg_label_seq_id 
_struct_sheet_range.pdbx_beg_PDB_ins_code 
_struct_sheet_range.end_label_comp_id 
_struct_sheet_range.end_label_asym_id 
_struct_sheet_range.end_label_seq_id 
_struct_sheet_range.pdbx_end_PDB_ins_code 
_struct_sheet_range.beg_auth_comp_id 
_struct_sheet_range.beg_auth_asym_id 
_struct_sheet_range.beg_auth_seq_id 
_struct_sheet_range.end_auth_comp_id 
_struct_sheet_range.end_auth_asym_id 
_struct_sheet_range.end_auth_seq_id 
AA1 1 TYR A 7   ? VAL A 12  ? TYR A 205 VAL A 210 
AA1 2 ILE A 15  ? VAL A 21  ? ILE A 213 VAL A 219 
AA1 3 PHE A 90  ? PHE A 92  ? PHE A 288 PHE A 290 
AA1 4 ILE A 29  ? SER A 31  ? ILE A 227 SER A 229 
AA1 5 SER A 74  ? LEU A 83  ? SER A 272 LEU A 281 
AA1 6 ILE A 60  ? ILE A 71  ? ILE A 258 ILE A 269 
AA1 7 TYR A 7   ? VAL A 12  ? TYR A 205 VAL A 210 
AA2 1 CYS A 103 ? ASP A 105 ? CYS A 301 ASP A 303 
AA2 2 ALA A 110 ? ILE A 113 ? ALA A 308 ILE A 311 
AA2 3 GLU A 116 ? GLN A 119 ? GLU A 314 GLN A 317 
# 
loop_
_pdbx_struct_sheet_hbond.sheet_id 
_pdbx_struct_sheet_hbond.range_id_1 
_pdbx_struct_sheet_hbond.range_id_2 
_pdbx_struct_sheet_hbond.range_1_label_atom_id 
_pdbx_struct_sheet_hbond.range_1_label_comp_id 
_pdbx_struct_sheet_hbond.range_1_label_asym_id 
_pdbx_struct_sheet_hbond.range_1_label_seq_id 
_pdbx_struct_sheet_hbond.range_1_PDB_ins_code 
_pdbx_struct_sheet_hbond.range_1_auth_atom_id 
_pdbx_struct_sheet_hbond.range_1_auth_comp_id 
_pdbx_struct_sheet_hbond.range_1_auth_asym_id 
_pdbx_struct_sheet_hbond.range_1_auth_seq_id 
_pdbx_struct_sheet_hbond.range_2_label_atom_id 
_pdbx_struct_sheet_hbond.range_2_label_comp_id 
_pdbx_struct_sheet_hbond.range_2_label_asym_id 
_pdbx_struct_sheet_hbond.range_2_label_seq_id 
_pdbx_struct_sheet_hbond.range_2_PDB_ins_code 
_pdbx_struct_sheet_hbond.range_2_auth_atom_id 
_pdbx_struct_sheet_hbond.range_2_auth_comp_id 
_pdbx_struct_sheet_hbond.range_2_auth_asym_id 
_pdbx_struct_sheet_hbond.range_2_auth_seq_id 
AA1 1 2 N ALA A 10  ? N ALA A 208 O ILE A 17  ? O ILE A 215 
AA1 2 3 N PHE A 20  ? N PHE A 218 O PHE A 90  ? O PHE A 288 
AA1 3 4 O LEU A 91  ? O LEU A 289 N ILE A 29  ? N ILE A 227 
AA1 4 5 N MET A 30  ? N MET A 228 O THR A 81  ? O THR A 279 
AA1 5 6 O ILE A 80  ? O ILE A 278 N ILE A 64  ? N ILE A 262 
AA1 6 7 O LYS A 70  ? O LYS A 268 N GLU A 11  ? N GLU A 209 
AA2 1 2 N CYS A 103 ? N CYS A 301 O ILE A 112 ? O ILE A 310 
AA2 2 3 N LEU A 111 ? N LEU A 309 O VAL A 118 ? O VAL A 316 
# 
_atom_sites.entry_id                    7EFY 
_atom_sites.Cartn_transf_matrix[1][1]   ? 
_atom_sites.Cartn_transf_matrix[1][2]   ? 
_atom_sites.Cartn_transf_matrix[1][3]   ? 
_atom_sites.Cartn_transf_matrix[2][1]   ? 
_atom_sites.Cartn_transf_matrix[2][2]   ? 
_atom_sites.Cartn_transf_matrix[2][3]   ? 
_atom_sites.Cartn_transf_matrix[3][1]   ? 
_atom_sites.Cartn_transf_matrix[3][2]   ? 
_atom_sites.Cartn_transf_matrix[3][3]   ? 
_atom_sites.Cartn_transf_vector[1]      ? 
_atom_sites.Cartn_transf_vector[2]      ? 
_atom_sites.Cartn_transf_vector[3]      ? 
_atom_sites.fract_transf_matrix[1][1]   0.00158343 
_atom_sites.fract_transf_matrix[1][2]   0.00303891 
_atom_sites.fract_transf_matrix[1][3]   -0.01373689 
_atom_sites.fract_transf_matrix[2][1]   0.01019727 
_atom_sites.fract_transf_matrix[2][2]   -0.00631945 
_atom_sites.fract_transf_matrix[2][3]   -0.00751859 
_atom_sites.fract_transf_matrix[3][1]   -0.00444276 
_atom_sites.fract_transf_matrix[3][2]   -0.00519292 
_atom_sites.fract_transf_matrix[3][3]   -0.00166090 
_atom_sites.fract_transf_vector[1]      0.356462 
_atom_sites.fract_transf_vector[2]      0.461551 
_atom_sites.fract_transf_vector[3]      0.072142 
_atom_sites.solution_primary            ? 
_atom_sites.solution_secondary          ? 
_atom_sites.solution_hydrogens          ? 
_atom_sites.special_details             ? 
# 
loop_
_atom_type.symbol 
_atom_type.pdbx_scat_Z 
_atom_type.pdbx_N_electrons 
_atom_type.scat_Cromer_Mann_a1 
_atom_type.scat_Cromer_Mann_b1 
_atom_type.scat_Cromer_Mann_a2 
_atom_type.scat_Cromer_Mann_b2 
_atom_type.scat_Cromer_Mann_a3 
_atom_type.scat_Cromer_Mann_b3 
_atom_type.scat_Cromer_Mann_a4 
_atom_type.scat_Cromer_Mann_b4 
C 6  6  2.310  20.844 1.020 10.208 1.589 0.569  0.865 51.651 
N 7  7  12.222 0.006  3.135 9.893  2.014 28.997 1.167 0.583  
O 8  8  3.049  13.277 2.287 5.701  1.546 0.324  0.867 32.909 
S 16 16 6.905  1.468  5.203 22.215 1.438 0.254  1.586 56.172 
# 
loop_
_atom_site.group_PDB 
_atom_site.id 
_atom_site.type_symbol 
_atom_site.label_atom_id 
_atom_site.label_alt_id 
_atom_site.label_comp_id 
_atom_site.label_asym_id 
_atom_site.label_entity_id 
_atom_site.label_seq_id 
_atom_site.pdbx_PDB_ins_code 
_atom_site.Cartn_x 
_atom_site.Cartn_y 
_atom_site.Cartn_z 
_atom_site.occupancy 
_atom_site.B_iso_or_equiv 
_atom_site.pdbx_formal_charge 
_atom_site.auth_seq_id 
_atom_site.auth_comp_id 
_atom_site.auth_asym_id 
_atom_site.auth_atom_id 
_atom_site.pdbx_PDB_model_num 
_atom_site.calc_flag 
ATOM   1   N N   . VAL A 1 3   ? 15.221  14.355  5.283   1.000 121.322 0 201 VAL A N   1 ? 
ATOM   2   C CA  . VAL A 1 3   ? 13.877  13.869  5.795   1.000 143.581 0 201 VAL A CA  1 ? 
ATOM   3   C C   . VAL A 1 3   ? 13.649  12.441  5.281   1.000 145.149 0 201 VAL A C   1 ? 
ATOM   4   O O   . VAL A 1 3   ? 13.859  12.169  4.100   1.000 162.806 0 201 VAL A O   1 ? 
ATOM   5   C CB  . VAL A 1 3   ? 12.729  14.848  5.430   1.000 127.422 0 201 VAL A CB  1 ? 
ATOM   6   C CG1 . VAL A 1 3   ? 11.386  14.477  6.045   1.000 121.457 0 201 VAL A CG1 1 ? 
ATOM   7   C CG2 . VAL A 1 3   ? 13.060  16.292  5.775   1.000 125.048 0 201 VAL A CG2 1 ? 
ATOM   8   N N   . HIS A 1 4   ? 13.280  11.515  6.184   1.000 129.346 0 202 HIS A N   1 ? 
ATOM   9   C CA  . HIS A 1 4   ? 12.892  10.160  5.803   1.000 111.850 0 202 HIS A CA  1 ? 
ATOM   10  C C   . HIS A 1 4   ? 11.441  10.190  5.314   1.000 110.086 0 202 HIS A C   1 ? 
ATOM   11  O O   . HIS A 1 4   ? 10.637  10.948  5.855   1.000 118.444 0 202 HIS A O   1 ? 
ATOM   12  C CB  . HIS A 1 4   ? 13.153  9.167   6.954   1.000 80.475  0 202 HIS A CB  1 ? 
ATOM   13  N N   . MET A 1 5   ? 11.128  9.382   4.286   1.000 94.215  0 203 MET A N   1 ? 
ATOM   14  C CA  . MET A 1 5   ? 9.788   9.206   3.729   1.000 81.324  0 203 MET A CA  1 ? 
ATOM   15  C C   . MET A 1 5   ? 8.812   8.555   4.729   1.000 86.656  0 203 MET A C   1 ? 
ATOM   16  O O   . MET A 1 5   ? 9.184   8.148   5.830   1.000 98.316  0 203 MET A O   1 ? 
ATOM   17  C CB  . MET A 1 5   ? 9.870   8.351   2.460   1.000 91.811  0 203 MET A CB  1 ? 
ATOM   18  C CG  . MET A 1 5   ? 10.737  8.965   1.386   1.000 120.017 0 203 MET A CG  1 ? 
ATOM   19  S SD  . MET A 1 5   ? 10.706  10.796  1.441   1.000 138.362 0 203 MET A SD  1 ? 
ATOM   20  C CE  . MET A 1 5   ? 9.056   11.145  0.825   1.000 130.174 0 203 MET A CE  1 ? 
ATOM   21  N N   . LEU A 1 6   ? 7.527   8.450   4.368   1.000 85.396  0 204 LEU A N   1 ? 
ATOM   22  C CA  . LEU A 1 6   ? 6.564   7.903   5.318   1.000 79.321  0 204 LEU A CA  1 ? 
ATOM   23  C C   . LEU A 1 6   ? 6.286   6.429   5.031   1.000 78.069  0 204 LEU A C   1 ? 
ATOM   24  O O   . LEU A 1 6   ? 5.879   6.051   3.930   1.000 76.954  0 204 LEU A O   1 ? 
ATOM   25  C CB  . LEU A 1 6   ? 5.266   8.709   5.242   1.000 77.010  0 204 LEU A CB  1 ? 
ATOM   26  C CG  . LEU A 1 6   ? 5.295   10.105  5.854   1.000 70.077  0 204 LEU A CG  1 ? 
ATOM   27  C CD1 . LEU A 1 6   ? 3.875   10.533  6.170   1.000 62.603  0 204 LEU A CD1 1 ? 
ATOM   28  C CD2 . LEU A 1 6   ? 6.157   10.156  7.119   1.000 62.763  0 204 LEU A CD2 1 ? 
ATOM   29  N N   . TYR A 1 7   ? 6.508   5.583   6.034   1.000 81.691  0 205 TYR A N   1 ? 
ATOM   30  C CA  . TYR A 1 7   ? 6.213   4.174   5.839   1.000 69.818  0 205 TYR A CA  1 ? 
ATOM   31  C C   . TYR A 1 7   ? 5.419   3.690   7.039   1.000 69.936  0 205 TYR A C   1 ? 
ATOM   32  O O   . TYR A 1 7   ? 5.557   4.242   8.127   1.000 73.306  0 205 TYR A O   1 ? 
ATOM   33  C CB  . TYR A 1 7   ? 7.495   3.366   5.679   1.000 64.891  0 205 TYR A CB  1 ? 
ATOM   34  C CG  . TYR A 1 7   ? 8.261   3.617   4.407   1.000 69.754  0 205 TYR A CG  1 ? 
ATOM   35  C CD1 . TYR A 1 7   ? 7.977   2.921   3.240   1.000 76.369  0 205 TYR A CD1 1 ? 
ATOM   36  C CD2 . TYR A 1 7   ? 9.314   4.517   4.375   1.000 78.529  0 205 TYR A CD2 1 ? 
ATOM   37  C CE1 . TYR A 1 7   ? 8.709   3.116   2.075   1.000 72.696  0 205 TYR A CE1 1 ? 
ATOM   38  C CE2 . TYR A 1 7   ? 10.048  4.740   3.217   1.000 80.417  0 205 TYR A CE2 1 ? 
ATOM   39  C CZ  . TYR A 1 7   ? 9.743   4.037   2.065   1.000 79.094  0 205 TYR A CZ  1 ? 
ATOM   40  O OH  . TYR A 1 7   ? 10.470  4.268   0.936   1.000 102.369 0 205 TYR A OH  1 ? 
ATOM   41  N N   . ILE A 1 8   ? 4.547   2.706   6.807   1.000 72.989  0 206 ILE A N   1 ? 
ATOM   42  C CA  . ILE A 1 8   ? 3.850   2.000   7.874   1.000 74.575  0 206 ILE A CA  1 ? 
ATOM   43  C C   . ILE A 1 8   ? 4.022   0.505   7.622   1.000 83.472  0 206 ILE A C   1 ? 
ATOM   44  O O   . ILE A 1 8   ? 4.325   0.093   6.491   1.000 82.918  0 206 ILE A O   1 ? 
ATOM   45  C CB  . ILE A 1 8   ? 2.356   2.376   7.901   1.000 73.846  0 206 ILE A CB  1 ? 
ATOM   46  C CG1 . ILE A 1 8   ? 1.681   2.017   6.573   1.000 80.514  0 206 ILE A CG1 1 ? 
ATOM   47  C CG2 . ILE A 1 8   ? 2.178   3.843   8.242   1.000 80.052  0 206 ILE A CG2 1 ? 
ATOM   48  C CD1 . ILE A 1 8   ? 0.207   1.710   6.675   1.000 62.885  0 206 ILE A CD1 1 ? 
ATOM   49  N N   . ASN A 1 9   ? 3.800   -0.298  8.675   1.000 83.991  0 207 ASN A N   1 ? 
ATOM   50  C CA  . ASN A 1 9   ? 3.764   -1.745  8.514   1.000 78.821  0 207 ASN A CA  1 ? 
ATOM   51  C C   . ASN A 1 9   ? 2.360   -2.193  8.125   1.000 79.906  0 207 ASN A C   1 ? 
ATOM   52  O O   . ASN A 1 9   ? 1.369   -1.745  8.712   1.000 80.145  0 207 ASN A O   1 ? 
ATOM   53  C CB  . ASN A 1 9   ? 4.346   -2.490  9.718   1.000 74.749  0 207 ASN A CB  1 ? 
ATOM   54  C CG  . ASN A 1 9   ? 5.843   -2.622  9.573   1.000 89.353  0 207 ASN A CG  1 ? 
ATOM   55  O OD1 . ASN A 1 9   ? 6.586   -2.163  10.431  1.000 95.221  0 207 ASN A OD1 1 ? 
ATOM   56  N ND2 . ASN A 1 9   ? 6.290   -3.190  8.462   1.000 95.305  0 207 ASN A ND2 1 ? 
ATOM   57  N N   . ALA A 1 10  ? 2.287   -3.081  7.124   1.000 76.731  0 208 ALA A N   1 ? 
ATOM   58  C CA  . ALA A 1 10  ? 1.005   -3.635  6.719   1.000 86.365  0 208 ALA A CA  1 ? 
ATOM   59  C C   . ALA A 1 10  ? 1.175   -5.067  6.227   1.000 87.218  0 208 ALA A C   1 ? 
ATOM   60  O O   . ALA A 1 10  ? 2.226   -5.441  5.717   1.000 90.125  0 208 ALA A O   1 ? 
ATOM   61  C CB  . ALA A 1 10  ? 0.364   -2.774  5.650   1.000 80.378  0 208 ALA A CB  1 ? 
ATOM   62  N N   . GLU A 1 11  ? 0.100   -5.843  6.334   1.000 83.144  0 209 GLU A N   1 ? 
ATOM   63  C CA  . GLU A 1 11  ? 0.093   -7.127  5.678   1.000 74.537  0 209 GLU A CA  1 ? 
ATOM   64  C C   . GLU A 1 11  ? -0.809  -7.054  4.470   1.000 77.247  0 209 GLU A C   1 ? 
ATOM   65  O O   . GLU A 1 11  ? -2.003  -6.765  4.590   1.000 83.647  0 209 GLU A O   1 ? 
ATOM   66  C CB  . GLU A 1 11  ? -0.444  -8.201  6.607   1.000 93.278  0 209 GLU A CB  1 ? 
ATOM   67  C CG  . GLU A 1 11  ? 0.641   -8.826  7.442   1.000 102.572 0 209 GLU A CG  1 ? 
ATOM   68  C CD  . GLU A 1 11  ? 0.009   -9.846  8.353   1.000 113.019 0 209 GLU A CD  1 ? 
ATOM   69  O OE1 . GLU A 1 11  ? -1.035  -10.415 7.949   1.000 112.877 0 209 GLU A OE1 1 ? 
ATOM   70  O OE2 . GLU A 1 11  ? 0.537   -10.042 9.459   1.000 133.034 0 209 GLU A OE2 1 ? 
ATOM   71  N N   . VAL A 1 12  ? -0.213  -7.359  3.319   1.000 66.985  0 210 VAL A N   1 ? 
ATOM   72  C CA  . VAL A 1 12  ? -1.021  -7.518  2.129   1.000 77.059  0 210 VAL A CA  1 ? 
ATOM   73  C C   . VAL A 1 12  ? -1.049  -8.998  1.764   1.000 81.265  0 210 VAL A C   1 ? 
ATOM   74  O O   . VAL A 1 12  ? 0.009   -9.593  1.555   1.000 75.006  0 210 VAL A O   1 ? 
ATOM   75  C CB  . VAL A 1 12  ? -0.490  -6.629  0.990   1.000 78.182  0 210 VAL A CB  1 ? 
ATOM   76  C CG1 . VAL A 1 12  ? -1.140  -6.948  -0.354  1.000 67.311  0 210 VAL A CG1 1 ? 
ATOM   77  C CG2 . VAL A 1 12  ? -0.675  -5.164  1.348   1.000 79.098  0 210 VAL A CG2 1 ? 
ATOM   78  N N   . ASN A 1 13  ? -2.269  -9.563  1.707   1.000 81.386  0 211 ASN A N   1 ? 
ATOM   79  C CA  . ASN A 1 13  ? -2.512  -10.980 1.463   1.000 79.095  0 211 ASN A CA  1 ? 
ATOM   80  C C   . ASN A 1 13  ? -1.614  -11.816 2.379   1.000 89.632  0 211 ASN A C   1 ? 
ATOM   81  O O   . ASN A 1 13  ? -0.911  -12.736 1.937   1.000 85.263  0 211 ASN A O   1 ? 
ATOM   82  C CB  . ASN A 1 13  ? -2.511  -11.339 -0.025  1.000 72.109  0 211 ASN A CB  1 ? 
ATOM   83  C CG  . ASN A 1 13  ? -3.868  -11.166 -0.670  1.000 74.093  0 211 ASN A CG  1 ? 
ATOM   84  O OD1 . ASN A 1 13  ? -4.773  -10.566 -0.100  1.000 95.741  0 211 ASN A OD1 1 ? 
ATOM   85  N ND2 . ASN A 1 13  ? -4.030  -11.677 -1.875  1.000 88.389  0 211 ASN A ND2 1 ? 
ATOM   86  N N   . GLY A 1 14  ? -1.650  -11.434 3.665   1.000 79.663  0 212 GLY A N   1 ? 
ATOM   87  C CA  . GLY A 1 14  ? -0.959  -12.133 4.729   1.000 77.244  0 212 GLY A CA  1 ? 
ATOM   88  C C   . GLY A 1 14  ? 0.561   -11.985 4.693   1.000 79.810  0 212 GLY A C   1 ? 
ATOM   89  O O   . GLY A 1 14  ? 1.262   -12.640 5.466   1.000 88.695  0 212 GLY A O   1 ? 
ATOM   90  N N   . ILE A 1 15  ? 1.078   -11.108 3.830   1.000 84.225  0 213 ILE A N   1 ? 
ATOM   91  C CA  . ILE A 1 15  ? 2.508   -10.839 3.884   1.000 87.477  0 213 ILE A CA  1 ? 
ATOM   92  C C   . ILE A 1 15  ? 2.783   -9.447  4.455   1.000 81.905  0 213 ILE A C   1 ? 
ATOM   93  O O   . ILE A 1 15  ? 2.174   -8.464  4.027   1.000 87.882  0 213 ILE A O   1 ? 
ATOM   94  C CB  . ILE A 1 15  ? 3.186   -11.044 2.523   1.000 84.886  0 213 ILE A CB  1 ? 
ATOM   95  C CG1 . ILE A 1 15  ? 3.362   -12.530 2.188   1.000 86.609  0 213 ILE A CG1 1 ? 
ATOM   96  C CG2 . ILE A 1 15  ? 4.505   -10.307 2.539   1.000 74.754  0 213 ILE A CG2 1 ? 
ATOM   97  C CD1 . ILE A 1 15  ? 2.238   -13.114 1.355   1.000 107.777 0 213 ILE A CD1 1 ? 
ATOM   98  N N   . SER A 1 16  ? 3.716   -9.415  5.419   1.000 78.079  0 214 SER A N   1 ? 
ATOM   99  C CA  . SER A 1 16  ? 4.214   -8.222  6.090   1.000 85.380  0 214 SER A CA  1 ? 
ATOM   100 C C   . SER A 1 16  ? 5.054   -7.397  5.119   1.000 87.550  0 214 SER A C   1 ? 
ATOM   101 O O   . SER A 1 16  ? 6.040   -7.900  4.582   1.000 89.212  0 214 SER A O   1 ? 
ATOM   102 C CB  . SER A 1 16  ? 5.034   -8.589  7.316   1.000 76.825  0 214 SER A CB  1 ? 
ATOM   103 O OG  . SER A 1 16  ? 4.201   -8.923  8.420   1.000 95.459  0 214 SER A OG  1 ? 
ATOM   104 N N   . ILE A 1 17  ? 4.640   -6.141  4.882   1.000 85.659  0 215 ILE A N   1 ? 
ATOM   105 C CA  . ILE A 1 17  ? 5.429   -5.236  4.060   1.000 87.542  0 215 ILE A CA  1 ? 
ATOM   106 C C   . ILE A 1 17  ? 5.440   -3.819  4.628   1.000 88.997  0 215 ILE A C   1 ? 
ATOM   107 O O   . ILE A 1 17  ? 4.844   -3.534  5.672   1.000 86.682  0 215 ILE A O   1 ? 
ATOM   108 C CB  . ILE A 1 17  ? 5.018   -5.244  2.576   1.000 76.174  0 215 ILE A CB  1 ? 
ATOM   109 C CG1 . ILE A 1 17  ? 3.639   -4.645  2.335   1.000 78.542  0 215 ILE A CG1 1 ? 
ATOM   110 C CG2 . ILE A 1 17  ? 5.135   -6.629  1.979   1.000 76.832  0 215 ILE A CG2 1 ? 
ATOM   111 C CD1 . ILE A 1 17  ? 3.259   -4.712  0.882   1.000 94.259  0 215 ILE A CD1 1 ? 
ATOM   112 N N   . LYS A 1 18  ? 6.171   -2.958  3.906   1.000 72.178  0 216 LYS A N   1 ? 
ATOM   113 C CA  . LYS A 1 18  ? 6.355   -1.568  4.265   1.000 77.850  0 216 LYS A CA  1 ? 
ATOM   114 C C   . LYS A 1 18  ? 5.675   -0.732  3.179   1.000 82.175  0 216 LYS A C   1 ? 
ATOM   115 O O   . LYS A 1 18  ? 6.076   -0.749  2.005   1.000 81.901  0 216 LYS A O   1 ? 
ATOM   116 C CB  . LYS A 1 18  ? 7.837   -1.272  4.570   1.000 67.976  0 216 LYS A CB  1 ? 
ATOM   117 N N   . ALA A 1 19  ? 4.611   -0.028  3.590   1.000 76.031  0 217 ALA A N   1 ? 
ATOM   118 C CA  . ALA A 1 19  ? 3.816   0.793   2.690   1.000 73.689  0 217 ALA A CA  1 ? 
ATOM   119 C C   . ALA A 1 19  ? 4.271   2.256   2.729   1.000 77.409  0 217 ALA A C   1 ? 
ATOM   120 O O   . ALA A 1 19  ? 4.237   2.928   3.769   1.000 68.296  0 217 ALA A O   1 ? 
ATOM   121 C CB  . ALA A 1 19  ? 2.366   0.643   3.053   1.000 68.495  0 217 ALA A CB  1 ? 
ATOM   122 N N   . PHE A 1 20  ? 4.724   2.735   1.566   1.000 81.992  0 218 PHE A N   1 ? 
ATOM   123 C CA  . PHE A 1 20  ? 5.067   4.135   1.384   1.000 84.357  0 218 PHE A CA  1 ? 
ATOM   124 C C   . PHE A 1 20  ? 3.771   4.934   1.268   1.000 81.627  0 218 PHE A C   1 ? 
ATOM   125 O O   . PHE A 1 20  ? 3.000   4.698   0.341   1.000 92.616  0 218 PHE A O   1 ? 
ATOM   126 C CB  . PHE A 1 20  ? 5.926   4.267   0.127   1.000 88.014  0 218 PHE A CB  1 ? 
ATOM   127 C CG  . PHE A 1 20  ? 6.258   5.683   -0.261  1.000 101.633 0 218 PHE A CG  1 ? 
ATOM   128 C CD1 . PHE A 1 20  ? 7.110   6.454   0.514   1.000 98.373  0 218 PHE A CD1 1 ? 
ATOM   129 C CD2 . PHE A 1 20  ? 5.731   6.236   -1.418  1.000 107.263 0 218 PHE A CD2 1 ? 
ATOM   130 C CE1 . PHE A 1 20  ? 7.416   7.752   0.145   1.000 104.493 0 218 PHE A CE1 1 ? 
ATOM   131 C CE2 . PHE A 1 20  ? 6.041   7.537   -1.784  1.000 97.518  0 218 PHE A CE2 1 ? 
ATOM   132 C CZ  . PHE A 1 20  ? 6.881   8.288   -1.002  1.000 92.523  0 218 PHE A CZ  1 ? 
ATOM   133 N N   . VAL A 1 21  ? 3.523   5.834   2.226   1.000 64.902  0 219 VAL A N   1 ? 
ATOM   134 C CA  . VAL A 1 21  ? 2.315   6.646   2.243   1.000 69.216  0 219 VAL A CA  1 ? 
ATOM   135 C C   . VAL A 1 21  ? 2.567   7.932   1.454   1.000 73.454  0 219 VAL A C   1 ? 
ATOM   136 O O   . VAL A 1 21  ? 3.543   8.630   1.742   1.000 80.304  0 219 VAL A O   1 ? 
ATOM   137 C CB  . VAL A 1 21  ? 1.871   6.900   3.694   1.000 63.888  0 219 VAL A CB  1 ? 
ATOM   138 C CG1 . VAL A 1 21  ? 0.609   7.744   3.793   1.000 55.373  0 219 VAL A CG1 1 ? 
ATOM   139 C CG2 . VAL A 1 21  ? 1.668   5.572   4.398   1.000 64.739  0 219 VAL A CG2 1 ? 
ATOM   140 N N   . ASP A 1 22  ? 1.691   8.198   0.455   1.000 66.076  0 220 ASP A N   1 ? 
ATOM   141 C CA  . ASP A 1 22  ? 1.885   9.178   -0.613  1.000 71.158  0 220 ASP A CA  1 ? 
ATOM   142 C C   . ASP A 1 22  ? 0.551   9.798   -1.023  1.000 66.605  0 220 ASP A C   1 ? 
ATOM   143 O O   . ASP A 1 22  ? -0.169  9.225   -1.831  1.000 81.663  0 220 ASP A O   1 ? 
ATOM   144 C CB  . ASP A 1 22  ? 2.520   8.577   -1.876  1.000 69.030  0 220 ASP A CB  1 ? 
ATOM   145 C CG  . ASP A 1 22  ? 3.032   9.630   -2.855  1.000 84.350  0 220 ASP A CG  1 ? 
ATOM   146 O OD1 . ASP A 1 22  ? 2.953   10.823  -2.519  1.000 94.866  0 220 ASP A OD1 1 ? 
ATOM   147 O OD2 . ASP A 1 22  ? 3.532   9.255   -3.942  1.000 84.203  0 220 ASP A OD2 1 ? 
ATOM   148 N N   . SER A 1 23  ? 0.264   10.998  -0.519  1.000 65.321  0 221 SER A N   1 ? 
ATOM   149 C CA  . SER A 1 23  ? -0.946  11.738  -0.854  1.000 67.663  0 221 SER A CA  1 ? 
ATOM   150 C C   . SER A 1 23  ? -0.880  12.376  -2.250  1.000 64.874  0 221 SER A C   1 ? 
ATOM   151 O O   . SER A 1 23  ? -1.856  12.953  -2.757  1.000 79.141  0 221 SER A O   1 ? 
ATOM   152 C CB  . SER A 1 23  ? -1.161  12.795  0.167   1.000 67.102  0 221 SER A CB  1 ? 
ATOM   153 O OG  . SER A 1 23  ? -0.051  13.684  0.133   1.000 85.514  0 221 SER A OG  1 ? 
ATOM   154 N N   . GLY A 1 24  ? 0.291   12.323  -2.870  1.000 53.982  0 222 GLY A N   1 ? 
ATOM   155 C CA  . GLY A 1 24  ? 0.396   12.922  -4.183  1.000 65.188  0 222 GLY A CA  1 ? 
ATOM   156 C C   . GLY A 1 24  ? 0.183   11.886  -5.277  1.000 73.926  0 222 GLY A C   1 ? 
ATOM   157 O O   . GLY A 1 24  ? 0.457   12.168  -6.436  1.000 91.840  0 222 GLY A O   1 ? 
ATOM   158 N N   . ALA A 1 25  ? -0.271  10.687  -4.884  1.000 81.091  0 223 ALA A N   1 ? 
ATOM   159 C CA  . ALA A 1 25  ? -0.515  9.577   -5.799  1.000 71.984  0 223 ALA A CA  1 ? 
ATOM   160 C C   . ALA A 1 25  ? -2.000  9.224   -5.842  1.000 74.937  0 223 ALA A C   1 ? 
ATOM   161 O O   . ALA A 1 25  ? -2.613  8.896   -4.816  1.000 78.958  0 223 ALA A O   1 ? 
ATOM   162 C CB  . ALA A 1 25  ? 0.343   8.371   -5.467  1.000 60.005  0 223 ALA A CB  1 ? 
ATOM   163 N N   . GLN A 1 26  ? -2.535  9.277   -7.067  1.000 77.186  0 224 GLN A N   1 ? 
ATOM   164 C CA  . GLN A 1 26  ? -3.912  8.934   -7.362  1.000 86.922  0 224 GLN A CA  1 ? 
ATOM   165 C C   . GLN A 1 26  ? -4.200  7.481   -6.960  1.000 80.954  0 224 GLN A C   1 ? 
ATOM   166 O O   . GLN A 1 26  ? -5.162  7.215   -6.245  1.000 96.420  0 224 GLN A O   1 ? 
ATOM   167 C CB  . GLN A 1 26  ? -4.219  9.333   -8.813  1.000 100.746 0 224 GLN A CB  1 ? 
ATOM   168 C CG  . GLN A 1 26  ? -5.703  9.472   -9.113  1.000 134.301 0 224 GLN A CG  1 ? 
ATOM   169 C CD  . GLN A 1 26  ? -6.455  10.016  -7.922  1.000 175.324 0 224 GLN A CD  1 ? 
ATOM   170 O OE1 . GLN A 1 26  ? -6.348  11.193  -7.587  1.000 217.730 0 224 GLN A OE1 1 ? 
ATOM   171 N NE2 . GLN A 1 26  ? -7.206  9.150   -7.256  1.000 166.071 0 224 GLN A NE2 1 ? 
ATOM   172 N N   . THR A 1 27  ? -3.329  6.550   -7.366  1.000 89.035  0 225 THR A N   1 ? 
ATOM   173 C CA  . THR A 1 27  ? -3.607  5.119   -7.315  1.000 94.503  0 225 THR A CA  1 ? 
ATOM   174 C C   . THR A 1 27  ? -2.554  4.376   -6.499  1.000 87.324  0 225 THR A C   1 ? 
ATOM   175 O O   . THR A 1 27  ? -1.366  4.520   -6.783  1.000 89.685  0 225 THR A O   1 ? 
ATOM   176 C CB  . THR A 1 27  ? -3.447  4.506   -8.713  1.000 82.863  0 225 THR A CB  1 ? 
ATOM   177 O OG1 . THR A 1 27  ? -4.201  5.332   -9.597  1.000 96.792  0 225 THR A OG1 1 ? 
ATOM   178 C CG2 . THR A 1 27  ? -3.909  3.069   -8.787  1.000 81.722  0 225 THR A CG2 1 ? 
ATOM   179 N N   . THR A 1 28  ? -3.001  3.524   -5.561  1.000 74.556  0 226 THR A N   1 ? 
ATOM   180 C CA  . THR A 1 28  ? -2.142  2.547   -4.895  1.000 73.516  0 226 THR A CA  1 ? 
ATOM   181 C C   . THR A 1 28  ? -1.486  1.610   -5.918  1.000 67.651  0 226 THR A C   1 ? 
ATOM   182 O O   . THR A 1 28  ? -2.168  1.028   -6.772  1.000 73.407  0 226 THR A O   1 ? 
ATOM   183 C CB  . THR A 1 28  ? -2.925  1.737   -3.849  1.000 74.192  0 226 THR A CB  1 ? 
ATOM   184 O OG1 . THR A 1 28  ? -3.444  2.581   -2.822  1.000 74.603  0 226 THR A OG1 1 ? 
ATOM   185 C CG2 . THR A 1 28  ? -2.100  0.634   -3.223  1.000 72.491  0 226 THR A CG2 1 ? 
ATOM   186 N N   . ILE A 1 29  ? -0.156  1.470   -5.842  1.000 63.918  0 227 ILE A N   1 ? 
ATOM   187 C CA  . ILE A 1 29  ? 0.576   0.670   -6.822  1.000 76.230  0 227 ILE A CA  1 ? 
ATOM   188 C C   . ILE A 1 29  ? 1.629   -0.196  -6.134  1.000 77.173  0 227 ILE A C   1 ? 
ATOM   189 O O   . ILE A 1 29  ? 2.122   0.080   -5.036  1.000 75.537  0 227 ILE A O   1 ? 
ATOM   190 C CB  . ILE A 1 29  ? 1.236   1.491   -7.968  1.000 68.260  0 227 ILE A CB  1 ? 
ATOM   191 C CG1 . ILE A 1 29  ? 2.291   2.473   -7.470  1.000 70.355  0 227 ILE A CG1 1 ? 
ATOM   192 C CG2 . ILE A 1 29  ? 0.221   2.188   -8.849  1.000 75.637  0 227 ILE A CG2 1 ? 
ATOM   193 C CD1 . ILE A 1 29  ? 3.625   1.839   -7.116  1.000 96.486  0 227 ILE A CD1 1 ? 
ATOM   194 N N   . MET A 1 30  ? 2.076   -1.187  -6.887  1.000 81.063  0 228 MET A N   1 ? 
ATOM   195 C CA  . MET A 1 30  ? 3.086   -2.071  -6.362  1.000 80.638  0 228 MET A CA  1 ? 
ATOM   196 C C   . MET A 1 30  ? 4.038   -2.458  -7.487  1.000 80.656  0 228 MET A C   1 ? 
ATOM   197 O O   . MET A 1 30  ? 3.653   -2.614  -8.650  1.000 74.014  0 228 MET A O   1 ? 
ATOM   198 C CB  . MET A 1 30  ? 2.383   -3.320  -5.850  1.000 83.374  0 228 MET A CB  1 ? 
ATOM   199 C CG  . MET A 1 30  ? 3.266   -4.220  -5.069  1.000 93.088  0 228 MET A CG  1 ? 
ATOM   200 S SD  . MET A 1 30  ? 2.216   -5.562  -4.514  1.000 85.197  0 228 MET A SD  1 ? 
ATOM   201 C CE  . MET A 1 30  ? 1.931   -5.065  -2.818  1.000 86.222  0 228 MET A CE  1 ? 
ATOM   202 N N   . SER A 1 31  ? 5.296   -2.617  -7.106  1.000 75.235  0 229 SER A N   1 ? 
ATOM   203 C CA  . SER A 1 31  ? 6.289   -3.102  -8.042  1.000 82.483  0 229 SER A CA  1 ? 
ATOM   204 C C   . SER A 1 31  ? 6.029   -4.572  -8.360  1.000 85.265  0 229 SER A C   1 ? 
ATOM   205 O O   . SER A 1 31  ? 5.656   -5.356  -7.475  1.000 70.766  0 229 SER A O   1 ? 
ATOM   206 C CB  . SER A 1 31  ? 7.652   -2.951  -7.436  1.000 94.645  0 229 SER A CB  1 ? 
ATOM   207 O OG  . SER A 1 31  ? 7.924   -4.046  -6.568  1.000 86.577  0 229 SER A OG  1 ? 
ATOM   208 N N   . LYS A 1 32  ? 6.318   -4.935  -9.615  1.000 78.954  0 230 LYS A N   1 ? 
ATOM   209 C CA  . LYS A 1 32  ? 6.362   -6.330  -10.028 1.000 76.669  0 230 LYS A CA  1 ? 
ATOM   210 C C   . LYS A 1 32  ? 7.201   -7.208  -9.080  1.000 70.654  0 230 LYS A C   1 ? 
ATOM   211 O O   . LYS A 1 32  ? 6.855   -8.367  -8.871  1.000 63.624  0 230 LYS A O   1 ? 
ATOM   212 C CB  . LYS A 1 32  ? 6.776   -6.415  -11.497 1.000 63.828  0 230 LYS A CB  1 ? 
ATOM   213 C CG  . LYS A 1 32  ? 7.160   -7.809  -11.956 1.000 72.143  0 230 LYS A CG  1 ? 
ATOM   214 C CD  . LYS A 1 32  ? 5.965   -8.686  -12.200 1.000 89.643  0 230 LYS A CD  1 ? 
ATOM   215 C CE  . LYS A 1 32  ? 6.358   -10.131 -12.415 1.000 102.886 0 230 LYS A CE  1 ? 
ATOM   216 N NZ  . LYS A 1 32  ? 7.769   -10.275 -12.846 1.000 101.152 0 230 LYS A NZ  1 ? 
ATOM   217 N N   . LYS A 1 33  ? 8.308   -6.681  -8.524  1.000 69.895  0 231 LYS A N   1 ? 
ATOM   218 C CA  . LYS A 1 33  ? 9.167   -7.478  -7.654  1.000 72.542  0 231 LYS A CA  1 ? 
ATOM   219 C C   . LYS A 1 33  ? 8.413   -7.734  -6.351  1.000 77.140  0 231 LYS A C   1 ? 
ATOM   220 O O   . LYS A 1 33  ? 8.513   -8.821  -5.777  1.000 84.345  0 231 LYS A O   1 ? 
ATOM   221 C CB  . LYS A 1 33  ? 10.571  -6.866  -7.457  1.000 61.021  0 231 LYS A CB  1 ? 
ATOM   222 N N   . CYS A 1 34  ? 7.634   -6.733  -5.913  1.000 75.826  0 232 CYS A N   1 ? 
ATOM   223 C CA  . CYS A 1 34  ? 6.861   -6.863  -4.689  1.000 74.987  0 232 CYS A CA  1 ? 
ATOM   224 C C   . CYS A 1 34  ? 5.701   -7.827  -4.913  1.000 78.933  0 232 CYS A C   1 ? 
ATOM   225 O O   . CYS A 1 34  ? 5.379   -8.618  -4.031  1.000 84.256  0 232 CYS A O   1 ? 
ATOM   226 C CB  . CYS A 1 34  ? 6.271   -5.530  -4.269  1.000 75.456  0 232 CYS A CB  1 ? 
ATOM   227 S SG  . CYS A 1 34  ? 5.754   -5.491  -2.534  1.000 98.095  0 232 CYS A SG  1 ? 
ATOM   228 N N   . ALA A 1 35  ? 5.082   -7.752  -6.097  1.000 69.708  0 233 ALA A N   1 ? 
ATOM   229 C CA  . ALA A 1 35  ? 3.995   -8.642  -6.470  1.000 69.572  0 233 ALA A CA  1 ? 
ATOM   230 C C   . ALA A 1 35  ? 4.430   -10.098 -6.330  1.000 82.934  0 233 ALA A C   1 ? 
ATOM   231 O O   . ALA A 1 35  ? 3.721   -10.889 -5.718  1.000 111.120 0 233 ALA A O   1 ? 
ATOM   232 C CB  . ALA A 1 35  ? 3.542   -8.338  -7.878  1.000 69.820  0 233 ALA A CB  1 ? 
ATOM   233 N N   . GLU A 1 36  ? 5.583   -10.444 -6.922  1.000 100.771 0 234 GLU A N   1 ? 
ATOM   234 C CA  . GLU A 1 36  ? 6.223   -11.743 -6.744  1.000 98.739  0 234 GLU A CA  1 ? 
ATOM   235 C C   . GLU A 1 36  ? 6.321   -12.100 -5.256  1.000 92.166  0 234 GLU A C   1 ? 
ATOM   236 O O   . GLU A 1 36  ? 5.809   -13.134 -4.842  1.000 108.888 0 234 GLU A O   1 ? 
ATOM   237 C CB  . GLU A 1 36  ? 7.607   -11.753 -7.396  1.000 99.520  0 234 GLU A CB  1 ? 
ATOM   238 C CG  . GLU A 1 36  ? 7.599   -11.499 -8.897  1.000 116.009 0 234 GLU A CG  1 ? 
ATOM   239 C CD  . GLU A 1 36  ? 8.894   -10.910 -9.441  1.000 114.205 0 234 GLU A CD  1 ? 
ATOM   240 O OE1 . GLU A 1 36  ? 9.882   -10.878 -8.676  1.000 111.336 0 234 GLU A OE1 1 ? 
ATOM   241 O OE2 . GLU A 1 36  ? 8.917   -10.468 -10.623 1.000 93.903  0 234 GLU A OE2 1 ? 
ATOM   242 N N   . LYS A 1 37  ? 6.946   -11.221 -4.458  1.000 86.586  0 235 LYS A N   1 ? 
ATOM   243 C CA  . LYS A 1 37  ? 7.236   -11.430 -3.043  1.000 85.109  0 235 LYS A CA  1 ? 
ATOM   244 C C   . LYS A 1 37  ? 5.980   -11.628 -2.189  1.000 89.380  0 235 LYS A C   1 ? 
ATOM   245 O O   . LYS A 1 37  ? 6.116   -11.947 -1.017  1.000 103.797 0 235 LYS A O   1 ? 
ATOM   246 C CB  . LYS A 1 37  ? 8.071   -10.273 -2.468  1.000 69.755  0 235 LYS A CB  1 ? 
ATOM   247 N N   . CYS A 1 38  ? 4.765   -11.407 -2.721  1.000 112.031 0 236 CYS A N   1 ? 
ATOM   248 C CA  . CYS A 1 38  ? 3.545   -11.528 -1.917  1.000 115.267 0 236 CYS A CA  1 ? 
ATOM   249 C C   . CYS A 1 38  ? 2.622   -12.632 -2.459  1.000 112.238 0 236 CYS A C   1 ? 
ATOM   250 O O   . CYS A 1 38  ? 1.500   -12.810 -1.969  1.000 118.910 0 236 CYS A O   1 ? 
ATOM   251 C CB  . CYS A 1 38  ? 2.770   -10.211 -1.847  1.000 120.733 0 236 CYS A CB  1 ? 
ATOM   252 S SG  . CYS A 1 38  ? 3.578   -8.840  -0.967  1.000 102.473 0 236 CYS A SG  1 ? 
ATOM   253 N N   . ASN A 1 39  ? 3.117   -13.374 -3.462  1.000 102.003 0 237 ASN A N   1 ? 
ATOM   254 C CA  . ASN A 1 39  ? 2.405   -14.422 -4.178  1.000 103.800 0 237 ASN A CA  1 ? 
ATOM   255 C C   . ASN A 1 39  ? 1.138   -13.841 -4.782  1.000 100.400 0 237 ASN A C   1 ? 
ATOM   256 O O   . ASN A 1 39  ? 0.064   -14.424 -4.641  1.000 100.418 0 237 ASN A O   1 ? 
ATOM   257 C CB  . ASN A 1 39  ? 2.066   -15.630 -3.305  1.000 108.772 0 237 ASN A CB  1 ? 
ATOM   258 C CG  . ASN A 1 39  ? 3.259   -16.104 -2.508  1.000 116.654 0 237 ASN A CG  1 ? 
ATOM   259 O OD1 . ASN A 1 39  ? 4.274   -16.491 -3.089  1.000 139.521 0 237 ASN A OD1 1 ? 
ATOM   260 N ND2 . ASN A 1 39  ? 3.140   -16.077 -1.181  1.000 106.520 0 237 ASN A ND2 1 ? 
ATOM   261 N N   . LEU A 1 40  ? 1.298   -12.700 -5.462  1.000 77.588  0 238 LEU A N   1 ? 
ATOM   262 C CA  . LEU A 1 40  ? 0.168   -11.960 -5.989  1.000 72.333  0 238 LEU A CA  1 ? 
ATOM   263 C C   . LEU A 1 40  ? 0.151   -12.026 -7.512  1.000 77.880  0 238 LEU A C   1 ? 
ATOM   264 O O   . LEU A 1 40  ? -0.711  -11.429 -8.155  1.000 87.634  0 238 LEU A O   1 ? 
ATOM   265 C CB  . LEU A 1 40  ? 0.239   -10.505 -5.516  1.000 65.164  0 238 LEU A CB  1 ? 
ATOM   266 C CG  . LEU A 1 40  ? 0.079   -10.284 -4.012  1.000 72.959  0 238 LEU A CG  1 ? 
ATOM   267 C CD1 . LEU A 1 40  ? -0.225  -8.833  -3.719  1.000 76.937  0 238 LEU A CD1 1 ? 
ATOM   268 C CD2 . LEU A 1 40  ? -1.005  -11.172 -3.419  1.000 87.053  0 238 LEU A CD2 1 ? 
ATOM   269 N N   . VAL A 1 41  ? 1.086   -12.769 -8.101  1.000 79.363  0 239 VAL A N   1 ? 
ATOM   270 C CA  . VAL A 1 41  ? 1.177   -12.692 -9.547  1.000 88.850  0 239 VAL A CA  1 ? 
ATOM   271 C C   . VAL A 1 41  ? -0.021  -13.399 -10.165 1.000 86.764  0 239 VAL A C   1 ? 
ATOM   272 O O   . VAL A 1 41  ? -0.463  -13.034 -11.256 1.000 87.146  0 239 VAL A O   1 ? 
ATOM   273 C CB  . VAL A 1 41  ? 2.522   -13.215 -10.080 1.000 95.025  0 239 VAL A CB  1 ? 
ATOM   274 C CG1 . VAL A 1 41  ? 3.682   -12.550 -9.344  1.000 103.123 0 239 VAL A CG1 1 ? 
ATOM   275 C CG2 . VAL A 1 41  ? 2.608   -14.740 -10.024 1.000 100.352 0 239 VAL A CG2 1 ? 
ATOM   276 N N   . ARG A 1 42  ? -0.549  -14.383 -9.427  1.000 90.351  0 240 ARG A N   1 ? 
ATOM   277 C CA  . ARG A 1 42  ? -1.651  -15.203 -9.905  1.000 87.812  0 240 ARG A CA  1 ? 
ATOM   278 C C   . ARG A 1 42  ? -2.915  -14.349 -9.993  1.000 93.434  0 240 ARG A C   1 ? 
ATOM   279 O O   . ARG A 1 42  ? -3.702  -14.538 -10.920 1.000 92.626  0 240 ARG A O   1 ? 
ATOM   280 C CB  . ARG A 1 42  ? -1.782  -16.462 -9.048  1.000 85.440  0 240 ARG A CB  1 ? 
ATOM   281 C CG  . ARG A 1 42  ? -1.583  -16.190 -7.564  1.000 97.813  0 240 ARG A CG  1 ? 
ATOM   282 C CD  . ARG A 1 42  ? -1.893  -17.409 -6.714  1.000 130.126 0 240 ARG A CD  1 ? 
ATOM   283 N NE  . ARG A 1 42  ? -0.939  -18.490 -6.926  1.000 135.163 0 240 ARG A NE  1 ? 
ATOM   284 C CZ  . ARG A 1 42  ? 0.149   -18.698 -6.187  1.000 162.131 0 240 ARG A CZ  1 ? 
ATOM   285 N NH1 . ARG A 1 42  ? 0.438   -17.899 -5.169  1.000 158.008 0 240 ARG A NH1 1 ? 
ATOM   286 N NH2 . ARG A 1 42  ? 0.948   -19.712 -6.477  1.000 174.427 0 240 ARG A NH2 1 ? 
ATOM   287 N N   . LEU A 1 43  ? -3.034  -13.372 -9.074  1.000 81.646  0 241 LEU A N   1 ? 
ATOM   288 C CA  . LEU A 1 43  ? -4.180  -12.490 -8.908  1.000 73.114  0 241 LEU A CA  1 ? 
ATOM   289 C C   . LEU A 1 43  ? -4.274  -11.472 -10.043 1.000 79.900  0 241 LEU A C   1 ? 
ATOM   290 O O   . LEU A 1 43  ? -5.327  -10.846 -10.244 1.000 84.772  0 241 LEU A O   1 ? 
ATOM   291 C CB  . LEU A 1 43  ? -4.034  -11.765 -7.568  1.000 65.422  0 241 LEU A CB  1 ? 
ATOM   292 C CG  . LEU A 1 43  ? -4.395  -12.631 -6.366  1.000 68.375  0 241 LEU A CG  1 ? 
ATOM   293 C CD1 . LEU A 1 43  ? -3.223  -13.510 -5.967  1.000 79.032  0 241 LEU A CD1 1 ? 
ATOM   294 C CD2 . LEU A 1 43  ? -4.813  -11.776 -5.187  1.000 74.995  0 241 LEU A CD2 1 ? 
ATOM   295 N N   . ILE A 1 44  ? -3.170  -11.312 -10.782 1.000 72.646  0 242 ILE A N   1 ? 
ATOM   296 C CA  . ILE A 1 44  ? -3.058  -10.183 -11.689 1.000 78.804  0 242 ILE A CA  1 ? 
ATOM   297 C C   . ILE A 1 44  ? -3.944  -10.394 -12.901 1.000 79.577  0 242 ILE A C   1 ? 
ATOM   298 O O   . ILE A 1 44  ? -3.816  -11.396 -13.593 1.000 81.985  0 242 ILE A O   1 ? 
ATOM   299 C CB  . ILE A 1 44  ? -1.622  -9.928  -12.158 1.000 78.192  0 242 ILE A CB  1 ? 
ATOM   300 C CG1 . ILE A 1 44  ? -0.738  -9.490  -10.995 1.000 71.172  0 242 ILE A CG1 1 ? 
ATOM   301 C CG2 . ILE A 1 44  ? -1.636  -8.906  -13.289 1.000 77.105  0 242 ILE A CG2 1 ? 
ATOM   302 C CD1 . ILE A 1 44  ? 0.664   -9.180  -11.414 1.000 81.508  0 242 ILE A CD1 1 ? 
ATOM   303 N N   . ASP A 1 45  ? -4.801  -9.402  -13.142 1.000 89.685  0 243 ASP A N   1 ? 
ATOM   304 C CA  . ASP A 1 45  ? -5.605  -9.349  -14.347 1.000 85.501  0 243 ASP A CA  1 ? 
ATOM   305 C C   . ASP A 1 45  ? -4.760  -8.707  -15.441 1.000 86.502  0 243 ASP A C   1 ? 
ATOM   306 O O   . ASP A 1 45  ? -4.450  -7.520  -15.358 1.000 88.055  0 243 ASP A O   1 ? 
ATOM   307 C CB  . ASP A 1 45  ? -6.900  -8.588  -14.073 1.000 75.280  0 243 ASP A CB  1 ? 
ATOM   308 C CG  . ASP A 1 45  ? -7.705  -8.403  -15.340 1.000 82.010  0 243 ASP A CG  1 ? 
ATOM   309 O OD1 . ASP A 1 45  ? -7.396  -9.120  -16.322 1.000 83.638  0 243 ASP A OD1 1 ? 
ATOM   310 O OD2 . ASP A 1 45  ? -8.643  -7.560  -15.333 1.000 90.435  0 243 ASP A OD2 1 ? 
ATOM   311 N N   . TYR A 1 46  ? -4.383  -9.497  -16.453 1.000 84.767  0 244 TYR A N   1 ? 
ATOM   312 C CA  . TYR A 1 46  ? -3.442  -8.993  -17.440 1.000 82.283  0 244 TYR A CA  1 ? 
ATOM   313 C C   . TYR A 1 46  ? -4.176  -8.226  -18.532 1.000 85.996  0 244 TYR A C   1 ? 
ATOM   314 O O   . TYR A 1 46  ? -3.534  -7.672  -19.410 1.000 106.312 0 244 TYR A O   1 ? 
ATOM   315 C CB  . TYR A 1 46  ? -2.503  -10.083 -17.951 1.000 77.107  0 244 TYR A CB  1 ? 
ATOM   316 C CG  . TYR A 1 46  ? -1.530  -10.605 -16.923 1.000 83.770  0 244 TYR A CG  1 ? 
ATOM   317 C CD1 . TYR A 1 46  ? -1.899  -11.625 -16.058 1.000 85.874  0 244 TYR A CD1 1 ? 
ATOM   318 C CD2 . TYR A 1 46  ? -0.237  -10.106 -16.818 1.000 82.526  0 244 TYR A CD2 1 ? 
ATOM   319 C CE1 . TYR A 1 46  ? -1.021  -12.129 -15.109 1.000 88.554  0 244 TYR A CE1 1 ? 
ATOM   320 C CE2 . TYR A 1 46  ? 0.656   -10.602 -15.878 1.000 92.299  0 244 TYR A CE2 1 ? 
ATOM   321 C CZ  . TYR A 1 46  ? 0.261   -11.618 -15.022 1.000 91.429  0 244 TYR A CZ  1 ? 
ATOM   322 O OH  . TYR A 1 46  ? 1.123   -12.128 -14.100 1.000 102.368 0 244 TYR A OH  1 ? 
ATOM   323 N N   . ARG A 1 47  ? -5.509  -8.129  -18.437 1.000 95.830  0 245 ARG A N   1 ? 
ATOM   324 C CA  . ARG A 1 47  ? -6.280  -7.328  -19.382 1.000 96.235  0 245 ARG A CA  1 ? 
ATOM   325 C C   . ARG A 1 47  ? -5.941  -5.840  -19.253 1.000 103.153 0 245 ARG A C   1 ? 
ATOM   326 O O   . ARG A 1 47  ? -6.480  -5.029  -20.009 1.000 112.898 0 245 ARG A O   1 ? 
ATOM   327 C CB  . ARG A 1 47  ? -7.791  -7.561  -19.249 1.000 89.806  0 245 ARG A CB  1 ? 
ATOM   328 C CG  . ARG A 1 47  ? -8.288  -8.913  -19.746 1.000 105.167 0 245 ARG A CG  1 ? 
ATOM   329 C CD  . ARG A 1 47  ? -9.801  -9.123  -19.782 1.000 108.253 0 245 ARG A CD  1 ? 
ATOM   330 N NE  . ARG A 1 47  ? -10.469 -9.151  -18.480 1.000 122.051 0 245 ARG A NE  1 ? 
ATOM   331 C CZ  . ARG A 1 47  ? -10.950 -8.077  -17.843 1.000 133.424 0 245 ARG A CZ  1 ? 
ATOM   332 N NH1 . ARG A 1 47  ? -10.837 -6.874  -18.383 1.000 142.444 0 245 ARG A NH1 1 ? 
ATOM   333 N NH2 . ARG A 1 47  ? -11.531 -8.205  -16.661 1.000 116.965 0 245 ARG A NH2 1 ? 
ATOM   334 N N   . PHE A 1 48  ? -5.055  -5.484  -18.302 1.000 108.690 0 246 PHE A N   1 ? 
ATOM   335 C CA  . PHE A 1 48  ? -4.538  -4.121  -18.162 1.000 121.735 0 246 PHE A CA  1 ? 
ATOM   336 C C   . PHE A 1 48  ? -3.053  -4.088  -18.544 1.000 130.886 0 246 PHE A C   1 ? 
ATOM   337 O O   . PHE A 1 48  ? -2.350  -5.089  -18.397 1.000 129.828 0 246 PHE A O   1 ? 
ATOM   338 C CB  . PHE A 1 48  ? -4.864  -3.541  -16.777 1.000 104.758 0 246 PHE A CB  1 ? 
ATOM   339 C CG  . PHE A 1 48  ? -6.337  -3.538  -16.417 1.000 111.906 0 246 PHE A CG  1 ? 
ATOM   340 C CD1 . PHE A 1 48  ? -7.037  -4.720  -16.196 1.000 114.184 0 246 PHE A CD1 1 ? 
ATOM   341 C CD2 . PHE A 1 48  ? -7.043  -2.349  -16.289 1.000 107.534 0 246 PHE A CD2 1 ? 
ATOM   342 C CE1 . PHE A 1 48  ? -8.394  -4.714  -15.877 1.000 107.826 0 246 PHE A CE1 1 ? 
ATOM   343 C CE2 . PHE A 1 48  ? -8.397  -2.343  -15.968 1.000 97.127  0 246 PHE A CE2 1 ? 
ATOM   344 C CZ  . PHE A 1 48  ? -9.076  -3.525  -15.765 1.000 95.585  0 246 PHE A CZ  1 ? 
ATOM   345 N N   . SER A 1 49  ? -2.591  -2.957  -19.100 1.000 138.199 0 247 SER A N   1 ? 
ATOM   346 C CA  . SER A 1 49  ? -1.191  -2.790  -19.475 1.000 137.180 0 247 SER A CA  1 ? 
ATOM   347 C C   . SER A 1 49  ? -0.995  -1.480  -20.249 1.000 128.814 0 247 SER A C   1 ? 
ATOM   348 O O   . SER A 1 49  ? 0.149   -0.984  -20.235 1.000 121.338 0 247 SER A O   1 ? 
ATOM   349 C CB  . SER A 1 49  ? -0.633  -3.988  -20.225 1.000 124.663 0 247 SER A CB  1 ? 
ATOM   350 O OG  . SER A 1 49  ? -1.017  -3.965  -21.591 1.000 142.280 0 247 SER A OG  1 ? 
ATOM   351 N N   . LYS A 1 59  ? 5.461   1.227   -17.535 1.000 107.031 0 257 LYS A N   1 ? 
ATOM   352 C CA  . LYS A 1 59  ? 4.793   0.035   -18.127 1.000 119.499 0 257 LYS A CA  1 ? 
ATOM   353 C C   . LYS A 1 59  ? 4.055   -0.734  -17.032 1.000 117.574 0 257 LYS A C   1 ? 
ATOM   354 O O   . LYS A 1 59  ? 4.662   -1.189  -16.056 1.000 107.793 0 257 LYS A O   1 ? 
ATOM   355 C CB  . LYS A 1 59  ? 5.779   -0.852  -18.902 1.000 99.090  0 257 LYS A CB  1 ? 
ATOM   356 N N   . ILE A 1 60  ? 2.736   -0.861  -17.236 1.000 107.108 0 258 ILE A N   1 ? 
ATOM   357 C CA  . ILE A 1 60  ? 1.814   -1.556  -16.349 1.000 93.265  0 258 ILE A CA  1 ? 
ATOM   358 C C   . ILE A 1 60  ? 1.824   -3.049  -16.668 1.000 97.403  0 258 ILE A C   1 ? 
ATOM   359 O O   . ILE A 1 60  ? 1.462   -3.439  -17.782 1.000 112.973 0 258 ILE A O   1 ? 
ATOM   360 C CB  . ILE A 1 60  ? 0.386   -1.000  -16.508 1.000 80.364  0 258 ILE A CB  1 ? 
ATOM   361 C CG1 . ILE A 1 60  ? 0.314   0.501   -16.220 1.000 82.737  0 258 ILE A CG1 1 ? 
ATOM   362 C CG2 . ILE A 1 60  ? -0.596  -1.789  -15.658 1.000 76.544  0 258 ILE A CG2 1 ? 
ATOM   363 C CD1 . ILE A 1 60  ? -1.107  1.043   -16.139 1.000 78.571  0 258 ILE A CD1 1 ? 
ATOM   364 N N   . VAL A 1 61  ? 2.209   -3.860  -15.665 1.000 77.399  0 259 VAL A N   1 ? 
ATOM   365 C CA  . VAL A 1 61  ? 2.135   -5.313  -15.721 1.000 71.434  0 259 VAL A CA  1 ? 
ATOM   366 C C   . VAL A 1 61  ? 0.672   -5.763  -15.736 1.000 76.749  0 259 VAL A C   1 ? 
ATOM   367 O O   . VAL A 1 61  ? 0.351   -6.738  -16.408 1.000 92.110  0 259 VAL A O   1 ? 
ATOM   368 C CB  . VAL A 1 61  ? 2.898   -5.999  -14.565 1.000 74.708  0 259 VAL A CB  1 ? 
ATOM   369 C CG1 . VAL A 1 61  ? 2.781   -7.516  -14.630 1.000 76.281  0 259 VAL A CG1 1 ? 
ATOM   370 C CG2 . VAL A 1 61  ? 4.361   -5.594  -14.479 1.000 68.982  0 259 VAL A CG2 1 ? 
ATOM   371 N N   . GLY A 1 62  ? -0.190  -5.085  -14.954 1.000 79.680  0 260 GLY A N   1 ? 
ATOM   372 C CA  . GLY A 1 62  ? -1.595  -5.448  -14.788 1.000 71.153  0 260 GLY A CA  1 ? 
ATOM   373 C C   . GLY A 1 62  ? -2.255  -4.823  -13.552 1.000 73.653  0 260 GLY A C   1 ? 
ATOM   374 O O   . GLY A 1 62  ? -1.665  -3.977  -12.876 1.000 85.279  0 260 GLY A O   1 ? 
ATOM   375 N N   . LYS A 1 63  ? -3.481  -5.280  -13.241 1.000 76.546  0 261 LYS A N   1 ? 
ATOM   376 C CA  . LYS A 1 63  ? -4.252  -4.813  -12.094 1.000 74.355  0 261 LYS A CA  1 ? 
ATOM   377 C C   . LYS A 1 63  ? -4.681  -5.994  -11.218 1.000 67.197  0 261 LYS A C   1 ? 
ATOM   378 O O   . LYS A 1 63  ? -5.018  -7.066  -11.721 1.000 84.410  0 261 LYS A O   1 ? 
ATOM   379 C CB  . LYS A 1 63  ? -5.461  -4.003  -12.576 1.000 76.512  0 261 LYS A CB  1 ? 
ATOM   380 C CG  . LYS A 1 63  ? -6.317  -3.367  -11.492 1.000 85.772  0 261 LYS A CG  1 ? 
ATOM   381 C CD  . LYS A 1 63  ? -7.650  -2.876  -12.028 1.000 95.906  0 261 LYS A CD  1 ? 
ATOM   382 C CE  . LYS A 1 63  ? -8.449  -2.082  -11.017 1.000 100.878 0 261 LYS A CE  1 ? 
ATOM   383 N NZ  . LYS A 1 63  ? -7.544  -1.326  -10.120 1.000 116.041 0 261 LYS A NZ  1 ? 
ATOM   384 N N   . ILE A 1 64  ? -4.633  -5.793  -9.897  1.000 58.445  0 262 ILE A N   1 ? 
ATOM   385 C CA  . ILE A 1 64  ? -5.151  -6.752  -8.937  1.000 63.508  0 262 ILE A CA  1 ? 
ATOM   386 C C   . ILE A 1 64  ? -6.433  -6.163  -8.371  1.000 67.825  0 262 ILE A C   1 ? 
ATOM   387 O O   . ILE A 1 64  ? -6.417  -5.119  -7.715  1.000 70.158  0 262 ILE A O   1 ? 
ATOM   388 C CB  . ILE A 1 64  ? -4.132  -7.127  -7.837  1.000 65.399  0 262 ILE A CB  1 ? 
ATOM   389 C CG1 . ILE A 1 64  ? -2.902  -7.801  -8.449  1.000 67.524  0 262 ILE A CG1 1 ? 
ATOM   390 C CG2 . ILE A 1 64  ? -4.765  -7.983  -6.735  1.000 56.241  0 262 ILE A CG2 1 ? 
ATOM   391 C CD1 . ILE A 1 64  ? -1.825  -8.099  -7.439  1.000 72.353  0 262 ILE A CD1 1 ? 
ATOM   392 N N   . HIS A 1 65  ? -7.540  -6.847  -8.663  1.000 71.870  0 263 HIS A N   1 ? 
ATOM   393 C CA  . HIS A 1 65  ? -8.823  -6.277  -8.329  1.000 67.462  0 263 HIS A CA  1 ? 
ATOM   394 C C   . HIS A 1 65  ? -9.055  -6.359  -6.833  1.000 68.682  0 263 HIS A C   1 ? 
ATOM   395 O O   . HIS A 1 65  ? -9.469  -5.371  -6.242  1.000 77.258  0 263 HIS A O   1 ? 
ATOM   396 C CB  . HIS A 1 65  ? -9.920  -6.920  -9.142  1.000 68.590  0 263 HIS A CB  1 ? 
ATOM   397 C CG  . HIS A 1 65  ? -9.762  -6.662  -10.598 1.000 75.459  0 263 HIS A CG  1 ? 
ATOM   398 N ND1 . HIS A 1 65  ? -10.224 -5.506  -11.183 1.000 78.460  0 263 HIS A ND1 1 ? 
ATOM   399 C CD2 . HIS A 1 65  ? -9.207  -7.406  -11.584 1.000 83.131  0 263 HIS A CD2 1 ? 
ATOM   400 C CE1 . HIS A 1 65  ? -9.956  -5.545  -12.477 1.000 82.504  0 263 HIS A CE1 1 ? 
ATOM   401 N NE2 . HIS A 1 65  ? -9.353  -6.706  -12.754 1.000 72.438  0 263 HIS A NE2 1 ? 
ATOM   402 N N   . VAL A 1 66  ? -8.758  -7.506  -6.218  1.000 67.161  0 264 VAL A N   1 ? 
ATOM   403 C CA  . VAL A 1 66  ? -9.058  -7.595  -4.796  1.000 69.554  0 264 VAL A CA  1 ? 
ATOM   404 C C   . VAL A 1 66  ? -7.876  -8.149  -4.017  1.000 68.300  0 264 VAL A C   1 ? 
ATOM   405 O O   . VAL A 1 66  ? -7.426  -9.272  -4.229  1.000 82.920  0 264 VAL A O   1 ? 
ATOM   406 C CB  . VAL A 1 66  ? -10.337 -8.402  -4.500  1.000 72.959  0 264 VAL A CB  1 ? 
ATOM   407 C CG1 . VAL A 1 66  ? -10.671 -8.389  -3.017  1.000 63.776  0 264 VAL A CG1 1 ? 
ATOM   408 C CG2 . VAL A 1 66  ? -11.514 -7.905  -5.320  1.000 72.092  0 264 VAL A CG2 1 ? 
ATOM   409 N N   . ALA A 1 67  ? -7.427  -7.364  -3.050  1.000 66.776  0 265 ALA A N   1 ? 
ATOM   410 C CA  . ALA A 1 67  ? -6.393  -7.845  -2.158  1.000 67.792  0 265 ALA A CA  1 ? 
ATOM   411 C C   . ALA A 1 67  ? -6.739  -7.444  -0.719  1.000 72.532  0 265 ALA A C   1 ? 
ATOM   412 O O   . ALA A 1 67  ? -7.428  -6.446  -0.469  1.000 69.571  0 265 ALA A O   1 ? 
ATOM   413 C CB  . ALA A 1 67  ? -5.050  -7.340  -2.638  1.000 56.127  0 265 ALA A CB  1 ? 
ATOM   414 N N   . GLN A 1 68  ? -6.274  -8.256  0.234   1.000 65.711  0 266 GLN A N   1 ? 
ATOM   415 C CA  . GLN A 1 68  ? -6.574  -7.986  1.623   1.000 64.047  0 266 GLN A CA  1 ? 
ATOM   416 C C   . GLN A 1 68  ? -5.443  -7.174  2.227   1.000 68.419  0 266 GLN A C   1 ? 
ATOM   417 O O   . GLN A 1 68  ? -4.274  -7.552  2.127   1.000 72.453  0 266 GLN A O   1 ? 
ATOM   418 C CB  . GLN A 1 68  ? -6.692  -9.294  2.380   1.000 66.467  0 266 GLN A CB  1 ? 
ATOM   419 C CG  . GLN A 1 68  ? -7.390  -9.140  3.716   1.000 79.218  0 266 GLN A CG  1 ? 
ATOM   420 C CD  . GLN A 1 68  ? -7.082  -10.385 4.499   1.000 80.597  0 266 GLN A CD  1 ? 
ATOM   421 O OE1 . GLN A 1 68  ? -5.917  -10.659 4.754   1.000 99.073  0 266 GLN A OE1 1 ? 
ATOM   422 N NE2 . GLN A 1 68  ? -8.106  -11.163 4.837   1.000 84.115  0 266 GLN A NE2 1 ? 
ATOM   423 N N   . MET A 1 69  ? -5.821  -6.053  2.853   1.000 71.764  0 267 MET A N   1 ? 
ATOM   424 C CA  . MET A 1 69  ? -4.877  -5.226  3.586   1.000 70.630  0 267 MET A CA  1 ? 
ATOM   425 C C   . MET A 1 69  ? -5.112  -5.488  5.065   1.000 76.265  0 267 MET A C   1 ? 
ATOM   426 O O   . MET A 1 69  ? -6.267  -5.477  5.502   1.000 71.471  0 267 MET A O   1 ? 
ATOM   427 C CB  . MET A 1 69  ? -5.157  -3.753  3.284   1.000 77.954  0 267 MET A CB  1 ? 
ATOM   428 C CG  . MET A 1 69  ? -4.353  -2.781  4.116   1.000 91.349  0 267 MET A CG  1 ? 
ATOM   429 S SD  . MET A 1 69  ? -2.717  -2.452  3.441   1.000 94.936  0 267 MET A SD  1 ? 
ATOM   430 C CE  . MET A 1 69  ? -3.084  -1.028  2.427   1.000 91.121  0 267 MET A CE  1 ? 
ATOM   431 N N   . LYS A 1 70  ? -4.036  -5.795  5.803   1.000 71.723  0 268 LYS A N   1 ? 
ATOM   432 C CA  . LYS A 1 70  ? -4.168  -5.885  7.245   1.000 77.891  0 268 LYS A CA  1 ? 
ATOM   433 C C   . LYS A 1 70  ? -3.347  -4.750  7.826   1.000 82.427  0 268 LYS A C   1 ? 
ATOM   434 O O   . LYS A 1 70  ? -2.135  -4.719  7.624   1.000 75.786  0 268 LYS A O   1 ? 
ATOM   435 C CB  . LYS A 1 70  ? -3.709  -7.242  7.779   1.000 82.389  0 268 LYS A CB  1 ? 
ATOM   436 C CG  . LYS A 1 70  ? -3.918  -7.460  9.273   1.000 84.819  0 268 LYS A CG  1 ? 
ATOM   437 C CD  . LYS A 1 70  ? -3.334  -8.801  9.717   1.000 96.938  0 268 LYS A CD  1 ? 
ATOM   438 C CE  . LYS A 1 70  ? -3.038  -8.914  11.196  1.000 93.026  0 268 LYS A CE  1 ? 
ATOM   439 N NZ  . LYS A 1 70  ? -4.196  -8.459  11.996  1.000 106.263 0 268 LYS A NZ  1 ? 
ATOM   440 N N   . ILE A 1 71  ? -4.043  -3.808  8.474   1.000 81.359  0 269 ILE A N   1 ? 
ATOM   441 C CA  . ILE A 1 71  ? -3.388  -2.711  9.165   1.000 85.008  0 269 ILE A CA  1 ? 
ATOM   442 C C   . ILE A 1 71  ? -3.817  -2.757  10.627  1.000 88.098  0 269 ILE A C   1 ? 
ATOM   443 O O   . ILE A 1 71  ? -4.998  -2.617  10.934  1.000 89.757  0 269 ILE A O   1 ? 
ATOM   444 C CB  . ILE A 1 71  ? -3.740  -1.360  8.518   1.000 91.678  0 269 ILE A CB  1 ? 
ATOM   445 C CG1 . ILE A 1 71  ? -3.169  -1.233  7.105   1.000 89.970  0 269 ILE A CG1 1 ? 
ATOM   446 C CG2 . ILE A 1 71  ? -3.269  -0.223  9.406   1.000 105.082 0 269 ILE A CG2 1 ? 
ATOM   447 C CD1 . ILE A 1 71  ? -3.766  -0.103  6.291   1.000 80.288  0 269 ILE A CD1 1 ? 
ATOM   448 N N   . GLY A 1 72  ? -2.844  -2.959  11.520  1.000 91.634  0 270 GLY A N   1 ? 
ATOM   449 C CA  . GLY A 1 72  ? -3.145  -3.277  12.907  1.000 84.396  0 270 GLY A CA  1 ? 
ATOM   450 C C   . GLY A 1 72  ? -3.954  -4.564  12.997  1.000 87.689  0 270 GLY A C   1 ? 
ATOM   451 O O   . GLY A 1 72  ? -3.497  -5.615  12.555  1.000 89.520  0 270 GLY A O   1 ? 
ATOM   452 N N   . ASN A 1 73  ? -5.174  -4.449  13.526  1.000 99.536  0 271 ASN A N   1 ? 
ATOM   453 C CA  . ASN A 1 73  ? -6.089  -5.574  13.615  1.000 103.652 0 271 ASN A CA  1 ? 
ATOM   454 C C   . ASN A 1 73  ? -7.333  -5.268  12.795  1.000 98.737  0 271 ASN A C   1 ? 
ATOM   455 O O   . ASN A 1 73  ? -8.427  -5.684  13.168  1.000 121.838 0 271 ASN A O   1 ? 
ATOM   456 C CB  . ASN A 1 73  ? -6.506  -5.862  15.058  1.000 115.849 0 271 ASN A CB  1 ? 
ATOM   457 C CG  . ASN A 1 73  ? -5.339  -5.771  16.012  1.000 134.409 0 271 ASN A CG  1 ? 
ATOM   458 O OD1 . ASN A 1 73  ? -4.445  -6.616  15.990  1.000 153.990 0 271 ASN A OD1 1 ? 
ATOM   459 N ND2 . ASN A 1 73  ? -5.325  -4.730  16.828  1.000 141.877 0 271 ASN A ND2 1 ? 
ATOM   460 N N   . SER A 1 74  ? -7.147  -4.510  11.707  1.000 90.257  0 272 SER A N   1 ? 
ATOM   461 C CA  . SER A 1 74  ? -8.216  -4.218  10.762  1.000 81.833  0 272 SER A CA  1 ? 
ATOM   462 C C   . SER A 1 74  ? -7.851  -4.713  9.364   1.000 83.453  0 272 SER A C   1 ? 
ATOM   463 O O   . SER A 1 74  ? -6.665  -4.866  9.016   1.000 77.141  0 272 SER A O   1 ? 
ATOM   464 C CB  . SER A 1 74  ? -8.580  -2.767  10.740  1.000 78.447  0 272 SER A CB  1 ? 
ATOM   465 O OG  . SER A 1 74  ? -8.827  -2.298  12.052  1.000 103.129 0 272 SER A OG  1 ? 
ATOM   466 N N   . PHE A 1 75  ? -8.916  -4.948  8.583   1.000 69.381  0 273 PHE A N   1 ? 
ATOM   467 C CA  . PHE A 1 75  ? -8.839  -5.613  7.297   1.000 73.995  0 273 PHE A CA  1 ? 
ATOM   468 C C   . PHE A 1 75  ? -9.664  -4.822  6.282   1.000 75.591  0 273 PHE A C   1 ? 
ATOM   469 O O   . PHE A 1 75  ? -10.831 -4.525  6.530   1.000 80.293  0 273 PHE A O   1 ? 
ATOM   470 C CB  . PHE A 1 75  ? -9.328  -7.063  7.428   1.000 72.140  0 273 PHE A CB  1 ? 
ATOM   471 C CG  . PHE A 1 75  ? -8.504  -7.995  8.294   1.000 79.555  0 273 PHE A CG  1 ? 
ATOM   472 C CD1 . PHE A 1 75  ? -7.480  -8.777  7.749   1.000 76.345  0 273 PHE A CD1 1 ? 
ATOM   473 C CD2 . PHE A 1 75  ? -8.774  -8.129  9.657   1.000 74.496  0 273 PHE A CD2 1 ? 
ATOM   474 C CE1 . PHE A 1 75  ? -6.734  -9.642  8.553   1.000 69.645  0 273 PHE A CE1 1 ? 
ATOM   475 C CE2 . PHE A 1 75  ? -8.026  -8.989  10.458  1.000 69.632  0 273 PHE A CE2 1 ? 
ATOM   476 C CZ  . PHE A 1 75  ? -7.001  -9.743  9.907   1.000 69.539  0 273 PHE A CZ  1 ? 
ATOM   477 N N   . PHE A 1 76  ? -9.035  -4.480  5.147   1.000 78.330  0 274 PHE A N   1 ? 
ATOM   478 C CA  . PHE A 1 76  ? -9.637  -3.688  4.080   1.000 77.583  0 274 PHE A CA  1 ? 
ATOM   479 C C   . PHE A 1 76  ? -9.341  -4.368  2.751   1.000 75.459  0 274 PHE A C   1 ? 
ATOM   480 O O   . PHE A 1 76  ? -8.208  -4.782  2.467   1.000 77.871  0 274 PHE A O   1 ? 
ATOM   481 C CB  . PHE A 1 76  ? -9.066  -2.257  4.015   1.000 91.885  0 274 PHE A CB  1 ? 
ATOM   482 C CG  . PHE A 1 76  ? -8.789  -1.631  5.362   1.000 97.923  0 274 PHE A CG  1 ? 
ATOM   483 C CD1 . PHE A 1 76  ? -9.820  -1.083  6.119   1.000 100.517 0 274 PHE A CD1 1 ? 
ATOM   484 C CD2 . PHE A 1 76  ? -7.513  -1.657  5.911   1.000 103.758 0 274 PHE A CD2 1 ? 
ATOM   485 C CE1 . PHE A 1 76  ? -9.578  -0.551  7.381   1.000 94.715  0 274 PHE A CE1 1 ? 
ATOM   486 C CE2 . PHE A 1 76  ? -7.271  -1.144  7.182   1.000 101.208 0 274 PHE A CE2 1 ? 
ATOM   487 C CZ  . PHE A 1 76  ? -8.302  -0.588  7.911   1.000 95.223  0 274 PHE A CZ  1 ? 
ATOM   488 N N   . PRO A 1 77  ? -10.365 -4.492  1.890   1.000 71.301  0 275 PRO A N   1 ? 
ATOM   489 C CA  . PRO A 1 77  ? -10.157 -4.851  0.481   1.000 73.131  0 275 PRO A CA  1 ? 
ATOM   490 C C   . PRO A 1 77  ? -9.618  -3.659  -0.296  1.000 72.422  0 275 PRO A C   1 ? 
ATOM   491 O O   . PRO A 1 77  ? -10.005 -2.515  -0.068  1.000 84.497  0 275 PRO A O   1 ? 
ATOM   492 C CB  . PRO A 1 77  ? -11.562 -5.081  -0.079  1.000 63.779  0 275 PRO A CB  1 ? 
ATOM   493 C CG  . PRO A 1 77  ? -12.470 -4.327  0.885   1.000 73.484  0 275 PRO A CG  1 ? 
ATOM   494 C CD  . PRO A 1 77  ? -11.772 -4.277  2.235   1.000 64.971  0 275 PRO A CD  1 ? 
ATOM   495 N N   . PHE A 1 78  ? -8.713  -3.927  -1.222  1.000 76.809  0 276 PHE A N   1 ? 
ATOM   496 C CA  . PHE A 1 78  ? -8.204  -2.823  -2.006  1.000 74.569  0 276 PHE A CA  1 ? 
ATOM   497 C C   . PHE A 1 78  ? -7.691  -3.339  -3.340  1.000 65.639  0 276 PHE A C   1 ? 
ATOM   498 O O   . PHE A 1 78  ? -7.477  -4.538  -3.491  1.000 71.471  0 276 PHE A O   1 ? 
ATOM   499 C CB  . PHE A 1 78  ? -7.155  -2.081  -1.186  1.000 78.898  0 276 PHE A CB  1 ? 
ATOM   500 C CG  . PHE A 1 78  ? -5.840  -2.796  -1.055  1.000 88.961  0 276 PHE A CG  1 ? 
ATOM   501 C CD1 . PHE A 1 78  ? -5.686  -3.861  -0.177  1.000 85.158  0 276 PHE A CD1 1 ? 
ATOM   502 C CD2 . PHE A 1 78  ? -4.751  -2.385  -1.813  1.000 88.162  0 276 PHE A CD2 1 ? 
ATOM   503 C CE1 . PHE A 1 78  ? -4.457  -4.495  -0.062  1.000 98.393  0 276 PHE A CE1 1 ? 
ATOM   504 C CE2 . PHE A 1 78  ? -3.526  -3.021  -1.691  1.000 89.902  0 276 PHE A CE2 1 ? 
ATOM   505 C CZ  . PHE A 1 78  ? -3.378  -4.068  -0.808  1.000 85.162  0 276 PHE A CZ  1 ? 
ATOM   506 N N   . SER A 1 79  ? -7.517  -2.427  -4.301  1.000 72.846  0 277 SER A N   1 ? 
ATOM   507 C CA  . SER A 1 79  ? -6.962  -2.797  -5.599  1.000 77.505  0 277 SER A CA  1 ? 
ATOM   508 C C   . SER A 1 79  ? -5.545  -2.272  -5.760  1.000 76.308  0 277 SER A C   1 ? 
ATOM   509 O O   . SER A 1 79  ? -5.179  -1.263  -5.161  1.000 93.992  0 277 SER A O   1 ? 
ATOM   510 C CB  . SER A 1 79  ? -7.808  -2.309  -6.689  1.000 59.493  0 277 SER A CB  1 ? 
ATOM   511 O OG  . SER A 1 79  ? -9.137  -2.557  -6.306  1.000 93.566  0 277 SER A OG  1 ? 
ATOM   512 N N   . ILE A 1 80  ? -4.770  -2.981  -6.578  1.000 70.947  0 278 ILE A N   1 ? 
ATOM   513 C CA  . ILE A 1 80  ? -3.394  -2.592  -6.795  1.000 73.291  0 278 ILE A CA  1 ? 
ATOM   514 C C   . ILE A 1 80  ? -3.152  -2.528  -8.285  1.000 76.848  0 278 ILE A C   1 ? 
ATOM   515 O O   . ILE A 1 80  ? -3.766  -3.268  -9.055  1.000 72.116  0 278 ILE A O   1 ? 
ATOM   516 C CB  . ILE A 1 80  ? -2.387  -3.546  -6.140  1.000 67.997  0 278 ILE A CB  1 ? 
ATOM   517 C CG1 . ILE A 1 80  ? -2.964  -4.203  -4.888  1.000 77.465  0 278 ILE A CG1 1 ? 
ATOM   518 C CG2 . ILE A 1 80  ? -1.118  -2.778  -5.827  1.000 91.254  0 278 ILE A CG2 1 ? 
ATOM   519 C CD1 . ILE A 1 80  ? -1.948  -4.986  -4.091  1.000 79.143  0 278 ILE A CD1 1 ? 
ATOM   520 N N   . THR A 1 81  ? -2.269  -1.604  -8.662  1.000 82.441  0 279 THR A N   1 ? 
ATOM   521 C CA  . THR A 1 81  ? -1.792  -1.586  -10.027 1.000 84.296  0 279 THR A CA  1 ? 
ATOM   522 C C   . THR A 1 81  ? -0.338  -1.995  -9.987  1.000 80.996  0 279 THR A C   1 ? 
ATOM   523 O O   . THR A 1 81  ? 0.443   -1.406  -9.236  1.000 86.999  0 279 THR A O   1 ? 
ATOM   524 C CB  . THR A 1 81  ? -1.991  -0.233  -10.715 1.000 78.816  0 279 THR A CB  1 ? 
ATOM   525 O OG1 . THR A 1 81  ? -3.392  0.053   -10.665 1.000 79.283  0 279 THR A OG1 1 ? 
ATOM   526 C CG2 . THR A 1 81  ? -1.517  -0.286  -12.151 1.000 67.712  0 279 THR A CG2 1 ? 
ATOM   527 N N   . VAL A 1 82  ? -0.018  -3.023  -10.775 1.000 78.522  0 280 VAL A N   1 ? 
ATOM   528 C CA  . VAL A 1 82  ? 1.337   -3.545  -10.750 1.000 86.079  0 280 VAL A CA  1 ? 
ATOM   529 C C   . VAL A 1 82  ? 2.139   -2.900  -11.870 1.000 85.024  0 280 VAL A C   1 ? 
ATOM   530 O O   . VAL A 1 82  ? 1.700   -2.938  -13.015 1.000 78.517  0 280 VAL A O   1 ? 
ATOM   531 C CB  . VAL A 1 82  ? 1.369   -5.078  -10.827 1.000 73.831  0 280 VAL A CB  1 ? 
ATOM   532 C CG1 . VAL A 1 82  ? 2.792   -5.595  -10.674 1.000 79.793  0 280 VAL A CG1 1 ? 
ATOM   533 C CG2 . VAL A 1 82  ? 0.459   -5.673  -9.763  1.000 70.705  0 280 VAL A CG2 1 ? 
ATOM   534 N N   . LEU A 1 83  ? 3.290   -2.307  -11.499 1.000 93.433  0 281 LEU A N   1 ? 
ATOM   535 C CA  . LEU A 1 83  ? 4.230   -1.702  -12.436 1.000 94.480  0 281 LEU A CA  1 ? 
ATOM   536 C C   . LEU A 1 83  ? 5.495   -2.547  -12.554 1.000 104.772 0 281 LEU A C   1 ? 
ATOM   537 O O   . LEU A 1 83  ? 5.908   -3.203  -11.587 1.000 90.505  0 281 LEU A O   1 ? 
ATOM   538 C CB  . LEU A 1 83  ? 4.582   -0.280  -12.001 1.000 84.251  0 281 LEU A CB  1 ? 
ATOM   539 C CG  . LEU A 1 83  ? 3.381   0.658   -11.936 1.000 95.281  0 281 LEU A CG  1 ? 
ATOM   540 C CD1 . LEU A 1 83  ? 3.705   1.928   -11.161 1.000 70.946  0 281 LEU A CD1 1 ? 
ATOM   541 C CD2 . LEU A 1 83  ? 2.832   0.941   -13.331 1.000 81.726  0 281 LEU A CD2 1 ? 
ATOM   542 N N   . GLU A 1 84  ? 6.071   -2.484  -13.766 1.000 108.523 0 282 GLU A N   1 ? 
ATOM   543 C CA  . GLU A 1 84  ? 7.227   -3.249  -14.196 1.000 110.018 0 282 GLU A CA  1 ? 
ATOM   544 C C   . GLU A 1 84  ? 8.391   -2.935  -13.261 1.000 111.064 0 282 GLU A C   1 ? 
ATOM   545 O O   . GLU A 1 84  ? 8.889   -3.800  -12.538 1.000 110.977 0 282 GLU A O   1 ? 
ATOM   546 C CB  . GLU A 1 84  ? 7.548   -2.899  -15.654 1.000 116.999 0 282 GLU A CB  1 ? 
ATOM   547 C CG  . GLU A 1 84  ? 8.348   -3.973  -16.367 1.000 133.725 0 282 GLU A CG  1 ? 
ATOM   548 C CD  . GLU A 1 84  ? 7.655   -5.325  -16.438 1.000 150.818 0 282 GLU A CD  1 ? 
ATOM   549 O OE1 . GLU A 1 84  ? 6.645   -5.414  -17.152 1.000 182.670 0 282 GLU A OE1 1 ? 
ATOM   550 O OE2 . GLU A 1 84  ? 8.112   -6.283  -15.772 1.000 151.335 0 282 GLU A OE2 1 ? 
ATOM   551 N N   . GLU A 1 85  ? 8.793   -1.666  -13.276 1.000 105.821 0 283 GLU A N   1 ? 
ATOM   552 C CA  . GLU A 1 85  ? 9.821   -1.186  -12.377 1.000 105.359 0 283 GLU A CA  1 ? 
ATOM   553 C C   . GLU A 1 85  ? 9.273   0.070   -11.698 1.000 102.925 0 283 GLU A C   1 ? 
ATOM   554 O O   . GLU A 1 85  ? 8.564   0.872   -12.313 1.000 105.848 0 283 GLU A O   1 ? 
ATOM   555 C CB  . GLU A 1 85  ? 11.153  -1.055  -13.135 1.000 99.152  0 283 GLU A CB  1 ? 
ATOM   556 N N   . SER A 1 86  ? 9.565   0.199   -10.403 1.000 91.197  0 284 SER A N   1 ? 
ATOM   557 C CA  . SER A 1 86  ? 9.058   1.301   -9.607  1.000 97.424  0 284 SER A CA  1 ? 
ATOM   558 C C   . SER A 1 86  ? 10.066  1.576   -8.488  1.000 102.745 0 284 SER A C   1 ? 
ATOM   559 O O   . SER A 1 86  ? 10.739  0.652   -8.021  1.000 109.786 0 284 SER A O   1 ? 
ATOM   560 C CB  . SER A 1 86  ? 7.648   0.974   -9.109  1.000 93.794  0 284 SER A CB  1 ? 
ATOM   561 O OG  . SER A 1 86  ? 7.147   1.928   -8.184  1.000 98.399  0 284 SER A OG  1 ? 
ATOM   562 N N   . HIS A 1 87  ? 10.183  2.856   -8.101  1.000 97.538  0 285 HIS A N   1 ? 
ATOM   563 C CA  . HIS A 1 87  ? 11.111  3.322   -7.079  1.000 105.390 0 285 HIS A CA  1 ? 
ATOM   564 C C   . HIS A 1 87  ? 10.745  2.754   -5.706  1.000 110.747 0 285 HIS A C   1 ? 
ATOM   565 O O   . HIS A 1 87  ? 11.625  2.279   -4.995  1.000 108.998 0 285 HIS A O   1 ? 
ATOM   566 C CB  . HIS A 1 87  ? 11.203  4.859   -7.082  1.000 103.396 0 285 HIS A CB  1 ? 
ATOM   567 N N   . VAL A 1 88  ? 9.457   2.817   -5.327  1.000 111.023 0 286 VAL A N   1 ? 
ATOM   568 C CA  . VAL A 1 88  ? 8.990   2.147   -4.118  1.000 100.814 0 286 VAL A CA  1 ? 
ATOM   569 C C   . VAL A 1 88  ? 8.339   0.824   -4.485  1.000 93.356  0 286 VAL A C   1 ? 
ATOM   570 O O   . VAL A 1 88  ? 7.870   0.646   -5.610  1.000 91.585  0 286 VAL A O   1 ? 
ATOM   571 C CB  . VAL A 1 88  ? 8.027   2.981   -3.252  1.000 112.738 0 286 VAL A CB  1 ? 
ATOM   572 C CG1 . VAL A 1 88  ? 8.753   4.093   -2.528  1.000 104.332 0 286 VAL A CG1 1 ? 
ATOM   573 C CG2 . VAL A 1 88  ? 6.807   3.493   -4.007  1.000 114.597 0 286 VAL A CG2 1 ? 
ATOM   574 N N   . ASP A 1 89  ? 8.312   -0.082  -3.503  1.000 88.521  0 287 ASP A N   1 ? 
ATOM   575 C CA  . ASP A 1 89  ? 7.852   -1.436  -3.748  1.000 89.426  0 287 ASP A CA  1 ? 
ATOM   576 C C   . ASP A 1 89  ? 6.346   -1.459  -3.569  1.000 84.367  0 287 ASP A C   1 ? 
ATOM   577 O O   . ASP A 1 89  ? 5.607   -2.015  -4.392  1.000 81.765  0 287 ASP A O   1 ? 
ATOM   578 C CB  . ASP A 1 89  ? 8.600   -2.443  -2.875  1.000 106.602 0 287 ASP A CB  1 ? 
ATOM   579 C CG  . ASP A 1 89  ? 9.838   -2.989  -3.565  1.000 120.908 0 287 ASP A CG  1 ? 
ATOM   580 O OD1 . ASP A 1 89  ? 10.037  -2.667  -4.779  1.000 103.896 0 287 ASP A OD1 1 ? 
ATOM   581 O OD2 . ASP A 1 89  ? 10.586  -3.737  -2.895  1.000 130.872 0 287 ASP A OD2 1 ? 
ATOM   582 N N   . PHE A 1 90  ? 5.909   -0.784  -2.507  1.000 76.265  0 288 PHE A N   1 ? 
ATOM   583 C CA  . PHE A 1 90  ? 4.484   -0.647  -2.326  1.000 73.382  0 288 PHE A CA  1 ? 
ATOM   584 C C   . PHE A 1 90  ? 4.146   0.776   -1.906  1.000 71.384  0 288 PHE A C   1 ? 
ATOM   585 O O   . PHE A 1 90  ? 4.742   1.309   -0.968  1.000 71.541  0 288 PHE A O   1 ? 
ATOM   586 C CB  . PHE A 1 90  ? 3.992   -1.723  -1.372  1.000 69.438  0 288 PHE A CB  1 ? 
ATOM   587 C CG  . PHE A 1 90  ? 2.519   -1.644  -1.117  1.000 75.002  0 288 PHE A CG  1 ? 
ATOM   588 C CD1 . PHE A 1 90  ? 1.630   -1.707  -2.169  1.000 88.156  0 288 PHE A CD1 1 ? 
ATOM   589 C CD2 . PHE A 1 90  ? 2.025   -1.503  0.168   1.000 72.568  0 288 PHE A CD2 1 ? 
ATOM   590 C CE1 . PHE A 1 90  ? 0.265   -1.622  -1.939  1.000 95.537  0 288 PHE A CE1 1 ? 
ATOM   591 C CE2 . PHE A 1 90  ? 0.662   -1.437  0.394   1.000 74.914  0 288 PHE A CE2 1 ? 
ATOM   592 C CZ  . PHE A 1 90  ? -0.216  -1.482  -0.659  1.000 73.247  0 288 PHE A CZ  1 ? 
ATOM   593 N N   . LEU A 1 91  ? 3.173   1.350   -2.628  1.000 68.046  0 289 LEU A N   1 ? 
ATOM   594 C CA  . LEU A 1 91  ? 2.782   2.740   -2.463  1.000 69.855  0 289 LEU A CA  1 ? 
ATOM   595 C C   . LEU A 1 91  ? 1.305   2.842   -2.112  1.000 66.261  0 289 LEU A C   1 ? 
ATOM   596 O O   . LEU A 1 91  ? 0.453   2.601   -2.958  1.000 74.655  0 289 LEU A O   1 ? 
ATOM   597 C CB  . LEU A 1 91  ? 3.025   3.427   -3.802  1.000 77.171  0 289 LEU A CB  1 ? 
ATOM   598 C CG  . LEU A 1 91  ? 3.083   4.947   -3.731  1.000 80.403  0 289 LEU A CG  1 ? 
ATOM   599 C CD1 . LEU A 1 91  ? 3.678   5.470   -5.013  1.000 74.828  0 289 LEU A CD1 1 ? 
ATOM   600 C CD2 . LEU A 1 91  ? 1.695   5.532   -3.527  1.000 89.454  0 289 LEU A CD2 1 ? 
ATOM   601 N N   . PHE A 1 92  ? 1.019   3.231   -0.871  1.000 67.712  0 290 PHE A N   1 ? 
ATOM   602 C CA  . PHE A 1 92  ? -0.330  3.500   -0.397  1.000 64.945  0 290 PHE A CA  1 ? 
ATOM   603 C C   . PHE A 1 92  ? -0.766  4.859   -0.948  1.000 65.602  0 290 PHE A C   1 ? 
ATOM   604 O O   . PHE A 1 92  ? -0.081  5.841   -0.730  1.000 94.370  0 290 PHE A O   1 ? 
ATOM   605 C CB  . PHE A 1 92  ? -0.255  3.508   1.126   1.000 58.974  0 290 PHE A CB  1 ? 
ATOM   606 C CG  . PHE A 1 92  ? -1.568  3.535   1.849   1.000 76.577  0 290 PHE A CG  1 ? 
ATOM   607 C CD1 . PHE A 1 92  ? -2.431  4.625   1.766   1.000 83.090  0 290 PHE A CD1 1 ? 
ATOM   608 C CD2 . PHE A 1 92  ? -1.913  2.477   2.673   1.000 80.271  0 290 PHE A CD2 1 ? 
ATOM   609 C CE1 . PHE A 1 92  ? -3.628  4.635   2.477   1.000 90.048  0 290 PHE A CE1 1 ? 
ATOM   610 C CE2 . PHE A 1 92  ? -3.116  2.484   3.367   1.000 89.009  0 290 PHE A CE2 1 ? 
ATOM   611 C CZ  . PHE A 1 92  ? -3.975  3.558   3.267   1.000 87.349  0 290 PHE A CZ  1 ? 
ATOM   612 N N   . GLY A 1 93  ? -1.865  4.936   -1.702  1.000 75.519  0 291 GLY A N   1 ? 
ATOM   613 C CA  . GLY A 1 93  ? -2.173  6.153   -2.446  1.000 70.400  0 291 GLY A CA  1 ? 
ATOM   614 C C   . GLY A 1 93  ? -3.303  6.982   -1.830  1.000 72.125  0 291 GLY A C   1 ? 
ATOM   615 O O   . GLY A 1 93  ? -3.823  6.666   -0.755  1.000 64.197  0 291 GLY A O   1 ? 
ATOM   616 N N   . LEU A 1 94  ? -3.692  8.038   -2.553  1.000 62.556  0 292 LEU A N   1 ? 
ATOM   617 C CA  . LEU A 1 94  ? -4.760  8.918   -2.113  1.000 67.346  0 292 LEU A CA  1 ? 
ATOM   618 C C   . LEU A 1 94  ? -6.114  8.215   -2.213  1.000 72.799  0 292 LEU A C   1 ? 
ATOM   619 O O   . LEU A 1 94  ? -6.983  8.417   -1.363  1.000 77.320  0 292 LEU A O   1 ? 
ATOM   620 C CB  . LEU A 1 94  ? -4.708  10.174  -2.986  1.000 69.249  0 292 LEU A CB  1 ? 
ATOM   621 C CG  . LEU A 1 94  ? -5.557  11.363  -2.539  1.000 68.371  0 292 LEU A CG  1 ? 
ATOM   622 C CD1 . LEU A 1 94  ? -5.446  11.626  -1.048  1.000 62.950  0 292 LEU A CD1 1 ? 
ATOM   623 C CD2 . LEU A 1 94  ? -5.148  12.594  -3.315  1.000 64.673  0 292 LEU A CD2 1 ? 
ATOM   624 N N   . ASP A 1 95  ? -6.285  7.395   -3.261  1.000 77.201  0 293 ASP A N   1 ? 
ATOM   625 C CA  . ASP A 1 95  ? -7.454  6.540   -3.427  1.000 70.556  0 293 ASP A CA  1 ? 
ATOM   626 C C   . ASP A 1 95  ? -7.830  5.910   -2.087  1.000 74.816  0 293 ASP A C   1 ? 
ATOM   627 O O   . ASP A 1 95  ? -8.952  6.092   -1.611  1.000 70.584  0 293 ASP A O   1 ? 
ATOM   628 C CB  . ASP A 1 95  ? -7.236  5.488   -4.516  1.000 68.671  0 293 ASP A CB  1 ? 
ATOM   629 C CG  . ASP A 1 95  ? -5.931  4.698   -4.419  1.000 84.687  0 293 ASP A CG  1 ? 
ATOM   630 O OD1 . ASP A 1 95  ? -5.166  4.893   -3.440  1.000 84.709  0 293 ASP A OD1 1 ? 
ATOM   631 O OD2 . ASP A 1 95  ? -5.679  3.891   -5.340  1.000 97.031  0 293 ASP A OD2 1 ? 
ATOM   632 N N   . LEU A 1 96  ? -6.864  5.218   -1.466  1.000 73.550  0 294 LEU A N   1 ? 
ATOM   633 C CA  . LEU A 1 96  ? -7.126  4.516   -0.222  1.000 79.575  0 294 LEU A CA  1 ? 
ATOM   634 C C   . LEU A 1 96  ? -7.247  5.497   0.935   1.000 77.516  0 294 LEU A C   1 ? 
ATOM   635 O O   . LEU A 1 96  ? -8.039  5.299   1.849   1.000 81.624  0 294 LEU A O   1 ? 
ATOM   636 C CB  . LEU A 1 96  ? -5.970  3.568   0.049   1.000 81.232  0 294 LEU A CB  1 ? 
ATOM   637 C CG  . LEU A 1 96  ? -6.265  2.120   -0.280  1.000 85.435  0 294 LEU A CG  1 ? 
ATOM   638 C CD1 . LEU A 1 96  ? -6.403  1.948   -1.797  1.000 97.289  0 294 LEU A CD1 1 ? 
ATOM   639 C CD2 . LEU A 1 96  ? -5.129  1.283   0.274   1.000 83.814  0 294 LEU A CD2 1 ? 
ATOM   640 N N   . LEU A 1 97  ? -6.425  6.540   0.905   1.000 67.598  0 295 LEU A N   1 ? 
ATOM   641 C CA  . LEU A 1 97  ? -6.416  7.479   2.009   1.000 66.879  0 295 LEU A CA  1 ? 
ATOM   642 C C   . LEU A 1 97  ? -7.778  8.167   2.118   1.000 71.839  0 295 LEU A C   1 ? 
ATOM   643 O O   . LEU A 1 97  ? -8.270  8.366   3.237   1.000 62.292  0 295 LEU A O   1 ? 
ATOM   644 C CB  . LEU A 1 97  ? -5.290  8.487   1.758   1.000 70.987  0 295 LEU A CB  1 ? 
ATOM   645 C CG  . LEU A 1 97  ? -3.881  8.007   2.106   1.000 75.427  0 295 LEU A CG  1 ? 
ATOM   646 C CD1 . LEU A 1 97  ? -2.835  8.856   1.403   1.000 69.551  0 295 LEU A CD1 1 ? 
ATOM   647 C CD2 . LEU A 1 97  ? -3.656  7.969   3.617   1.000 67.696  0 295 LEU A CD2 1 ? 
ATOM   648 N N   . LYS A 1 98  ? -8.358  8.523   0.946   1.000 65.343  0 296 LYS A N   1 ? 
ATOM   649 C CA  . LYS A 1 98  ? -9.571  9.327   0.876   1.000 69.103  0 296 LYS A CA  1 ? 
ATOM   650 C C   . LYS A 1 98  ? -10.732 8.388   1.198   1.000 77.063  0 296 LYS A C   1 ? 
ATOM   651 O O   . LYS A 1 98  ? -11.642 8.749   1.966   1.000 71.920  0 296 LYS A O   1 ? 
ATOM   652 C CB  . LYS A 1 98  ? -9.654  10.189  -0.401  1.000 61.807  0 296 LYS A CB  1 ? 
ATOM   653 N N   . ARG A 1 99  ? -10.615 7.144   0.688   1.000 74.184  0 297 ARG A N   1 ? 
ATOM   654 C CA  . ARG A 1 99  ? -11.618 6.110   0.915   1.000 73.279  0 297 ARG A CA  1 ? 
ATOM   655 C C   . ARG A 1 99  ? -11.788 5.844   2.406   1.000 78.121  0 297 ARG A C   1 ? 
ATOM   656 O O   . ARG A 1 99  ? -12.852 5.430   2.827   1.000 84.753  0 297 ARG A O   1 ? 
ATOM   657 C CB  . ARG A 1 99  ? -11.250 4.754   0.309   1.000 67.879  0 297 ARG A CB  1 ? 
ATOM   658 N N   . TYR A 1 100 ? -10.728 6.004   3.198   1.000 80.369  0 298 TYR A N   1 ? 
ATOM   659 C CA  . TYR A 1 100 ? -10.831 5.568   4.577   1.000 79.055  0 298 TYR A CA  1 ? 
ATOM   660 C C   . TYR A 1 100 ? -10.831 6.803   5.473   1.000 91.334  0 298 TYR A C   1 ? 
ATOM   661 O O   . TYR A 1 100 ? -10.795 6.704   6.701   1.000 99.665  0 298 TYR A O   1 ? 
ATOM   662 C CB  . TYR A 1 100 ? -9.860  4.411   4.865   1.000 73.328  0 298 TYR A CB  1 ? 
ATOM   663 C CG  . TYR A 1 100 ? -10.218 3.108   4.177   1.000 79.473  0 298 TYR A CG  1 ? 
ATOM   664 C CD1 . TYR A 1 100 ? -11.327 2.367   4.566   1.000 75.516  0 298 TYR A CD1 1 ? 
ATOM   665 C CD2 . TYR A 1 100 ? -9.463  2.608   3.121   1.000 90.046  0 298 TYR A CD2 1 ? 
ATOM   666 C CE1 . TYR A 1 100 ? -11.695 1.193   3.917   1.000 77.036  0 298 TYR A CE1 1 ? 
ATOM   667 C CE2 . TYR A 1 100 ? -9.798  1.420   2.479   1.000 98.363  0 298 TYR A CE2 1 ? 
ATOM   668 C CZ  . TYR A 1 100 ? -10.920 0.704   2.880   1.000 97.631  0 298 TYR A CZ  1 ? 
ATOM   669 O OH  . TYR A 1 100 ? -11.281 -0.476  2.279   1.000 93.931  0 298 TYR A OH  1 ? 
ATOM   670 N N   . GLN A 1 101 ? -10.927 7.971   4.825   1.000 90.573  0 299 GLN A N   1 ? 
ATOM   671 C CA  . GLN A 1 101 ? -10.797 9.240   5.521   1.000 98.024  0 299 GLN A CA  1 ? 
ATOM   672 C C   . GLN A 1 101 ? -9.705  9.106   6.574   1.000 95.180  0 299 GLN A C   1 ? 
ATOM   673 O O   . GLN A 1 101 ? -9.941  9.370   7.753   1.000 92.814  0 299 GLN A O   1 ? 
ATOM   674 C CB  . GLN A 1 101 ? -12.111 9.607   6.205   1.000 115.043 0 299 GLN A CB  1 ? 
ATOM   675 C CG  . GLN A 1 101 ? -13.326 9.457   5.304   1.000 117.437 0 299 GLN A CG  1 ? 
ATOM   676 C CD  . GLN A 1 101 ? -14.571 9.402   6.148   1.000 131.927 0 299 GLN A CD  1 ? 
ATOM   677 O OE1 . GLN A 1 101 ? -14.527 9.546   7.371   1.000 159.524 0 299 GLN A OE1 1 ? 
ATOM   678 N NE2 . GLN A 1 101 ? -15.693 9.181   5.491   1.000 149.938 0 299 GLN A NE2 1 ? 
ATOM   679 N N   . CYS A 1 102 ? -8.528  8.655   6.121   1.000 93.561  0 300 CYS A N   1 ? 
ATOM   680 C CA  . CYS A 1 102 ? -7.372  8.458   6.975   1.000 79.910  0 300 CYS A CA  1 ? 
ATOM   681 C C   . CYS A 1 102 ? -6.790  9.820   7.314   1.000 87.732  0 300 CYS A C   1 ? 
ATOM   682 O O   . CYS A 1 102 ? -6.969  10.796  6.592   1.000 90.239  0 300 CYS A O   1 ? 
ATOM   683 C CB  . CYS A 1 102 ? -6.285  7.688   6.245   1.000 75.176  0 300 CYS A CB  1 ? 
ATOM   684 S SG  . CYS A 1 102 ? -6.898  6.145   5.542   1.000 95.913  0 300 CYS A SG  1 ? 
ATOM   685 N N   . CYS A 1 103 ? -6.077  9.874   8.432   1.000 96.646  0 301 CYS A N   1 ? 
ATOM   686 C CA  . CYS A 1 103 ? -5.470  11.119  8.851   1.000 84.022  0 301 CYS A CA  1 ? 
ATOM   687 C C   . CYS A 1 103 ? -3.978  10.891  8.980   1.000 86.833  0 301 CYS A C   1 ? 
ATOM   688 O O   . CYS A 1 103 ? -3.539  10.029  9.738   1.000 103.719 0 301 CYS A O   1 ? 
ATOM   689 C CB  . CYS A 1 103 ? -5.999  11.564  10.204  1.000 85.079  0 301 CYS A CB  1 ? 
ATOM   690 S SG  . CYS A 1 103 ? -7.729  12.093  10.150  1.000 143.994 0 301 CYS A SG  1 ? 
ATOM   691 N N   . ILE A 1 104 ? -3.221  11.684  8.224   1.000 81.421  0 302 ILE A N   1 ? 
ATOM   692 C CA  . ILE A 1 104 ? -1.778  11.690  8.347   1.000 78.809  0 302 ILE A CA  1 ? 
ATOM   693 C C   . ILE A 1 104 ? -1.373  12.722  9.395   1.000 76.443  0 302 ILE A C   1 ? 
ATOM   694 O O   . ILE A 1 104 ? -1.316  13.907  9.097   1.000 76.061  0 302 ILE A O   1 ? 
ATOM   695 C CB  . ILE A 1 104 ? -1.131  11.971  6.981   1.000 73.605  0 302 ILE A CB  1 ? 
ATOM   696 C CG1 . ILE A 1 104 ? -1.617  10.965  5.936   1.000 68.902  0 302 ILE A CG1 1 ? 
ATOM   697 C CG2 . ILE A 1 104 ? 0.387   11.975  7.093   1.000 76.879  0 302 ILE A CG2 1 ? 
ATOM   698 C CD1 . ILE A 1 104 ? -0.876  11.039  4.619   1.000 56.398  0 302 ILE A CD1 1 ? 
ATOM   699 N N   . ASP A 1 105 ? -1.067  12.247  10.608  1.000 78.926  0 303 ASP A N   1 ? 
ATOM   700 C CA  . ASP A 1 105 ? -0.709  13.145  11.686  1.000 85.330  0 303 ASP A CA  1 ? 
ATOM   701 C C   . ASP A 1 105 ? 0.806   13.143  11.879  1.000 80.223  0 303 ASP A C   1 ? 
ATOM   702 O O   . ASP A 1 105 ? 1.376   12.228  12.460  1.000 82.951  0 303 ASP A O   1 ? 
ATOM   703 C CB  . ASP A 1 105 ? -1.526  12.855  12.946  1.000 91.314  0 303 ASP A CB  1 ? 
ATOM   704 C CG  . ASP A 1 105 ? -1.044  13.692  14.113  1.000 95.141  0 303 ASP A CG  1 ? 
ATOM   705 O OD1 . ASP A 1 105 ? -0.167  14.541  13.888  1.000 101.402 0 303 ASP A OD1 1 ? 
ATOM   706 O OD2 . ASP A 1 105 ? -1.538  13.485  15.226  1.000 102.323 0 303 ASP A OD2 1 ? 
ATOM   707 N N   . LEU A 1 106 ? 1.454   14.198  11.390  1.000 84.088  0 304 LEU A N   1 ? 
ATOM   708 C CA  . LEU A 1 106 ? 2.890   14.340  11.564  1.000 87.098  0 304 LEU A CA  1 ? 
ATOM   709 C C   . LEU A 1 106 ? 3.191   15.039  12.887  1.000 98.149  0 304 LEU A C   1 ? 
ATOM   710 O O   . LEU A 1 106 ? 4.341   15.379  13.155  1.000 100.019 0 304 LEU A O   1 ? 
ATOM   711 C CB  . LEU A 1 106 ? 3.459   15.168  10.411  1.000 78.279  0 304 LEU A CB  1 ? 
ATOM   712 C CG  . LEU A 1 106 ? 3.267   14.564  9.031   1.000 78.797  0 304 LEU A CG  1 ? 
ATOM   713 C CD1 . LEU A 1 106 ? 3.633   15.579  7.974   1.000 89.354  0 304 LEU A CD1 1 ? 
ATOM   714 C CD2 . LEU A 1 106 ? 4.115   13.318  8.878   1.000 75.867  0 304 LEU A CD2 1 ? 
ATOM   715 N N   . HIS A 1 107 ? 2.153   15.299  13.692  1.000 107.931 0 305 HIS A N   1 ? 
ATOM   716 C CA  . HIS A 1 107 ? 2.394   15.649  15.084  1.000 111.193 0 305 HIS A CA  1 ? 
ATOM   717 C C   . HIS A 1 107 ? 2.688   14.387  15.904  1.000 103.385 0 305 HIS A C   1 ? 
ATOM   718 O O   . HIS A 1 107 ? 3.732   14.314  16.545  1.000 92.738  0 305 HIS A O   1 ? 
ATOM   719 C CB  . HIS A 1 107 ? 1.325   16.598  15.650  1.000 122.726 0 305 HIS A CB  1 ? 
ATOM   720 C CG  . HIS A 1 107 ? 1.609   16.998  17.060  1.000 129.455 0 305 HIS A CG  1 ? 
ATOM   721 N ND1 . HIS A 1 107 ? 0.973   16.409  18.139  1.000 133.039 0 305 HIS A ND1 1 ? 
ATOM   722 C CD2 . HIS A 1 107 ? 2.484   17.884  17.580  1.000 122.846 0 305 HIS A CD2 1 ? 
ATOM   723 C CE1 . HIS A 1 107 ? 1.430   16.931  19.260  1.000 126.382 0 305 HIS A CE1 1 ? 
ATOM   724 N NE2 . HIS A 1 107 ? 2.363   17.833  18.943  1.000 131.474 0 305 HIS A NE2 1 ? 
ATOM   725 N N   . GLN A 1 108 ? 1.811   13.373  15.850  1.000 92.274  0 306 GLN A N   1 ? 
ATOM   726 C CA  . GLN A 1 108 ? 2.081   12.129  16.562  1.000 97.575  0 306 GLN A CA  1 ? 
ATOM   727 C C   . GLN A 1 108 ? 2.992   11.198  15.760  1.000 115.983 0 306 GLN A C   1 ? 
ATOM   728 O O   . GLN A 1 108 ? 3.516   10.225  16.307  1.000 118.799 0 306 GLN A O   1 ? 
ATOM   729 C CB  . GLN A 1 108 ? 0.792   11.416  16.955  1.000 93.004  0 306 GLN A CB  1 ? 
ATOM   730 C CG  . GLN A 1 108 ? 0.257   11.884  18.295  1.000 115.375 0 306 GLN A CG  1 ? 
ATOM   731 C CD  . GLN A 1 108 ? -1.238  11.726  18.413  1.000 133.454 0 306 GLN A CD  1 ? 
ATOM   732 O OE1 . GLN A 1 108 ? -1.809  11.873  19.495  1.000 180.582 0 306 GLN A OE1 1 ? 
ATOM   733 N NE2 . GLN A 1 108 ? -1.887  11.426  17.300  1.000 115.732 0 306 GLN A NE2 1 ? 
ATOM   734 N N   . ASN A 1 109 ? 3.179   11.505  14.471  1.000 112.441 0 307 ASN A N   1 ? 
ATOM   735 C CA  . ASN A 1 109 ? 3.983   10.682  13.583  1.000 102.973 0 307 ASN A CA  1 ? 
ATOM   736 C C   . ASN A 1 109 ? 3.294   9.332   13.348  1.000 99.967  0 307 ASN A C   1 ? 
ATOM   737 O O   . ASN A 1 109 ? 3.941   8.285   13.342  1.000 99.015  0 307 ASN A O   1 ? 
ATOM   738 C CB  . ASN A 1 109 ? 5.435   10.559  14.057  1.000 98.190  0 307 ASN A CB  1 ? 
ATOM   739 C CG  . ASN A 1 109 ? 6.370   10.151  12.933  1.000 120.627 0 307 ASN A CG  1 ? 
ATOM   740 O OD1 . ASN A 1 109 ? 6.544   10.883  11.960  1.000 132.445 0 307 ASN A OD1 1 ? 
ATOM   741 N ND2 . ASN A 1 109 ? 6.975   8.981   13.045  1.000 117.467 0 307 ASN A ND2 1 ? 
ATOM   742 N N   . ALA A 1 110 ? 1.978   9.362   13.109  1.000 90.022  0 308 ALA A N   1 ? 
ATOM   743 C CA  . ALA A 1 110 ? 1.245   8.140   12.839  1.000 80.919  0 308 ALA A CA  1 ? 
ATOM   744 C C   . ALA A 1 110 ? 0.118   8.355   11.827  1.000 89.148  0 308 ALA A C   1 ? 
ATOM   745 O O   . ALA A 1 110 ? -0.337  9.473   11.569  1.000 77.636  0 308 ALA A O   1 ? 
ATOM   746 C CB  . ALA A 1 110 ? 0.700   7.584   14.126  1.000 83.622  0 308 ALA A CB  1 ? 
ATOM   747 N N   . LEU A 1 111 ? -0.337  7.224   11.282  1.000 87.450  0 309 LEU A N   1 ? 
ATOM   748 C CA  . LEU A 1 111 ? -1.451  7.177   10.359  1.000 80.134  0 309 LEU A CA  1 ? 
ATOM   749 C C   . LEU A 1 111 ? -2.680  6.703   11.121  1.000 82.515  0 309 LEU A C   1 ? 
ATOM   750 O O   . LEU A 1 111 ? -2.671  5.626   11.711  1.000 88.278  0 309 LEU A O   1 ? 
ATOM   751 C CB  . LEU A 1 111 ? -1.103  6.218   9.215   1.000 67.164  0 309 LEU A CB  1 ? 
ATOM   752 C CG  . LEU A 1 111 ? -2.204  5.982   8.172   1.000 68.195  0 309 LEU A CG  1 ? 
ATOM   753 C CD1 . LEU A 1 111 ? -2.754  7.279   7.586   1.000 67.409  0 309 LEU A CD1 1 ? 
ATOM   754 C CD2 . LEU A 1 111 ? -1.664  5.138   7.039   1.000 66.413  0 309 LEU A CD2 1 ? 
ATOM   755 N N   . ILE A 1 112 ? -3.725  7.532   11.099  1.000 81.981  0 310 ILE A N   1 ? 
ATOM   756 C CA  . ILE A 1 112 ? -5.005  7.167   11.676  1.000 83.625  0 310 ILE A CA  1 ? 
ATOM   757 C C   . ILE A 1 112 ? -5.901  6.696   10.536  1.000 98.424  0 310 ILE A C   1 ? 
ATOM   758 O O   . ILE A 1 112 ? -6.164  7.442   9.592   1.000 98.676  0 310 ILE A O   1 ? 
ATOM   759 C CB  . ILE A 1 112 ? -5.613  8.347   12.456  1.000 78.872  0 310 ILE A CB  1 ? 
ATOM   760 C CG1 . ILE A 1 112 ? -4.808  8.636   13.725  1.000 71.156  0 310 ILE A CG1 1 ? 
ATOM   761 C CG2 . ILE A 1 112 ? -7.094  8.109   12.734  1.000 74.270  0 310 ILE A CG2 1 ? 
ATOM   762 C CD1 . ILE A 1 112 ? -3.434  9.212   13.458  1.000 93.155  0 310 ILE A CD1 1 ? 
ATOM   763 N N   . ILE A 1 113 ? -6.323  5.431   10.630  1.000 97.576  0 311 ILE A N   1 ? 
ATOM   764 C CA  . ILE A 1 113 ? -7.192  4.810   9.645   1.000 83.744  0 311 ILE A CA  1 ? 
ATOM   765 C C   . ILE A 1 113 ? -8.195  3.965   10.419  1.000 84.357  0 311 ILE A C   1 ? 
ATOM   766 O O   . ILE A 1 113 ? -7.814  2.954   11.013  1.000 83.319  0 311 ILE A O   1 ? 
ATOM   767 C CB  . ILE A 1 113 ? -6.386  3.994   8.608   1.000 85.645  0 311 ILE A CB  1 ? 
ATOM   768 C CG1 . ILE A 1 113 ? -7.307  3.325   7.579   1.000 78.318  0 311 ILE A CG1 1 ? 
ATOM   769 C CG2 . ILE A 1 113 ? -5.419  3.012   9.279   1.000 75.755  0 311 ILE A CG2 1 ? 
ATOM   770 C CD1 . ILE A 1 113 ? -6.581  2.695   6.394   1.000 68.911  0 311 ILE A CD1 1 ? 
ATOM   771 N N   . GLY A 1 114 ? -9.451  4.436   10.443  1.000 85.568  0 312 GLY A N   1 ? 
ATOM   772 C CA  . GLY A 1 114 ? -10.464 3.990   11.391  1.000 82.921  0 312 GLY A CA  1 ? 
ATOM   773 C C   . GLY A 1 114 ? -9.942  3.877   12.828  1.000 93.622  0 312 GLY A C   1 ? 
ATOM   774 O O   . GLY A 1 114 ? -9.367  4.812   13.389  1.000 92.558  0 312 GLY A O   1 ? 
ATOM   775 N N   . ASP A 1 115 ? -10.109 2.688   13.409  1.000 103.730 0 313 ASP A N   1 ? 
ATOM   776 C CA  . ASP A 1 115 ? -9.818  2.469   14.815  1.000 113.067 0 313 ASP A CA  1 ? 
ATOM   777 C C   . ASP A 1 115 ? -8.333  2.188   15.020  1.000 107.230 0 313 ASP A C   1 ? 
ATOM   778 O O   . ASP A 1 115 ? -7.890  2.047   16.158  1.000 128.765 0 313 ASP A O   1 ? 
ATOM   779 C CB  . ASP A 1 115 ? -10.714 1.373   15.402  1.000 130.104 0 313 ASP A CB  1 ? 
ATOM   780 C CG  . ASP A 1 115 ? -12.190 1.745   15.415  1.000 149.613 0 313 ASP A CG  1 ? 
ATOM   781 O OD1 . ASP A 1 115 ? -12.488 2.958   15.476  1.000 159.926 0 313 ASP A OD1 1 ? 
ATOM   782 O OD2 . ASP A 1 115 ? -13.033 0.822   15.361  1.000 161.146 0 313 ASP A OD2 1 ? 
ATOM   783 N N   . GLU A 1 116 ? -7.570  2.119   13.923  1.000 93.883  0 314 GLU A N   1 ? 
ATOM   784 C CA  . GLU A 1 116 ? -6.135  1.889   14.010  1.000 94.374  0 314 GLU A CA  1 ? 
ATOM   785 C C   . GLU A 1 116 ? -5.388  3.232   14.030  1.000 102.681 0 314 GLU A C   1 ? 
ATOM   786 O O   . GLU A 1 116 ? -5.798  4.205   13.388  1.000 103.341 0 314 GLU A O   1 ? 
ATOM   787 C CB  . GLU A 1 116 ? -5.679  0.949   12.887  1.000 86.592  0 314 GLU A CB  1 ? 
ATOM   788 C CG  . GLU A 1 116 ? -6.551  -0.282  12.717  1.000 88.303  0 314 GLU A CG  1 ? 
ATOM   789 C CD  . GLU A 1 116 ? -6.331  -1.383  13.740  1.000 101.254 0 314 GLU A CD  1 ? 
ATOM   790 O OE1 . GLU A 1 116 ? -5.238  -1.405  14.341  1.000 110.581 0 314 GLU A OE1 1 ? 
ATOM   791 O OE2 . GLU A 1 116 ? -7.253  -2.218  13.943  1.000 99.044  0 314 GLU A OE2 1 ? 
ATOM   792 N N   . LYS A 1 117 ? -4.307  3.295   14.820  1.000 85.344  0 315 LYS A N   1 ? 
ATOM   793 C CA  . LYS A 1 117 ? -3.310  4.346   14.700  1.000 84.074  0 315 LYS A CA  1 ? 
ATOM   794 C C   . LYS A 1 117 ? -1.966  3.639   14.594  1.000 85.364  0 315 LYS A C   1 ? 
ATOM   795 O O   . LYS A 1 117 ? -1.549  2.964   15.521  1.000 97.553  0 315 LYS A O   1 ? 
ATOM   796 C CB  . LYS A 1 117 ? -3.342  5.360   15.855  1.000 79.440  0 315 LYS A CB  1 ? 
ATOM   797 N N   . VAL A 1 118 ? -1.329  3.756   13.431  1.000 90.167  0 316 VAL A N   1 ? 
ATOM   798 C CA  . VAL A 1 118 ? -0.084  3.063   13.174  1.000 87.846  0 316 VAL A CA  1 ? 
ATOM   799 C C   . VAL A 1 118 ? 1.003   4.118   13.005  1.000 93.366  0 316 VAL A C   1 ? 
ATOM   800 O O   . VAL A 1 118 ? 0.800   5.084   12.276  1.000 100.933 0 316 VAL A O   1 ? 
ATOM   801 C CB  . VAL A 1 118 ? -0.224  2.188   11.916  1.000 93.266  0 316 VAL A CB  1 ? 
ATOM   802 C CG1 . VAL A 1 118 ? 1.019   1.344   11.649  1.000 114.837 0 316 VAL A CG1 1 ? 
ATOM   803 C CG2 . VAL A 1 118 ? -1.466  1.320   12.003  1.000 97.313  0 316 VAL A CG2 1 ? 
ATOM   804 N N   . GLN A 1 119 ? 2.144   3.905   13.680  1.000 93.771  0 317 GLN A N   1 ? 
ATOM   805 C CA  . GLN A 1 119 ? 3.277   4.822   13.695  1.000 90.281  0 317 GLN A CA  1 ? 
ATOM   806 C C   . GLN A 1 119 ? 4.044   4.719   12.381  1.000 84.074  0 317 GLN A C   1 ? 
ATOM   807 O O   . GLN A 1 119 ? 4.089   3.646   11.793  1.000 101.639 0 317 GLN A O   1 ? 
ATOM   808 C CB  . GLN A 1 119 ? 4.215   4.465   14.850  1.000 98.438  0 317 GLN A CB  1 ? 
ATOM   809 C CG  . GLN A 1 119 ? 3.635   4.735   16.234  1.000 120.933 0 317 GLN A CG  1 ? 
ATOM   810 C CD  . GLN A 1 119 ? 3.722   6.189   16.632  1.000 131.022 0 317 GLN A CD  1 ? 
ATOM   811 O OE1 . GLN A 1 119 ? 4.764   6.832   16.484  1.000 145.376 0 317 GLN A OE1 1 ? 
ATOM   812 N NE2 . GLN A 1 119 ? 2.618   6.712   17.143  1.000 122.584 0 317 GLN A NE2 1 ? 
ATOM   813 N N   . PHE A 1 120 ? 4.642   5.828   11.922  1.000 84.163  0 318 PHE A N   1 ? 
ATOM   814 C CA  . PHE A 1 120 ? 5.562   5.761   10.791  1.000 88.708  0 318 PHE A CA  1 ? 
ATOM   815 C C   . PHE A 1 120 ? 6.894   5.222   11.303  1.000 87.227  0 318 PHE A C   1 ? 
ATOM   816 O O   . PHE A 1 120 ? 7.233   5.442   12.460  1.000 96.374  0 318 PHE A O   1 ? 
ATOM   817 C CB  . PHE A 1 120 ? 5.684   7.093   10.029  1.000 84.623  0 318 PHE A CB  1 ? 
ATOM   818 C CG  . PHE A 1 120 ? 4.378   7.663   9.521   1.000 80.655  0 318 PHE A CG  1 ? 
ATOM   819 C CD1 . PHE A 1 120 ? 3.681   7.046   8.490   1.000 84.984  0 318 PHE A CD1 1 ? 
ATOM   820 C CD2 . PHE A 1 120 ? 3.824   8.802   10.086  1.000 70.299  0 318 PHE A CD2 1 ? 
ATOM   821 C CE1 . PHE A 1 120 ? 2.461   7.546   8.053   1.000 83.318  0 318 PHE A CE1 1 ? 
ATOM   822 C CE2 . PHE A 1 120 ? 2.603   9.302   9.646   1.000 73.624  0 318 PHE A CE2 1 ? 
ATOM   823 C CZ  . PHE A 1 120 ? 1.923   8.681   8.626   1.000 73.723  0 318 PHE A CZ  1 ? 
ATOM   824 N N   . LEU A 1 121 ? 7.627   4.506   10.446  1.000 89.821  0 319 LEU A N   1 ? 
ATOM   825 C CA  . LEU A 1 121 ? 8.896   3.905   10.830  1.000 96.320  0 319 LEU A CA  1 ? 
ATOM   826 C C   . LEU A 1 121 ? 9.972   4.978   10.827  1.000 115.671 0 319 LEU A C   1 ? 
ATOM   827 O O   . LEU A 1 121 ? 9.912   5.889   10.002  1.000 138.603 0 319 LEU A O   1 ? 
ATOM   828 C CB  . LEU A 1 121 ? 9.280   2.803   9.840   1.000 80.425  0 319 LEU A CB  1 ? 
ATOM   829 C CG  . LEU A 1 121 ? 8.138   1.863   9.491   1.000 82.654  0 319 LEU A CG  1 ? 
ATOM   830 C CD1 . LEU A 1 121 ? 8.554   0.847   8.432   1.000 74.653  0 319 LEU A CD1 1 ? 
ATOM   831 C CD2 . LEU A 1 121 ? 7.541   1.241   10.751  1.000 75.094  0 319 LEU A CD2 1 ? 
ATOM   832 N N   . SER A 1 122 ? 10.935  4.837   11.751  1.000 132.157 0 320 SER A N   1 ? 
ATOM   833 C CA  . SER A 1 122 ? 12.190  5.575   11.716  1.000 135.588 0 320 SER A CA  1 ? 
ATOM   834 C C   . SER A 1 122 ? 13.122  4.944   10.680  1.000 146.248 0 320 SER A C   1 ? 
ATOM   835 O O   . SER A 1 122 ? 12.836  3.858   10.174  1.000 137.500 0 320 SER A O   1 ? 
ATOM   836 C CB  . SER A 1 122 ? 12.821  5.598   13.072  1.000 128.136 0 320 SER A CB  1 ? 
ATOM   837 O OG  . SER A 1 122 ? 13.026  4.271   13.529  1.000 141.242 0 320 SER A OG  1 ? 
ATOM   838 N N   . GLU A 1 123 ? 14.236  5.633   10.390  1.000 153.215 0 321 GLU A N   1 ? 
ATOM   839 C CA  . GLU A 1 123 ? 15.141  5.302   9.294   1.000 155.633 0 321 GLU A CA  1 ? 
ATOM   840 C C   . GLU A 1 123 ? 15.564  3.827   9.358   1.000 161.922 0 321 GLU A C   1 ? 
ATOM   841 O O   . GLU A 1 123 ? 16.016  3.255   8.362   1.000 152.471 0 321 GLU A O   1 ? 
ATOM   842 C CB  . GLU A 1 123 ? 16.300  6.306   9.290   1.000 138.289 0 321 GLU A CB  1 ? 
ATOM   843 C CG  . GLU A 1 123 ? 16.855  6.595   7.906   1.000 156.263 0 321 GLU A CG  1 ? 
ATOM   844 C CD  . GLU A 1 123 ? 17.670  5.481   7.261   1.000 167.927 0 321 GLU A CD  1 ? 
ATOM   845 O OE1 . GLU A 1 123 ? 18.581  4.938   7.931   1.000 167.360 0 321 GLU A OE1 1 ? 
ATOM   846 O OE2 . GLU A 1 123 ? 17.385  5.152   6.091   1.000 163.922 0 321 GLU A OE2 1 ? 
ATOM   847 N N   . SER A 1 124 ? 15.364  3.206   10.530  1.000 153.833 0 322 SER A N   1 ? 
ATOM   848 C CA  . SER A 1 124 ? 15.721  1.819   10.791  1.000 139.468 0 322 SER A CA  1 ? 
ATOM   849 C C   . SER A 1 124 ? 14.686  0.830   10.212  1.000 133.989 0 322 SER A C   1 ? 
ATOM   850 O O   . SER A 1 124 ? 13.485  0.898   10.582  1.000 110.477 0 322 SER A O   1 ? 
ATOM   851 C CB  . SER A 1 124 ? 16.003  1.605   12.266  1.000 132.169 0 322 SER A CB  1 ? 
ATOM   852 O OG  . SER A 1 124 ? 15.753  2.792   13.014  1.000 121.904 0 322 SER A OG  1 ? 
HETATM 853 O O   . HOH B 2 .   ? 4.173   -5.818  8.547   1.000 75.338  0 401 HOH A O   1 ? 
HETATM 854 O O   . HOH B 2 .   ? 2.579   -15.366 -7.151  1.000 69.366  0 402 HOH A O   1 ? 
HETATM 855 O O   . HOH B 2 .   ? -11.633 -5.264  10.175  1.000 87.357  0 403 HOH A O   1 ? 
HETATM 856 O O   . HOH B 2 .   ? -4.984  13.303  10.640  1.000 67.721  0 404 HOH A O   1 ? 
HETATM 857 O O   . HOH B 2 .   ? -12.746 -3.272  -3.681  1.000 66.482  0 405 HOH A O   1 ? 
# 
loop_
_pdbx_poly_seq_scheme.asym_id 
_pdbx_poly_seq_scheme.entity_id 
_pdbx_poly_seq_scheme.seq_id 
_pdbx_poly_seq_scheme.mon_id 
_pdbx_poly_seq_scheme.ndb_seq_num 
_pdbx_poly_seq_scheme.pdb_seq_num 
_pdbx_poly_seq_scheme.auth_seq_num 
_pdbx_poly_seq_scheme.pdb_mon_id 
_pdbx_poly_seq_scheme.auth_mon_id 
_pdbx_poly_seq_scheme.pdb_strand_id 
_pdbx_poly_seq_scheme.pdb_ins_code 
_pdbx_poly_seq_scheme.hetero 
A 1 1   THR 1   199 ?   ?   ?   A . n 
A 1 2   GLN 2   200 ?   ?   ?   A . n 
A 1 3   VAL 3   201 201 VAL VAL A . n 
A 1 4   HIS 4   202 202 HIS HIS A . n 
A 1 5   MET 5   203 203 MET MET A . n 
A 1 6   LEU 6   204 204 LEU LEU A . n 
A 1 7   TYR 7   205 205 TYR TYR A . n 
A 1 8   ILE 8   206 206 ILE ILE A . n 
A 1 9   ASN 9   207 207 ASN ASN A . n 
A 1 10  ALA 10  208 208 ALA ALA A . n 
A 1 11  GLU 11  209 209 GLU GLU A . n 
A 1 12  VAL 12  210 210 VAL VAL A . n 
A 1 13  ASN 13  211 211 ASN ASN A . n 
A 1 14  GLY 14  212 212 GLY GLY A . n 
A 1 15  ILE 15  213 213 ILE ILE A . n 
A 1 16  SER 16  214 214 SER SER A . n 
A 1 17  ILE 17  215 215 ILE ILE A . n 
A 1 18  LYS 18  216 216 LYS LYS A . n 
A 1 19  ALA 19  217 217 ALA ALA A . n 
A 1 20  PHE 20  218 218 PHE PHE A . n 
A 1 21  VAL 21  219 219 VAL VAL A . n 
A 1 22  ASP 22  220 220 ASP ASP A . n 
A 1 23  SER 23  221 221 SER SER A . n 
A 1 24  GLY 24  222 222 GLY GLY A . n 
A 1 25  ALA 25  223 223 ALA ALA A . n 
A 1 26  GLN 26  224 224 GLN GLN A . n 
A 1 27  THR 27  225 225 THR THR A . n 
A 1 28  THR 28  226 226 THR THR A . n 
A 1 29  ILE 29  227 227 ILE ILE A . n 
A 1 30  MET 30  228 228 MET MET A . n 
A 1 31  SER 31  229 229 SER SER A . n 
A 1 32  LYS 32  230 230 LYS LYS A . n 
A 1 33  LYS 33  231 231 LYS LYS A . n 
A 1 34  CYS 34  232 232 CYS CYS A . n 
A 1 35  ALA 35  233 233 ALA ALA A . n 
A 1 36  GLU 36  234 234 GLU GLU A . n 
A 1 37  LYS 37  235 235 LYS LYS A . n 
A 1 38  CYS 38  236 236 CYS CYS A . n 
A 1 39  ASN 39  237 237 ASN ASN A . n 
A 1 40  LEU 40  238 238 LEU LEU A . n 
A 1 41  VAL 41  239 239 VAL VAL A . n 
A 1 42  ARG 42  240 240 ARG ARG A . n 
A 1 43  LEU 43  241 241 LEU LEU A . n 
A 1 44  ILE 44  242 242 ILE ILE A . n 
A 1 45  ASP 45  243 243 ASP ASP A . n 
A 1 46  TYR 46  244 244 TYR TYR A . n 
A 1 47  ARG 47  245 245 ARG ARG A . n 
A 1 48  PHE 48  246 246 PHE PHE A . n 
A 1 49  SER 49  247 247 SER SER A . n 
A 1 50  GLY 50  248 ?   ?   ?   A . n 
A 1 51  ILE 51  249 ?   ?   ?   A . n 
A 1 52  ALA 52  250 ?   ?   ?   A . n 
A 1 53  GLN 53  251 ?   ?   ?   A . n 
A 1 54  GLY 54  252 ?   ?   ?   A . n 
A 1 55  VAL 55  253 ?   ?   ?   A . n 
A 1 56  GLY 56  254 ?   ?   ?   A . n 
A 1 57  THR 57  255 ?   ?   ?   A . n 
A 1 58  SER 58  256 ?   ?   ?   A . n 
A 1 59  LYS 59  257 257 LYS LYS A . n 
A 1 60  ILE 60  258 258 ILE ILE A . n 
A 1 61  VAL 61  259 259 VAL VAL A . n 
A 1 62  GLY 62  260 260 GLY GLY A . n 
A 1 63  LYS 63  261 261 LYS LYS A . n 
A 1 64  ILE 64  262 262 ILE ILE A . n 
A 1 65  HIS 65  263 263 HIS HIS A . n 
A 1 66  VAL 66  264 264 VAL VAL A . n 
A 1 67  ALA 67  265 265 ALA ALA A . n 
A 1 68  GLN 68  266 266 GLN GLN A . n 
A 1 69  MET 69  267 267 MET MET A . n 
A 1 70  LYS 70  268 268 LYS LYS A . n 
A 1 71  ILE 71  269 269 ILE ILE A . n 
A 1 72  GLY 72  270 270 GLY GLY A . n 
A 1 73  ASN 73  271 271 ASN ASN A . n 
A 1 74  SER 74  272 272 SER SER A . n 
A 1 75  PHE 75  273 273 PHE PHE A . n 
A 1 76  PHE 76  274 274 PHE PHE A . n 
A 1 77  PRO 77  275 275 PRO PRO A . n 
A 1 78  PHE 78  276 276 PHE PHE A . n 
A 1 79  SER 79  277 277 SER SER A . n 
A 1 80  ILE 80  278 278 ILE ILE A . n 
A 1 81  THR 81  279 279 THR THR A . n 
A 1 82  VAL 82  280 280 VAL VAL A . n 
A 1 83  LEU 83  281 281 LEU LEU A . n 
A 1 84  GLU 84  282 282 GLU GLU A . n 
A 1 85  GLU 85  283 283 GLU GLU A . n 
A 1 86  SER 86  284 284 SER SER A . n 
A 1 87  HIS 87  285 285 HIS HIS A . n 
A 1 88  VAL 88  286 286 VAL VAL A . n 
A 1 89  ASP 89  287 287 ASP ASP A . n 
A 1 90  PHE 90  288 288 PHE PHE A . n 
A 1 91  LEU 91  289 289 LEU LEU A . n 
A 1 92  PHE 92  290 290 PHE PHE A . n 
A 1 93  GLY 93  291 291 GLY GLY A . n 
A 1 94  LEU 94  292 292 LEU LEU A . n 
A 1 95  ASP 95  293 293 ASP ASP A . n 
A 1 96  LEU 96  294 294 LEU LEU A . n 
A 1 97  LEU 97  295 295 LEU LEU A . n 
A 1 98  LYS 98  296 296 LYS LYS A . n 
A 1 99  ARG 99  297 297 ARG ARG A . n 
A 1 100 TYR 100 298 298 TYR TYR A . n 
A 1 101 GLN 101 299 299 GLN GLN A . n 
A 1 102 CYS 102 300 300 CYS CYS A . n 
A 1 103 CYS 103 301 301 CYS CYS A . n 
A 1 104 ILE 104 302 302 ILE ILE A . n 
A 1 105 ASP 105 303 303 ASP ASP A . n 
A 1 106 LEU 106 304 304 LEU LEU A . n 
A 1 107 HIS 107 305 305 HIS HIS A . n 
A 1 108 GLN 108 306 306 GLN GLN A . n 
A 1 109 ASN 109 307 307 ASN ASN A . n 
A 1 110 ALA 110 308 308 ALA ALA A . n 
A 1 111 LEU 111 309 309 LEU LEU A . n 
A 1 112 ILE 112 310 310 ILE ILE A . n 
A 1 113 ILE 113 311 311 ILE ILE A . n 
A 1 114 GLY 114 312 312 GLY GLY A . n 
A 1 115 ASP 115 313 313 ASP ASP A . n 
A 1 116 GLU 116 314 314 GLU GLU A . n 
A 1 117 LYS 117 315 315 LYS LYS A . n 
A 1 118 VAL 118 316 316 VAL VAL A . n 
A 1 119 GLN 119 317 317 GLN GLN A . n 
A 1 120 PHE 120 318 318 PHE PHE A . n 
A 1 121 LEU 121 319 319 LEU LEU A . n 
A 1 122 SER 122 320 320 SER SER A . n 
A 1 123 GLU 123 321 321 GLU GLU A . n 
A 1 124 SER 124 322 322 SER SER A . n 
A 1 125 GLU 125 323 ?   ?   ?   A . n 
A 1 126 ILE 126 324 ?   ?   ?   A . n 
A 1 127 ASN 127 325 ?   ?   ?   A . n 
A 1 128 SER 128 326 ?   ?   ?   A . n 
# 
loop_
_pdbx_nonpoly_scheme.asym_id 
_pdbx_nonpoly_scheme.entity_id 
_pdbx_nonpoly_scheme.mon_id 
_pdbx_nonpoly_scheme.ndb_seq_num 
_pdbx_nonpoly_scheme.pdb_seq_num 
_pdbx_nonpoly_scheme.auth_seq_num 
_pdbx_nonpoly_scheme.pdb_mon_id 
_pdbx_nonpoly_scheme.auth_mon_id 
_pdbx_nonpoly_scheme.pdb_strand_id 
_pdbx_nonpoly_scheme.pdb_ins_code 
B 2 HOH 1 401 3 HOH HOH A . 
B 2 HOH 2 402 2 HOH HOH A . 
B 2 HOH 3 403 4 HOH HOH A . 
B 2 HOH 4 404 5 HOH HOH A . 
B 2 HOH 5 405 1 HOH HOH A . 
# 
_pdbx_struct_assembly.id                   1 
_pdbx_struct_assembly.details              author_and_software_defined_assembly 
_pdbx_struct_assembly.method_details       PISA 
_pdbx_struct_assembly.oligomeric_details   dimeric 
_pdbx_struct_assembly.oligomeric_count     2 
# 
_pdbx_struct_assembly_gen.assembly_id       1 
_pdbx_struct_assembly_gen.oper_expression   1,2 
_pdbx_struct_assembly_gen.asym_id_list      A,B 
# 
loop_
_pdbx_struct_assembly_prop.biol_id 
_pdbx_struct_assembly_prop.type 
_pdbx_struct_assembly_prop.value 
_pdbx_struct_assembly_prop.details 
1 'ABSA (A^2)' 1800  ? 
1 MORE         -17   ? 
1 'SSA (A^2)'  10780 ? 
# 
loop_
_pdbx_struct_oper_list.id 
_pdbx_struct_oper_list.type 
_pdbx_struct_oper_list.name 
_pdbx_struct_oper_list.symmetry_operation 
_pdbx_struct_oper_list.matrix[1][1] 
_pdbx_struct_oper_list.matrix[1][2] 
_pdbx_struct_oper_list.matrix[1][3] 
_pdbx_struct_oper_list.vector[1] 
_pdbx_struct_oper_list.matrix[2][1] 
_pdbx_struct_oper_list.matrix[2][2] 
_pdbx_struct_oper_list.matrix[2][3] 
_pdbx_struct_oper_list.vector[2] 
_pdbx_struct_oper_list.matrix[3][1] 
_pdbx_struct_oper_list.matrix[3][2] 
_pdbx_struct_oper_list.matrix[3][3] 
_pdbx_struct_oper_list.vector[3] 
1 'identity operation'         1_555 x,y,z  1.0000000000  0.0000000000  0.0000000000  0.0000000000 0.0000000000  1.0000000000  0.0000000000 0.0000000000  0.0000000000  0.0000000000 1.0000000000 0.0000000000  
2 'crystal symmetry operation' 4_555 y,x,-z -0.5384238194 -0.1285308231 -0.8328142759 3.9277146947 -0.1285308231 -0.9642092179 0.2319060405 24.9604048659 -0.8328142759 0.2319060405 0.5026330373 -1.6753337171 
# 
loop_
_pdbx_audit_revision_history.ordinal 
_pdbx_audit_revision_history.data_content_type 
_pdbx_audit_revision_history.major_revision 
_pdbx_audit_revision_history.minor_revision 
_pdbx_audit_revision_history.revision_date 
1 'Structure model' 1 0 2022-02-09 
2 'Structure model' 1 1 2022-12-07 
3 'Structure model' 1 2 2023-11-29 
# 
_pdbx_audit_revision_details.ordinal             1 
_pdbx_audit_revision_details.revision_ordinal    1 
_pdbx_audit_revision_details.data_content_type   'Structure model' 
_pdbx_audit_revision_details.provider            repository 
_pdbx_audit_revision_details.type                'Initial release' 
_pdbx_audit_revision_details.description         ? 
_pdbx_audit_revision_details.details             ? 
# 
loop_
_pdbx_audit_revision_group.ordinal 
_pdbx_audit_revision_group.revision_ordinal 
_pdbx_audit_revision_group.data_content_type 
_pdbx_audit_revision_group.group 
1 2 'Structure model' 'Database references'    
2 2 'Structure model' 'Derived calculations'   
3 3 'Structure model' 'Data collection'        
4 3 'Structure model' 'Refinement description' 
# 
loop_
_pdbx_audit_revision_category.ordinal 
_pdbx_audit_revision_category.revision_ordinal 
_pdbx_audit_revision_category.data_content_type 
_pdbx_audit_revision_category.category 
1 2 'Structure model' atom_type                     
2 2 'Structure model' citation                      
3 2 'Structure model' citation_author               
4 3 'Structure model' chem_comp_atom                
5 3 'Structure model' chem_comp_bond                
6 3 'Structure model' pdbx_initial_refinement_model 
# 
loop_
_pdbx_audit_revision_item.ordinal 
_pdbx_audit_revision_item.revision_ordinal 
_pdbx_audit_revision_item.data_content_type 
_pdbx_audit_revision_item.item 
1  2 'Structure model' '_atom_type.pdbx_N_electrons'       
2  2 'Structure model' '_atom_type.pdbx_scat_Z'            
3  2 'Structure model' '_citation.country'                 
4  2 'Structure model' '_citation.journal_abbrev'          
5  2 'Structure model' '_citation.journal_id_CSD'          
6  2 'Structure model' '_citation.journal_id_ISSN'         
7  2 'Structure model' '_citation.journal_volume'          
8  2 'Structure model' '_citation.page_first'              
9  2 'Structure model' '_citation.page_last'               
10 2 'Structure model' '_citation.pdbx_database_id_DOI'    
11 2 'Structure model' '_citation.pdbx_database_id_PubMed' 
12 2 'Structure model' '_citation.title'                   
13 2 'Structure model' '_citation.year'                    
14 2 'Structure model' '_citation_author.identifier_ORCID' 
15 2 'Structure model' '_citation_author.name'             
# 
loop_
_software.citation_id 
_software.classification 
_software.compiler_name 
_software.compiler_version 
_software.contact_author 
_software.contact_author_email 
_software.date 
_software.description 
_software.dependencies 
_software.hardware 
_software.language 
_software.location 
_software.mods 
_software.name 
_software.os 
_software.os_version 
_software.type 
_software.version 
_software.pdbx_ordinal 
? refinement       ? ? ? ? ? ? ? ? ? ? ? REFMAC  ? ? ? 5.8.0266 1 
? 'data reduction' ? ? ? ? ? ? ? ? ? ? ? MOSFLM  ? ? ? .        2 
? 'data scaling'   ? ? ? ? ? ? ? ? ? ? ? Aimless ? ? ? .        3 
? phasing          ? ? ? ? ? ? ? ? ? ? ? PHASER  ? ? ? .        4 
# 
_pdbx_validate_close_contact.id               1 
_pdbx_validate_close_contact.PDB_model_num    1 
_pdbx_validate_close_contact.auth_atom_id_1   CB 
_pdbx_validate_close_contact.auth_asym_id_1   A 
_pdbx_validate_close_contact.auth_comp_id_1   CYS 
_pdbx_validate_close_contact.auth_seq_id_1    301 
_pdbx_validate_close_contact.PDB_ins_code_1   ? 
_pdbx_validate_close_contact.label_alt_id_1   ? 
_pdbx_validate_close_contact.auth_atom_id_2   O 
_pdbx_validate_close_contact.auth_asym_id_2   A 
_pdbx_validate_close_contact.auth_comp_id_2   HOH 
_pdbx_validate_close_contact.auth_seq_id_2    404 
_pdbx_validate_close_contact.PDB_ins_code_2   ? 
_pdbx_validate_close_contact.label_alt_id_2   ? 
_pdbx_validate_close_contact.dist             2.06 
# 
_pdbx_validate_torsion.id              1 
_pdbx_validate_torsion.PDB_model_num   1 
_pdbx_validate_torsion.auth_comp_id    GLN 
_pdbx_validate_torsion.auth_asym_id    A 
_pdbx_validate_torsion.auth_seq_id     299 
_pdbx_validate_torsion.PDB_ins_code    ? 
_pdbx_validate_torsion.label_alt_id    ? 
_pdbx_validate_torsion.phi             38.85 
_pdbx_validate_torsion.psi             53.20 
# 
loop_
_pdbx_unobs_or_zero_occ_atoms.id 
_pdbx_unobs_or_zero_occ_atoms.PDB_model_num 
_pdbx_unobs_or_zero_occ_atoms.polymer_flag 
_pdbx_unobs_or_zero_occ_atoms.occupancy_flag 
_pdbx_unobs_or_zero_occ_atoms.auth_asym_id 
_pdbx_unobs_or_zero_occ_atoms.auth_comp_id 
_pdbx_unobs_or_zero_occ_atoms.auth_seq_id 
_pdbx_unobs_or_zero_occ_atoms.PDB_ins_code 
_pdbx_unobs_or_zero_occ_atoms.auth_atom_id 
_pdbx_unobs_or_zero_occ_atoms.label_alt_id 
_pdbx_unobs_or_zero_occ_atoms.label_asym_id 
_pdbx_unobs_or_zero_occ_atoms.label_comp_id 
_pdbx_unobs_or_zero_occ_atoms.label_seq_id 
_pdbx_unobs_or_zero_occ_atoms.label_atom_id 
1  1 Y 1 A HIS 202 ? CG  ? A HIS 4   CG  
2  1 Y 1 A HIS 202 ? ND1 ? A HIS 4   ND1 
3  1 Y 1 A HIS 202 ? CD2 ? A HIS 4   CD2 
4  1 Y 1 A HIS 202 ? CE1 ? A HIS 4   CE1 
5  1 Y 1 A HIS 202 ? NE2 ? A HIS 4   NE2 
6  1 Y 1 A LYS 216 ? CG  ? A LYS 18  CG  
7  1 Y 1 A LYS 216 ? CD  ? A LYS 18  CD  
8  1 Y 1 A LYS 216 ? CE  ? A LYS 18  CE  
9  1 Y 1 A LYS 216 ? NZ  ? A LYS 18  NZ  
10 1 Y 1 A LYS 231 ? CG  ? A LYS 33  CG  
11 1 Y 1 A LYS 231 ? CD  ? A LYS 33  CD  
12 1 Y 1 A LYS 231 ? CE  ? A LYS 33  CE  
13 1 Y 1 A LYS 231 ? NZ  ? A LYS 33  NZ  
14 1 Y 1 A LYS 235 ? CG  ? A LYS 37  CG  
15 1 Y 1 A LYS 235 ? CD  ? A LYS 37  CD  
16 1 Y 1 A LYS 235 ? CE  ? A LYS 37  CE  
17 1 Y 1 A LYS 235 ? NZ  ? A LYS 37  NZ  
18 1 Y 1 A LYS 257 ? CG  ? A LYS 59  CG  
19 1 Y 1 A LYS 257 ? CD  ? A LYS 59  CD  
20 1 Y 1 A LYS 257 ? CE  ? A LYS 59  CE  
21 1 Y 1 A LYS 257 ? NZ  ? A LYS 59  NZ  
22 1 Y 1 A GLU 283 ? CG  ? A GLU 85  CG  
23 1 Y 1 A GLU 283 ? CD  ? A GLU 85  CD  
24 1 Y 1 A GLU 283 ? OE1 ? A GLU 85  OE1 
25 1 Y 1 A GLU 283 ? OE2 ? A GLU 85  OE2 
26 1 Y 1 A HIS 285 ? CG  ? A HIS 87  CG  
27 1 Y 1 A HIS 285 ? ND1 ? A HIS 87  ND1 
28 1 Y 1 A HIS 285 ? CD2 ? A HIS 87  CD2 
29 1 Y 1 A HIS 285 ? CE1 ? A HIS 87  CE1 
30 1 Y 1 A HIS 285 ? NE2 ? A HIS 87  NE2 
31 1 Y 1 A LYS 296 ? CG  ? A LYS 98  CG  
32 1 Y 1 A LYS 296 ? CD  ? A LYS 98  CD  
33 1 Y 1 A LYS 296 ? CE  ? A LYS 98  CE  
34 1 Y 1 A LYS 296 ? NZ  ? A LYS 98  NZ  
35 1 Y 1 A ARG 297 ? CG  ? A ARG 99  CG  
36 1 Y 1 A ARG 297 ? CD  ? A ARG 99  CD  
37 1 Y 1 A ARG 297 ? NE  ? A ARG 99  NE  
38 1 Y 1 A ARG 297 ? CZ  ? A ARG 99  CZ  
39 1 Y 1 A ARG 297 ? NH1 ? A ARG 99  NH1 
40 1 Y 1 A ARG 297 ? NH2 ? A ARG 99  NH2 
41 1 Y 1 A LYS 315 ? CG  ? A LYS 117 CG  
42 1 Y 1 A LYS 315 ? CD  ? A LYS 117 CD  
43 1 Y 1 A LYS 315 ? CE  ? A LYS 117 CE  
44 1 Y 1 A LYS 315 ? NZ  ? A LYS 117 NZ  
# 
loop_
_pdbx_unobs_or_zero_occ_residues.id 
_pdbx_unobs_or_zero_occ_residues.PDB_model_num 
_pdbx_unobs_or_zero_occ_residues.polymer_flag 
_pdbx_unobs_or_zero_occ_residues.occupancy_flag 
_pdbx_unobs_or_zero_occ_residues.auth_asym_id 
_pdbx_unobs_or_zero_occ_residues.auth_comp_id 
_pdbx_unobs_or_zero_occ_residues.auth_seq_id 
_pdbx_unobs_or_zero_occ_residues.PDB_ins_code 
_pdbx_unobs_or_zero_occ_residues.label_asym_id 
_pdbx_unobs_or_zero_occ_residues.label_comp_id 
_pdbx_unobs_or_zero_occ_residues.label_seq_id 
1  1 Y 1 A THR 199 ? A THR 1   
2  1 Y 1 A GLN 200 ? A GLN 2   
3  1 Y 1 A GLY 248 ? A GLY 50  
4  1 Y 1 A ILE 249 ? A ILE 51  
5  1 Y 1 A ALA 250 ? A ALA 52  
6  1 Y 1 A GLN 251 ? A GLN 53  
7  1 Y 1 A GLY 252 ? A GLY 54  
8  1 Y 1 A VAL 253 ? A VAL 55  
9  1 Y 1 A GLY 254 ? A GLY 56  
10 1 Y 1 A THR 255 ? A THR 57  
11 1 Y 1 A SER 256 ? A SER 58  
12 1 Y 1 A GLU 323 ? A GLU 125 
13 1 Y 1 A ILE 324 ? A ILE 126 
14 1 Y 1 A ASN 325 ? A ASN 127 
15 1 Y 1 A SER 326 ? A SER 128 
# 
loop_
_chem_comp_atom.comp_id 
_chem_comp_atom.atom_id 
_chem_comp_atom.type_symbol 
_chem_comp_atom.pdbx_aromatic_flag 
_chem_comp_atom.pdbx_stereo_config 
_chem_comp_atom.pdbx_ordinal 
ALA N    N N N 1   
ALA CA   C N S 2   
ALA C    C N N 3   
ALA O    O N N 4   
ALA CB   C N N 5   
ALA OXT  O N N 6   
ALA H    H N N 7   
ALA H2   H N N 8   
ALA HA   H N N 9   
ALA HB1  H N N 10  
ALA HB2  H N N 11  
ALA HB3  H N N 12  
ALA HXT  H N N 13  
ARG N    N N N 14  
ARG CA   C N S 15  
ARG C    C N N 16  
ARG O    O N N 17  
ARG CB   C N N 18  
ARG CG   C N N 19  
ARG CD   C N N 20  
ARG NE   N N N 21  
ARG CZ   C N N 22  
ARG NH1  N N N 23  
ARG NH2  N N N 24  
ARG OXT  O N N 25  
ARG H    H N N 26  
ARG H2   H N N 27  
ARG HA   H N N 28  
ARG HB2  H N N 29  
ARG HB3  H N N 30  
ARG HG2  H N N 31  
ARG HG3  H N N 32  
ARG HD2  H N N 33  
ARG HD3  H N N 34  
ARG HE   H N N 35  
ARG HH11 H N N 36  
ARG HH12 H N N 37  
ARG HH21 H N N 38  
ARG HH22 H N N 39  
ARG HXT  H N N 40  
ASN N    N N N 41  
ASN CA   C N S 42  
ASN C    C N N 43  
ASN O    O N N 44  
ASN CB   C N N 45  
ASN CG   C N N 46  
ASN OD1  O N N 47  
ASN ND2  N N N 48  
ASN OXT  O N N 49  
ASN H    H N N 50  
ASN H2   H N N 51  
ASN HA   H N N 52  
ASN HB2  H N N 53  
ASN HB3  H N N 54  
ASN HD21 H N N 55  
ASN HD22 H N N 56  
ASN HXT  H N N 57  
ASP N    N N N 58  
ASP CA   C N S 59  
ASP C    C N N 60  
ASP O    O N N 61  
ASP CB   C N N 62  
ASP CG   C N N 63  
ASP OD1  O N N 64  
ASP OD2  O N N 65  
ASP OXT  O N N 66  
ASP H    H N N 67  
ASP H2   H N N 68  
ASP HA   H N N 69  
ASP HB2  H N N 70  
ASP HB3  H N N 71  
ASP HD2  H N N 72  
ASP HXT  H N N 73  
CYS N    N N N 74  
CYS CA   C N R 75  
CYS C    C N N 76  
CYS O    O N N 77  
CYS CB   C N N 78  
CYS SG   S N N 79  
CYS OXT  O N N 80  
CYS H    H N N 81  
CYS H2   H N N 82  
CYS HA   H N N 83  
CYS HB2  H N N 84  
CYS HB3  H N N 85  
CYS HG   H N N 86  
CYS HXT  H N N 87  
GLN N    N N N 88  
GLN CA   C N S 89  
GLN C    C N N 90  
GLN O    O N N 91  
GLN CB   C N N 92  
GLN CG   C N N 93  
GLN CD   C N N 94  
GLN OE1  O N N 95  
GLN NE2  N N N 96  
GLN OXT  O N N 97  
GLN H    H N N 98  
GLN H2   H N N 99  
GLN HA   H N N 100 
GLN HB2  H N N 101 
GLN HB3  H N N 102 
GLN HG2  H N N 103 
GLN HG3  H N N 104 
GLN HE21 H N N 105 
GLN HE22 H N N 106 
GLN HXT  H N N 107 
GLU N    N N N 108 
GLU CA   C N S 109 
GLU C    C N N 110 
GLU O    O N N 111 
GLU CB   C N N 112 
GLU CG   C N N 113 
GLU CD   C N N 114 
GLU OE1  O N N 115 
GLU OE2  O N N 116 
GLU OXT  O N N 117 
GLU H    H N N 118 
GLU H2   H N N 119 
GLU HA   H N N 120 
GLU HB2  H N N 121 
GLU HB3  H N N 122 
GLU HG2  H N N 123 
GLU HG3  H N N 124 
GLU HE2  H N N 125 
GLU HXT  H N N 126 
GLY N    N N N 127 
GLY CA   C N N 128 
GLY C    C N N 129 
GLY O    O N N 130 
GLY OXT  O N N 131 
GLY H    H N N 132 
GLY H2   H N N 133 
GLY HA2  H N N 134 
GLY HA3  H N N 135 
GLY HXT  H N N 136 
HIS N    N N N 137 
HIS CA   C N S 138 
HIS C    C N N 139 
HIS O    O N N 140 
HIS CB   C N N 141 
HIS CG   C Y N 142 
HIS ND1  N Y N 143 
HIS CD2  C Y N 144 
HIS CE1  C Y N 145 
HIS NE2  N Y N 146 
HIS OXT  O N N 147 
HIS H    H N N 148 
HIS H2   H N N 149 
HIS HA   H N N 150 
HIS HB2  H N N 151 
HIS HB3  H N N 152 
HIS HD1  H N N 153 
HIS HD2  H N N 154 
HIS HE1  H N N 155 
HIS HE2  H N N 156 
HIS HXT  H N N 157 
HOH O    O N N 158 
HOH H1   H N N 159 
HOH H2   H N N 160 
ILE N    N N N 161 
ILE CA   C N S 162 
ILE C    C N N 163 
ILE O    O N N 164 
ILE CB   C N S 165 
ILE CG1  C N N 166 
ILE CG2  C N N 167 
ILE CD1  C N N 168 
ILE OXT  O N N 169 
ILE H    H N N 170 
ILE H2   H N N 171 
ILE HA   H N N 172 
ILE HB   H N N 173 
ILE HG12 H N N 174 
ILE HG13 H N N 175 
ILE HG21 H N N 176 
ILE HG22 H N N 177 
ILE HG23 H N N 178 
ILE HD11 H N N 179 
ILE HD12 H N N 180 
ILE HD13 H N N 181 
ILE HXT  H N N 182 
LEU N    N N N 183 
LEU CA   C N S 184 
LEU C    C N N 185 
LEU O    O N N 186 
LEU CB   C N N 187 
LEU CG   C N N 188 
LEU CD1  C N N 189 
LEU CD2  C N N 190 
LEU OXT  O N N 191 
LEU H    H N N 192 
LEU H2   H N N 193 
LEU HA   H N N 194 
LEU HB2  H N N 195 
LEU HB3  H N N 196 
LEU HG   H N N 197 
LEU HD11 H N N 198 
LEU HD12 H N N 199 
LEU HD13 H N N 200 
LEU HD21 H N N 201 
LEU HD22 H N N 202 
LEU HD23 H N N 203 
LEU HXT  H N N 204 
LYS N    N N N 205 
LYS CA   C N S 206 
LYS C    C N N 207 
LYS O    O N N 208 
LYS CB   C N N 209 
LYS CG   C N N 210 
LYS CD   C N N 211 
LYS CE   C N N 212 
LYS NZ   N N N 213 
LYS OXT  O N N 214 
LYS H    H N N 215 
LYS H2   H N N 216 
LYS HA   H N N 217 
LYS HB2  H N N 218 
LYS HB3  H N N 219 
LYS HG2  H N N 220 
LYS HG3  H N N 221 
LYS HD2  H N N 222 
LYS HD3  H N N 223 
LYS HE2  H N N 224 
LYS HE3  H N N 225 
LYS HZ1  H N N 226 
LYS HZ2  H N N 227 
LYS HZ3  H N N 228 
LYS HXT  H N N 229 
MET N    N N N 230 
MET CA   C N S 231 
MET C    C N N 232 
MET O    O N N 233 
MET CB   C N N 234 
MET CG   C N N 235 
MET SD   S N N 236 
MET CE   C N N 237 
MET OXT  O N N 238 
MET H    H N N 239 
MET H2   H N N 240 
MET HA   H N N 241 
MET HB2  H N N 242 
MET HB3  H N N 243 
MET HG2  H N N 244 
MET HG3  H N N 245 
MET HE1  H N N 246 
MET HE2  H N N 247 
MET HE3  H N N 248 
MET HXT  H N N 249 
PHE N    N N N 250 
PHE CA   C N S 251 
PHE C    C N N 252 
PHE O    O N N 253 
PHE CB   C N N 254 
PHE CG   C Y N 255 
PHE CD1  C Y N 256 
PHE CD2  C Y N 257 
PHE CE1  C Y N 258 
PHE CE2  C Y N 259 
PHE CZ   C Y N 260 
PHE OXT  O N N 261 
PHE H    H N N 262 
PHE H2   H N N 263 
PHE HA   H N N 264 
PHE HB2  H N N 265 
PHE HB3  H N N 266 
PHE HD1  H N N 267 
PHE HD2  H N N 268 
PHE HE1  H N N 269 
PHE HE2  H N N 270 
PHE HZ   H N N 271 
PHE HXT  H N N 272 
PRO N    N N N 273 
PRO CA   C N S 274 
PRO C    C N N 275 
PRO O    O N N 276 
PRO CB   C N N 277 
PRO CG   C N N 278 
PRO CD   C N N 279 
PRO OXT  O N N 280 
PRO H    H N N 281 
PRO HA   H N N 282 
PRO HB2  H N N 283 
PRO HB3  H N N 284 
PRO HG2  H N N 285 
PRO HG3  H N N 286 
PRO HD2  H N N 287 
PRO HD3  H N N 288 
PRO HXT  H N N 289 
SER N    N N N 290 
SER CA   C N S 291 
SER C    C N N 292 
SER O    O N N 293 
SER CB   C N N 294 
SER OG   O N N 295 
SER OXT  O N N 296 
SER H    H N N 297 
SER H2   H N N 298 
SER HA   H N N 299 
SER HB2  H N N 300 
SER HB3  H N N 301 
SER HG   H N N 302 
SER HXT  H N N 303 
THR N    N N N 304 
THR CA   C N S 305 
THR C    C N N 306 
THR O    O N N 307 
THR CB   C N R 308 
THR OG1  O N N 309 
THR CG2  C N N 310 
THR OXT  O N N 311 
THR H    H N N 312 
THR H2   H N N 313 
THR HA   H N N 314 
THR HB   H N N 315 
THR HG1  H N N 316 
THR HG21 H N N 317 
THR HG22 H N N 318 
THR HG23 H N N 319 
THR HXT  H N N 320 
TYR N    N N N 321 
TYR CA   C N S 322 
TYR C    C N N 323 
TYR O    O N N 324 
TYR CB   C N N 325 
TYR CG   C Y N 326 
TYR CD1  C Y N 327 
TYR CD2  C Y N 328 
TYR CE1  C Y N 329 
TYR CE2  C Y N 330 
TYR CZ   C Y N 331 
TYR OH   O N N 332 
TYR OXT  O N N 333 
TYR H    H N N 334 
TYR H2   H N N 335 
TYR HA   H N N 336 
TYR HB2  H N N 337 
TYR HB3  H N N 338 
TYR HD1  H N N 339 
TYR HD2  H N N 340 
TYR HE1  H N N 341 
TYR HE2  H N N 342 
TYR HH   H N N 343 
TYR HXT  H N N 344 
VAL N    N N N 345 
VAL CA   C N S 346 
VAL C    C N N 347 
VAL O    O N N 348 
VAL CB   C N N 349 
VAL CG1  C N N 350 
VAL CG2  C N N 351 
VAL OXT  O N N 352 
VAL H    H N N 353 
VAL H2   H N N 354 
VAL HA   H N N 355 
VAL HB   H N N 356 
VAL HG11 H N N 357 
VAL HG12 H N N 358 
VAL HG13 H N N 359 
VAL HG21 H N N 360 
VAL HG22 H N N 361 
VAL HG23 H N N 362 
VAL HXT  H N N 363 
# 
loop_
_chem_comp_bond.comp_id 
_chem_comp_bond.atom_id_1 
_chem_comp_bond.atom_id_2 
_chem_comp_bond.value_order 
_chem_comp_bond.pdbx_aromatic_flag 
_chem_comp_bond.pdbx_stereo_config 
_chem_comp_bond.pdbx_ordinal 
ALA N   CA   sing N N 1   
ALA N   H    sing N N 2   
ALA N   H2   sing N N 3   
ALA CA  C    sing N N 4   
ALA CA  CB   sing N N 5   
ALA CA  HA   sing N N 6   
ALA C   O    doub N N 7   
ALA C   OXT  sing N N 8   
ALA CB  HB1  sing N N 9   
ALA CB  HB2  sing N N 10  
ALA CB  HB3  sing N N 11  
ALA OXT HXT  sing N N 12  
ARG N   CA   sing N N 13  
ARG N   H    sing N N 14  
ARG N   H2   sing N N 15  
ARG CA  C    sing N N 16  
ARG CA  CB   sing N N 17  
ARG CA  HA   sing N N 18  
ARG C   O    doub N N 19  
ARG C   OXT  sing N N 20  
ARG CB  CG   sing N N 21  
ARG CB  HB2  sing N N 22  
ARG CB  HB3  sing N N 23  
ARG CG  CD   sing N N 24  
ARG CG  HG2  sing N N 25  
ARG CG  HG3  sing N N 26  
ARG CD  NE   sing N N 27  
ARG CD  HD2  sing N N 28  
ARG CD  HD3  sing N N 29  
ARG NE  CZ   sing N N 30  
ARG NE  HE   sing N N 31  
ARG CZ  NH1  sing N N 32  
ARG CZ  NH2  doub N N 33  
ARG NH1 HH11 sing N N 34  
ARG NH1 HH12 sing N N 35  
ARG NH2 HH21 sing N N 36  
ARG NH2 HH22 sing N N 37  
ARG OXT HXT  sing N N 38  
ASN N   CA   sing N N 39  
ASN N   H    sing N N 40  
ASN N   H2   sing N N 41  
ASN CA  C    sing N N 42  
ASN CA  CB   sing N N 43  
ASN CA  HA   sing N N 44  
ASN C   O    doub N N 45  
ASN C   OXT  sing N N 46  
ASN CB  CG   sing N N 47  
ASN CB  HB2  sing N N 48  
ASN CB  HB3  sing N N 49  
ASN CG  OD1  doub N N 50  
ASN CG  ND2  sing N N 51  
ASN ND2 HD21 sing N N 52  
ASN ND2 HD22 sing N N 53  
ASN OXT HXT  sing N N 54  
ASP N   CA   sing N N 55  
ASP N   H    sing N N 56  
ASP N   H2   sing N N 57  
ASP CA  C    sing N N 58  
ASP CA  CB   sing N N 59  
ASP CA  HA   sing N N 60  
ASP C   O    doub N N 61  
ASP C   OXT  sing N N 62  
ASP CB  CG   sing N N 63  
ASP CB  HB2  sing N N 64  
ASP CB  HB3  sing N N 65  
ASP CG  OD1  doub N N 66  
ASP CG  OD2  sing N N 67  
ASP OD2 HD2  sing N N 68  
ASP OXT HXT  sing N N 69  
CYS N   CA   sing N N 70  
CYS N   H    sing N N 71  
CYS N   H2   sing N N 72  
CYS CA  C    sing N N 73  
CYS CA  CB   sing N N 74  
CYS CA  HA   sing N N 75  
CYS C   O    doub N N 76  
CYS C   OXT  sing N N 77  
CYS CB  SG   sing N N 78  
CYS CB  HB2  sing N N 79  
CYS CB  HB3  sing N N 80  
CYS SG  HG   sing N N 81  
CYS OXT HXT  sing N N 82  
GLN N   CA   sing N N 83  
GLN N   H    sing N N 84  
GLN N   H2   sing N N 85  
GLN CA  C    sing N N 86  
GLN CA  CB   sing N N 87  
GLN CA  HA   sing N N 88  
GLN C   O    doub N N 89  
GLN C   OXT  sing N N 90  
GLN CB  CG   sing N N 91  
GLN CB  HB2  sing N N 92  
GLN CB  HB3  sing N N 93  
GLN CG  CD   sing N N 94  
GLN CG  HG2  sing N N 95  
GLN CG  HG3  sing N N 96  
GLN CD  OE1  doub N N 97  
GLN CD  NE2  sing N N 98  
GLN NE2 HE21 sing N N 99  
GLN NE2 HE22 sing N N 100 
GLN OXT HXT  sing N N 101 
GLU N   CA   sing N N 102 
GLU N   H    sing N N 103 
GLU N   H2   sing N N 104 
GLU CA  C    sing N N 105 
GLU CA  CB   sing N N 106 
GLU CA  HA   sing N N 107 
GLU C   O    doub N N 108 
GLU C   OXT  sing N N 109 
GLU CB  CG   sing N N 110 
GLU CB  HB2  sing N N 111 
GLU CB  HB3  sing N N 112 
GLU CG  CD   sing N N 113 
GLU CG  HG2  sing N N 114 
GLU CG  HG3  sing N N 115 
GLU CD  OE1  doub N N 116 
GLU CD  OE2  sing N N 117 
GLU OE2 HE2  sing N N 118 
GLU OXT HXT  sing N N 119 
GLY N   CA   sing N N 120 
GLY N   H    sing N N 121 
GLY N   H2   sing N N 122 
GLY CA  C    sing N N 123 
GLY CA  HA2  sing N N 124 
GLY CA  HA3  sing N N 125 
GLY C   O    doub N N 126 
GLY C   OXT  sing N N 127 
GLY OXT HXT  sing N N 128 
HIS N   CA   sing N N 129 
HIS N   H    sing N N 130 
HIS N   H2   sing N N 131 
HIS CA  C    sing N N 132 
HIS CA  CB   sing N N 133 
HIS CA  HA   sing N N 134 
HIS C   O    doub N N 135 
HIS C   OXT  sing N N 136 
HIS CB  CG   sing N N 137 
HIS CB  HB2  sing N N 138 
HIS CB  HB3  sing N N 139 
HIS CG  ND1  sing Y N 140 
HIS CG  CD2  doub Y N 141 
HIS ND1 CE1  doub Y N 142 
HIS ND1 HD1  sing N N 143 
HIS CD2 NE2  sing Y N 144 
HIS CD2 HD2  sing N N 145 
HIS CE1 NE2  sing Y N 146 
HIS CE1 HE1  sing N N 147 
HIS NE2 HE2  sing N N 148 
HIS OXT HXT  sing N N 149 
HOH O   H1   sing N N 150 
HOH O   H2   sing N N 151 
ILE N   CA   sing N N 152 
ILE N   H    sing N N 153 
ILE N   H2   sing N N 154 
ILE CA  C    sing N N 155 
ILE CA  CB   sing N N 156 
ILE CA  HA   sing N N 157 
ILE C   O    doub N N 158 
ILE C   OXT  sing N N 159 
ILE CB  CG1  sing N N 160 
ILE CB  CG2  sing N N 161 
ILE CB  HB   sing N N 162 
ILE CG1 CD1  sing N N 163 
ILE CG1 HG12 sing N N 164 
ILE CG1 HG13 sing N N 165 
ILE CG2 HG21 sing N N 166 
ILE CG2 HG22 sing N N 167 
ILE CG2 HG23 sing N N 168 
ILE CD1 HD11 sing N N 169 
ILE CD1 HD12 sing N N 170 
ILE CD1 HD13 sing N N 171 
ILE OXT HXT  sing N N 172 
LEU N   CA   sing N N 173 
LEU N   H    sing N N 174 
LEU N   H2   sing N N 175 
LEU CA  C    sing N N 176 
LEU CA  CB   sing N N 177 
LEU CA  HA   sing N N 178 
LEU C   O    doub N N 179 
LEU C   OXT  sing N N 180 
LEU CB  CG   sing N N 181 
LEU CB  HB2  sing N N 182 
LEU CB  HB3  sing N N 183 
LEU CG  CD1  sing N N 184 
LEU CG  CD2  sing N N 185 
LEU CG  HG   sing N N 186 
LEU CD1 HD11 sing N N 187 
LEU CD1 HD12 sing N N 188 
LEU CD1 HD13 sing N N 189 
LEU CD2 HD21 sing N N 190 
LEU CD2 HD22 sing N N 191 
LEU CD2 HD23 sing N N 192 
LEU OXT HXT  sing N N 193 
LYS N   CA   sing N N 194 
LYS N   H    sing N N 195 
LYS N   H2   sing N N 196 
LYS CA  C    sing N N 197 
LYS CA  CB   sing N N 198 
LYS CA  HA   sing N N 199 
LYS C   O    doub N N 200 
LYS C   OXT  sing N N 201 
LYS CB  CG   sing N N 202 
LYS CB  HB2  sing N N 203 
LYS CB  HB3  sing N N 204 
LYS CG  CD   sing N N 205 
LYS CG  HG2  sing N N 206 
LYS CG  HG3  sing N N 207 
LYS CD  CE   sing N N 208 
LYS CD  HD2  sing N N 209 
LYS CD  HD3  sing N N 210 
LYS CE  NZ   sing N N 211 
LYS CE  HE2  sing N N 212 
LYS CE  HE3  sing N N 213 
LYS NZ  HZ1  sing N N 214 
LYS NZ  HZ2  sing N N 215 
LYS NZ  HZ3  sing N N 216 
LYS OXT HXT  sing N N 217 
MET N   CA   sing N N 218 
MET N   H    sing N N 219 
MET N   H2   sing N N 220 
MET CA  C    sing N N 221 
MET CA  CB   sing N N 222 
MET CA  HA   sing N N 223 
MET C   O    doub N N 224 
MET C   OXT  sing N N 225 
MET CB  CG   sing N N 226 
MET CB  HB2  sing N N 227 
MET CB  HB3  sing N N 228 
MET CG  SD   sing N N 229 
MET CG  HG2  sing N N 230 
MET CG  HG3  sing N N 231 
MET SD  CE   sing N N 232 
MET CE  HE1  sing N N 233 
MET CE  HE2  sing N N 234 
MET CE  HE3  sing N N 235 
MET OXT HXT  sing N N 236 
PHE N   CA   sing N N 237 
PHE N   H    sing N N 238 
PHE N   H2   sing N N 239 
PHE CA  C    sing N N 240 
PHE CA  CB   sing N N 241 
PHE CA  HA   sing N N 242 
PHE C   O    doub N N 243 
PHE C   OXT  sing N N 244 
PHE CB  CG   sing N N 245 
PHE CB  HB2  sing N N 246 
PHE CB  HB3  sing N N 247 
PHE CG  CD1  doub Y N 248 
PHE CG  CD2  sing Y N 249 
PHE CD1 CE1  sing Y N 250 
PHE CD1 HD1  sing N N 251 
PHE CD2 CE2  doub Y N 252 
PHE CD2 HD2  sing N N 253 
PHE CE1 CZ   doub Y N 254 
PHE CE1 HE1  sing N N 255 
PHE CE2 CZ   sing Y N 256 
PHE CE2 HE2  sing N N 257 
PHE CZ  HZ   sing N N 258 
PHE OXT HXT  sing N N 259 
PRO N   CA   sing N N 260 
PRO N   CD   sing N N 261 
PRO N   H    sing N N 262 
PRO CA  C    sing N N 263 
PRO CA  CB   sing N N 264 
PRO CA  HA   sing N N 265 
PRO C   O    doub N N 266 
PRO C   OXT  sing N N 267 
PRO CB  CG   sing N N 268 
PRO CB  HB2  sing N N 269 
PRO CB  HB3  sing N N 270 
PRO CG  CD   sing N N 271 
PRO CG  HG2  sing N N 272 
PRO CG  HG3  sing N N 273 
PRO CD  HD2  sing N N 274 
PRO CD  HD3  sing N N 275 
PRO OXT HXT  sing N N 276 
SER N   CA   sing N N 277 
SER N   H    sing N N 278 
SER N   H2   sing N N 279 
SER CA  C    sing N N 280 
SER CA  CB   sing N N 281 
SER CA  HA   sing N N 282 
SER C   O    doub N N 283 
SER C   OXT  sing N N 284 
SER CB  OG   sing N N 285 
SER CB  HB2  sing N N 286 
SER CB  HB3  sing N N 287 
SER OG  HG   sing N N 288 
SER OXT HXT  sing N N 289 
THR N   CA   sing N N 290 
THR N   H    sing N N 291 
THR N   H2   sing N N 292 
THR CA  C    sing N N 293 
THR CA  CB   sing N N 294 
THR CA  HA   sing N N 295 
THR C   O    doub N N 296 
THR C   OXT  sing N N 297 
THR CB  OG1  sing N N 298 
THR CB  CG2  sing N N 299 
THR CB  HB   sing N N 300 
THR OG1 HG1  sing N N 301 
THR CG2 HG21 sing N N 302 
THR CG2 HG22 sing N N 303 
THR CG2 HG23 sing N N 304 
THR OXT HXT  sing N N 305 
TYR N   CA   sing N N 306 
TYR N   H    sing N N 307 
TYR N   H2   sing N N 308 
TYR CA  C    sing N N 309 
TYR CA  CB   sing N N 310 
TYR CA  HA   sing N N 311 
TYR C   O    doub N N 312 
TYR C   OXT  sing N N 313 
TYR CB  CG   sing N N 314 
TYR CB  HB2  sing N N 315 
TYR CB  HB3  sing N N 316 
TYR CG  CD1  doub Y N 317 
TYR CG  CD2  sing Y N 318 
TYR CD1 CE1  sing Y N 319 
TYR CD1 HD1  sing N N 320 
TYR CD2 CE2  doub Y N 321 
TYR CD2 HD2  sing N N 322 
TYR CE1 CZ   doub Y N 323 
TYR CE1 HE1  sing N N 324 
TYR CE2 CZ   sing Y N 325 
TYR CE2 HE2  sing N N 326 
TYR CZ  OH   sing N N 327 
TYR OH  HH   sing N N 328 
TYR OXT HXT  sing N N 329 
VAL N   CA   sing N N 330 
VAL N   H    sing N N 331 
VAL N   H2   sing N N 332 
VAL CA  C    sing N N 333 
VAL CA  CB   sing N N 334 
VAL CA  HA   sing N N 335 
VAL C   O    doub N N 336 
VAL C   OXT  sing N N 337 
VAL CB  CG1  sing N N 338 
VAL CB  CG2  sing N N 339 
VAL CB  HB   sing N N 340 
VAL CG1 HG11 sing N N 341 
VAL CG1 HG12 sing N N 342 
VAL CG1 HG13 sing N N 343 
VAL CG2 HG21 sing N N 344 
VAL CG2 HG22 sing N N 345 
VAL CG2 HG23 sing N N 346 
VAL OXT HXT  sing N N 347 
# 
_pdbx_audit_support.funding_organization   'Department of Biotechnology (DBT, India)' 
_pdbx_audit_support.country                India 
_pdbx_audit_support.grant_number           ? 
_pdbx_audit_support.ordinal                1 
# 
_pdbx_entity_nonpoly.entity_id   2 
_pdbx_entity_nonpoly.name        water 
_pdbx_entity_nonpoly.comp_id     HOH 
# 
_pdbx_initial_refinement_model.id               1 
_pdbx_initial_refinement_model.entity_id_list   ? 
_pdbx_initial_refinement_model.type             'experimental model' 
_pdbx_initial_refinement_model.source_name      PDB 
_pdbx_initial_refinement_model.accession_code   7D66 
_pdbx_initial_refinement_model.details          ? 
# 
_pdbx_struct_assembly_auth_evidence.id                     1 
_pdbx_struct_assembly_auth_evidence.assembly_id            1 
_pdbx_struct_assembly_auth_evidence.experimental_support   'gel filtration' 
_pdbx_struct_assembly_auth_evidence.details                dimer 
# 
